data_8OV0
# 
_entry.id   8OV0 
# 
_audit_conform.dict_name       mmcif_pdbx.dic 
_audit_conform.dict_version    5.398 
_audit_conform.dict_location   http://mmcif.pdb.org/dictionaries/ascii/mmcif_pdbx.dic 
# 
loop_
_database_2.database_id 
_database_2.database_code 
_database_2.pdbx_database_accession 
_database_2.pdbx_DOI 
PDB   8OV0         pdb_00008ov0 10.2210/pdb8ov0/pdb 
WWPDB D_1292129729 ?            ?                   
# 
loop_
_pdbx_audit_revision_history.ordinal 
_pdbx_audit_revision_history.data_content_type 
_pdbx_audit_revision_history.major_revision 
_pdbx_audit_revision_history.minor_revision 
_pdbx_audit_revision_history.revision_date 
1 'Structure model' 1 0 2023-08-16 
2 'Structure model' 1 1 2023-11-15 
3 'Structure model' 1 2 2024-11-06 
# 
_pdbx_audit_revision_details.ordinal             1 
_pdbx_audit_revision_details.revision_ordinal    1 
_pdbx_audit_revision_details.data_content_type   'Structure model' 
_pdbx_audit_revision_details.provider            repository 
_pdbx_audit_revision_details.type                'Initial release' 
_pdbx_audit_revision_details.description         ? 
_pdbx_audit_revision_details.details             ? 
# 
loop_
_pdbx_audit_revision_group.ordinal 
_pdbx_audit_revision_group.revision_ordinal 
_pdbx_audit_revision_group.data_content_type 
_pdbx_audit_revision_group.group 
1 2 'Structure model' 'Database references' 
2 3 'Structure model' 'Structure summary'   
# 
loop_
_pdbx_audit_revision_category.ordinal 
_pdbx_audit_revision_category.revision_ordinal 
_pdbx_audit_revision_category.data_content_type 
_pdbx_audit_revision_category.category 
1 2 'Structure model' citation                  
2 2 'Structure model' citation_author           
3 3 'Structure model' pdbx_entry_details        
4 3 'Structure model' pdbx_modification_feature 
# 
loop_
_pdbx_audit_revision_item.ordinal 
_pdbx_audit_revision_item.revision_ordinal 
_pdbx_audit_revision_item.data_content_type 
_pdbx_audit_revision_item.item 
1 2 'Structure model' '_citation.journal_volume'                     
2 2 'Structure model' '_citation.page_first'                         
3 2 'Structure model' '_citation.page_last'                          
4 2 'Structure model' '_citation_author.identifier_ORCID'            
5 3 'Structure model' '_pdbx_entry_details.has_protein_modification' 
# 
_pdbx_database_status.status_code                     REL 
_pdbx_database_status.status_code_sf                  REL 
_pdbx_database_status.status_code_mr                  ? 
_pdbx_database_status.entry_id                        8OV0 
_pdbx_database_status.recvd_initial_deposition_date   2023-04-25 
_pdbx_database_status.SG_entry                        N 
_pdbx_database_status.deposit_site                    PDBE 
_pdbx_database_status.process_site                    PDBE 
_pdbx_database_status.status_code_cs                  ? 
_pdbx_database_status.status_code_nmr_data            ? 
_pdbx_database_status.methods_development_category    ? 
_pdbx_database_status.pdb_format_compatible           Y 
# 
_pdbx_contact_author.id                 2 
_pdbx_contact_author.email              deborah.fass@weizmann.ac.il 
_pdbx_contact_author.name_first         Deborah 
_pdbx_contact_author.name_last          Fass 
_pdbx_contact_author.name_mi            ? 
_pdbx_contact_author.role               'principal investigator/group leader' 
_pdbx_contact_author.identifier_ORCID   0000-0001-9418-6069 
# 
loop_
_audit_author.name 
_audit_author.pdbx_ordinal 
_audit_author.identifier_ORCID 
'Khmelnitsky, L.' 1 0000-0002-0719-8027 
'Milo, A.'        2 ?                   
'Dym, O.'         3 0000-0002-4394-4971 
'Fass, D.'        4 0000-0001-9418-6069 
# 
_citation.abstract                  ? 
_citation.abstract_id_CAS           ? 
_citation.book_id_ISBN              ? 
_citation.book_publisher            ? 
_citation.book_publisher_city       ? 
_citation.book_title                ? 
_citation.coordinate_linkage        ? 
_citation.country                   UK 
_citation.database_id_Medline       ? 
_citation.details                   ? 
_citation.id                        primary 
_citation.journal_abbrev            'Febs J.' 
_citation.journal_id_ASTM           ? 
_citation.journal_id_CSD            ? 
_citation.journal_id_ISSN           1742-464X 
_citation.journal_full              ? 
_citation.journal_issue             ? 
_citation.journal_volume            290 
_citation.language                  ? 
_citation.page_first                5196 
_citation.page_last                 5203 
_citation.title                     'Diversity of CysD domains in gel-forming mucins.' 
_citation.year                      2023 
_citation.database_id_CSD           ? 
_citation.pdbx_database_id_DOI      10.1111/febs.16918 
_citation.pdbx_database_id_PubMed   37526947 
_citation.pdbx_database_id_patent   ? 
_citation.unpublished_flag          ? 
# 
loop_
_citation_author.citation_id 
_citation_author.name 
_citation_author.ordinal 
_citation_author.identifier_ORCID 
primary 'Khmelnitsky, L.' 1 ? 
primary 'Milo, A.'        2 ? 
primary 'Dym, O.'         3 ? 
primary 'Fass, D.'        4 ? 
# 
loop_
_entity.id 
_entity.type 
_entity.src_method 
_entity.pdbx_description 
_entity.formula_weight 
_entity.pdbx_number_of_molecules 
_entity.pdbx_ec 
_entity.pdbx_mutation 
_entity.pdbx_fragment 
_entity.details 
1 polymer     man Mucin-5AC      12693.455 1   ? ? ? ? 
2 non-polymer syn 'CALCIUM ION'  40.078    1   ? ? ? ? 
3 non-polymer nat 'CHLORIDE ION' 35.453    1   ? ? ? ? 
4 water       nat water          18.015    121 ? ? ? ? 
# 
_entity_name_com.entity_id   1 
_entity_name_com.name        
'MUC-5AC,Gastric mucin,Major airway glycoprotein,Mucin-5 subtype AC,tracheobronchial,Tracheobronchial mucin,TBM' 
# 
_entity_poly.entity_id                      1 
_entity_poly.type                           'polypeptide(L)' 
_entity_poly.nstd_linkage                   no 
_entity_poly.nstd_monomer                   no 
_entity_poly.pdbx_seq_one_letter_code       
;GGRDCHPRCTWTKWFDVDFPSPGPHGGDKETYNNIIRSGEKICRRPEEITRLQCRAKSHPEVSIEHLGQVVQCSREEGLV
CRNQDQQGPFKMCLNYEVRVLCCETPKGCPV
;
_entity_poly.pdbx_seq_one_letter_code_can   
;GGRDCHPRCTWTKWFDVDFPSPGPHGGDKETYNNIIRSGEKICRRPEEITRLQCRAKSHPEVSIEHLGQVVQCSREEGLV
CRNQDQQGPFKMCLNYEVRVLCCETPKGCPV
;
_entity_poly.pdbx_strand_id                 A 
_entity_poly.pdbx_target_identifier         ? 
# 
loop_
_pdbx_entity_nonpoly.entity_id 
_pdbx_entity_nonpoly.name 
_pdbx_entity_nonpoly.comp_id 
2 'CALCIUM ION'  CA  
3 'CHLORIDE ION' CL  
4 water          HOH 
# 
loop_
_entity_poly_seq.entity_id 
_entity_poly_seq.num 
_entity_poly_seq.mon_id 
_entity_poly_seq.hetero 
1 1   GLY n 
1 2   GLY n 
1 3   ARG n 
1 4   ASP n 
1 5   CYS n 
1 6   HIS n 
1 7   PRO n 
1 8   ARG n 
1 9   CYS n 
1 10  THR n 
1 11  TRP n 
1 12  THR n 
1 13  LYS n 
1 14  TRP n 
1 15  PHE n 
1 16  ASP n 
1 17  VAL n 
1 18  ASP n 
1 19  PHE n 
1 20  PRO n 
1 21  SER n 
1 22  PRO n 
1 23  GLY n 
1 24  PRO n 
1 25  HIS n 
1 26  GLY n 
1 27  GLY n 
1 28  ASP n 
1 29  LYS n 
1 30  GLU n 
1 31  THR n 
1 32  TYR n 
1 33  ASN n 
1 34  ASN n 
1 35  ILE n 
1 36  ILE n 
1 37  ARG n 
1 38  SER n 
1 39  GLY n 
1 40  GLU n 
1 41  LYS n 
1 42  ILE n 
1 43  CYS n 
1 44  ARG n 
1 45  ARG n 
1 46  PRO n 
1 47  GLU n 
1 48  GLU n 
1 49  ILE n 
1 50  THR n 
1 51  ARG n 
1 52  LEU n 
1 53  GLN n 
1 54  CYS n 
1 55  ARG n 
1 56  ALA n 
1 57  LYS n 
1 58  SER n 
1 59  HIS n 
1 60  PRO n 
1 61  GLU n 
1 62  VAL n 
1 63  SER n 
1 64  ILE n 
1 65  GLU n 
1 66  HIS n 
1 67  LEU n 
1 68  GLY n 
1 69  GLN n 
1 70  VAL n 
1 71  VAL n 
1 72  GLN n 
1 73  CYS n 
1 74  SER n 
1 75  ARG n 
1 76  GLU n 
1 77  GLU n 
1 78  GLY n 
1 79  LEU n 
1 80  VAL n 
1 81  CYS n 
1 82  ARG n 
1 83  ASN n 
1 84  GLN n 
1 85  ASP n 
1 86  GLN n 
1 87  GLN n 
1 88  GLY n 
1 89  PRO n 
1 90  PHE n 
1 91  LYS n 
1 92  MET n 
1 93  CYS n 
1 94  LEU n 
1 95  ASN n 
1 96  TYR n 
1 97  GLU n 
1 98  VAL n 
1 99  ARG n 
1 100 VAL n 
1 101 LEU n 
1 102 CYS n 
1 103 CYS n 
1 104 GLU n 
1 105 THR n 
1 106 PRO n 
1 107 LYS n 
1 108 GLY n 
1 109 CYS n 
1 110 PRO n 
1 111 VAL n 
# 
_entity_src_gen.entity_id                          1 
_entity_src_gen.pdbx_src_id                        1 
_entity_src_gen.pdbx_alt_source_flag               sample 
_entity_src_gen.pdbx_seq_type                      'Biological sequence' 
_entity_src_gen.pdbx_beg_seq_num                   1 
_entity_src_gen.pdbx_end_seq_num                   111 
_entity_src_gen.gene_src_common_name               human 
_entity_src_gen.gene_src_genus                     ? 
_entity_src_gen.pdbx_gene_src_gene                 'MUC5AC, MUC5' 
_entity_src_gen.gene_src_species                   ? 
_entity_src_gen.gene_src_strain                    ? 
_entity_src_gen.gene_src_tissue                    ? 
_entity_src_gen.gene_src_tissue_fraction           ? 
_entity_src_gen.gene_src_details                   ? 
_entity_src_gen.pdbx_gene_src_fragment             ? 
_entity_src_gen.pdbx_gene_src_scientific_name      'Homo sapiens' 
_entity_src_gen.pdbx_gene_src_ncbi_taxonomy_id     9606 
_entity_src_gen.pdbx_gene_src_variant              ? 
_entity_src_gen.pdbx_gene_src_cell_line            ? 
_entity_src_gen.pdbx_gene_src_atcc                 ? 
_entity_src_gen.pdbx_gene_src_organ                ? 
_entity_src_gen.pdbx_gene_src_organelle            ? 
_entity_src_gen.pdbx_gene_src_cell                 ? 
_entity_src_gen.pdbx_gene_src_cellular_location    ? 
_entity_src_gen.host_org_common_name               ? 
_entity_src_gen.pdbx_host_org_scientific_name      'Homo sapiens' 
_entity_src_gen.pdbx_host_org_ncbi_taxonomy_id     9606 
_entity_src_gen.host_org_genus                     ? 
_entity_src_gen.pdbx_host_org_gene                 ? 
_entity_src_gen.pdbx_host_org_organ                ? 
_entity_src_gen.host_org_species                   ? 
_entity_src_gen.pdbx_host_org_tissue               ? 
_entity_src_gen.pdbx_host_org_tissue_fraction      ? 
_entity_src_gen.pdbx_host_org_strain               ? 
_entity_src_gen.pdbx_host_org_variant              ? 
_entity_src_gen.pdbx_host_org_cell_line            'HEK 293-F' 
_entity_src_gen.pdbx_host_org_atcc                 ? 
_entity_src_gen.pdbx_host_org_culture_collection   ? 
_entity_src_gen.pdbx_host_org_cell                 ? 
_entity_src_gen.pdbx_host_org_organelle            ? 
_entity_src_gen.pdbx_host_org_cellular_location    ? 
_entity_src_gen.pdbx_host_org_vector_type          ? 
_entity_src_gen.pdbx_host_org_vector               ? 
_entity_src_gen.host_org_details                   ? 
_entity_src_gen.expression_system_id               ? 
_entity_src_gen.plasmid_name                       ? 
_entity_src_gen.plasmid_details                    ? 
_entity_src_gen.pdbx_description                   ? 
# 
loop_
_chem_comp.id 
_chem_comp.type 
_chem_comp.mon_nstd_flag 
_chem_comp.name 
_chem_comp.pdbx_synonyms 
_chem_comp.formula 
_chem_comp.formula_weight 
ALA 'L-peptide linking' y ALANINE         ? 'C3 H7 N O2'     89.093  
ARG 'L-peptide linking' y ARGININE        ? 'C6 H15 N4 O2 1' 175.209 
ASN 'L-peptide linking' y ASPARAGINE      ? 'C4 H8 N2 O3'    132.118 
ASP 'L-peptide linking' y 'ASPARTIC ACID' ? 'C4 H7 N O4'     133.103 
CA  non-polymer         . 'CALCIUM ION'   ? 'Ca 2'           40.078  
CL  non-polymer         . 'CHLORIDE ION'  ? 'Cl -1'          35.453  
CYS 'L-peptide linking' y CYSTEINE        ? 'C3 H7 N O2 S'   121.158 
GLN 'L-peptide linking' y GLUTAMINE       ? 'C5 H10 N2 O3'   146.144 
GLU 'L-peptide linking' y 'GLUTAMIC ACID' ? 'C5 H9 N O4'     147.129 
GLY 'peptide linking'   y GLYCINE         ? 'C2 H5 N O2'     75.067  
HIS 'L-peptide linking' y HISTIDINE       ? 'C6 H10 N3 O2 1' 156.162 
HOH non-polymer         . WATER           ? 'H2 O'           18.015  
ILE 'L-peptide linking' y ISOLEUCINE      ? 'C6 H13 N O2'    131.173 
LEU 'L-peptide linking' y LEUCINE         ? 'C6 H13 N O2'    131.173 
LYS 'L-peptide linking' y LYSINE          ? 'C6 H15 N2 O2 1' 147.195 
MET 'L-peptide linking' y METHIONINE      ? 'C5 H11 N O2 S'  149.211 
PHE 'L-peptide linking' y PHENYLALANINE   ? 'C9 H11 N O2'    165.189 
PRO 'L-peptide linking' y PROLINE         ? 'C5 H9 N O2'     115.130 
SER 'L-peptide linking' y SERINE          ? 'C3 H7 N O3'     105.093 
THR 'L-peptide linking' y THREONINE       ? 'C4 H9 N O3'     119.119 
TRP 'L-peptide linking' y TRYPTOPHAN      ? 'C11 H12 N2 O2'  204.225 
TYR 'L-peptide linking' y TYROSINE        ? 'C9 H11 N O3'    181.189 
VAL 'L-peptide linking' y VALINE          ? 'C5 H11 N O2'    117.146 
# 
loop_
_pdbx_poly_seq_scheme.asym_id 
_pdbx_poly_seq_scheme.entity_id 
_pdbx_poly_seq_scheme.seq_id 
_pdbx_poly_seq_scheme.mon_id 
_pdbx_poly_seq_scheme.ndb_seq_num 
_pdbx_poly_seq_scheme.pdb_seq_num 
_pdbx_poly_seq_scheme.auth_seq_num 
_pdbx_poly_seq_scheme.pdb_mon_id 
_pdbx_poly_seq_scheme.auth_mon_id 
_pdbx_poly_seq_scheme.pdb_strand_id 
_pdbx_poly_seq_scheme.pdb_ins_code 
_pdbx_poly_seq_scheme.hetero 
A 1 1   GLY 1   3516 3516 GLY GLY A . n 
A 1 2   GLY 2   3517 3517 GLY GLY A . n 
A 1 3   ARG 3   3518 3518 ARG ARG A . n 
A 1 4   ASP 4   3519 3519 ASP ASP A . n 
A 1 5   CYS 5   3520 3520 CYS CYS A . n 
A 1 6   HIS 6   3521 3521 HIS HIS A . n 
A 1 7   PRO 7   3522 3522 PRO PRO A . n 
A 1 8   ARG 8   3523 3523 ARG ARG A . n 
A 1 9   CYS 9   3524 3524 CYS CYS A . n 
A 1 10  THR 10  3525 3525 THR THR A . n 
A 1 11  TRP 11  3526 3526 TRP TRP A . n 
A 1 12  THR 12  3527 3527 THR THR A . n 
A 1 13  LYS 13  3528 3528 LYS LYS A . n 
A 1 14  TRP 14  3529 3529 TRP TRP A . n 
A 1 15  PHE 15  3530 3530 PHE PHE A . n 
A 1 16  ASP 16  3531 3531 ASP ASP A . n 
A 1 17  VAL 17  3532 3532 VAL VAL A . n 
A 1 18  ASP 18  3533 3533 ASP ASP A . n 
A 1 19  PHE 19  3534 3534 PHE PHE A . n 
A 1 20  PRO 20  3535 3535 PRO PRO A . n 
A 1 21  SER 21  3536 3536 SER SER A . n 
A 1 22  PRO 22  3537 3537 PRO PRO A . n 
A 1 23  GLY 23  3538 3538 GLY GLY A . n 
A 1 24  PRO 24  3539 3539 PRO PRO A . n 
A 1 25  HIS 25  3540 3540 HIS HIS A . n 
A 1 26  GLY 26  3541 3541 GLY GLY A . n 
A 1 27  GLY 27  3542 3542 GLY GLY A . n 
A 1 28  ASP 28  3543 3543 ASP ASP A . n 
A 1 29  LYS 29  3544 3544 LYS LYS A . n 
A 1 30  GLU 30  3545 3545 GLU GLU A . n 
A 1 31  THR 31  3546 3546 THR THR A . n 
A 1 32  TYR 32  3547 3547 TYR TYR A . n 
A 1 33  ASN 33  3548 3548 ASN ASN A . n 
A 1 34  ASN 34  3549 3549 ASN ASN A . n 
A 1 35  ILE 35  3550 3550 ILE ILE A . n 
A 1 36  ILE 36  3551 3551 ILE ILE A . n 
A 1 37  ARG 37  3552 3552 ARG ARG A . n 
A 1 38  SER 38  3553 3553 SER SER A . n 
A 1 39  GLY 39  3554 3554 GLY GLY A . n 
A 1 40  GLU 40  3555 3555 GLU GLU A . n 
A 1 41  LYS 41  3556 3556 LYS LYS A . n 
A 1 42  ILE 42  3557 3557 ILE ILE A . n 
A 1 43  CYS 43  3558 3558 CYS CYS A . n 
A 1 44  ARG 44  3559 3559 ARG ARG A . n 
A 1 45  ARG 45  3560 3560 ARG ARG A . n 
A 1 46  PRO 46  3561 3561 PRO PRO A . n 
A 1 47  GLU 47  3562 3562 GLU GLU A . n 
A 1 48  GLU 48  3563 3563 GLU GLU A . n 
A 1 49  ILE 49  3564 3564 ILE ILE A . n 
A 1 50  THR 50  3565 3565 THR THR A . n 
A 1 51  ARG 51  3566 3566 ARG ARG A . n 
A 1 52  LEU 52  3567 3567 LEU LEU A . n 
A 1 53  GLN 53  3568 3568 GLN GLN A . n 
A 1 54  CYS 54  3569 3569 CYS CYS A . n 
A 1 55  ARG 55  3570 3570 ARG ARG A . n 
A 1 56  ALA 56  3571 3571 ALA ALA A . n 
A 1 57  LYS 57  3572 3572 LYS LYS A . n 
A 1 58  SER 58  3573 3573 SER SER A . n 
A 1 59  HIS 59  3574 3574 HIS HIS A . n 
A 1 60  PRO 60  3575 3575 PRO PRO A . n 
A 1 61  GLU 61  3576 3576 GLU GLU A . n 
A 1 62  VAL 62  3577 3577 VAL VAL A . n 
A 1 63  SER 63  3578 3578 SER SER A . n 
A 1 64  ILE 64  3579 3579 ILE ILE A . n 
A 1 65  GLU 65  3580 3580 GLU GLU A . n 
A 1 66  HIS 66  3581 3581 HIS HIS A . n 
A 1 67  LEU 67  3582 3582 LEU LEU A . n 
A 1 68  GLY 68  3583 3583 GLY GLY A . n 
A 1 69  GLN 69  3584 3584 GLN GLN A . n 
A 1 70  VAL 70  3585 3585 VAL VAL A . n 
A 1 71  VAL 71  3586 3586 VAL VAL A . n 
A 1 72  GLN 72  3587 3587 GLN GLN A . n 
A 1 73  CYS 73  3588 3588 CYS CYS A . n 
A 1 74  SER 74  3589 3589 SER SER A . n 
A 1 75  ARG 75  3590 3590 ARG ARG A . n 
A 1 76  GLU 76  3591 3591 GLU GLU A . n 
A 1 77  GLU 77  3592 3592 GLU GLU A . n 
A 1 78  GLY 78  3593 3593 GLY GLY A . n 
A 1 79  LEU 79  3594 3594 LEU LEU A . n 
A 1 80  VAL 80  3595 3595 VAL VAL A . n 
A 1 81  CYS 81  3596 3596 CYS CYS A . n 
A 1 82  ARG 82  3597 3597 ARG ARG A . n 
A 1 83  ASN 83  3598 3598 ASN ASN A . n 
A 1 84  GLN 84  3599 3599 GLN GLN A . n 
A 1 85  ASP 85  3600 3600 ASP ASP A . n 
A 1 86  GLN 86  3601 3601 GLN GLN A . n 
A 1 87  GLN 87  3602 3602 GLN GLN A . n 
A 1 88  GLY 88  3603 3603 GLY GLY A . n 
A 1 89  PRO 89  3604 3604 PRO PRO A . n 
A 1 90  PHE 90  3605 3605 PHE PHE A . n 
A 1 91  LYS 91  3606 3606 LYS LYS A . n 
A 1 92  MET 92  3607 3607 MET MET A . n 
A 1 93  CYS 93  3608 3608 CYS CYS A . n 
A 1 94  LEU 94  3609 3609 LEU LEU A . n 
A 1 95  ASN 95  3610 3610 ASN ASN A . n 
A 1 96  TYR 96  3611 3611 TYR TYR A . n 
A 1 97  GLU 97  3612 3612 GLU GLU A . n 
A 1 98  VAL 98  3613 3613 VAL VAL A . n 
A 1 99  ARG 99  3614 3614 ARG ARG A . n 
A 1 100 VAL 100 3615 3615 VAL VAL A . n 
A 1 101 LEU 101 3616 3616 LEU LEU A . n 
A 1 102 CYS 102 3617 3617 CYS CYS A . n 
A 1 103 CYS 103 3618 3618 CYS CYS A . n 
A 1 104 GLU 104 3619 3619 GLU GLU A . n 
A 1 105 THR 105 3620 3620 THR THR A . n 
A 1 106 PRO 106 3621 3621 PRO PRO A . n 
A 1 107 LYS 107 3622 3622 LYS LYS A . n 
A 1 108 GLY 108 3623 3623 GLY GLY A . n 
A 1 109 CYS 109 3624 3624 CYS CYS A . n 
A 1 110 PRO 110 3625 3625 PRO PRO A . n 
A 1 111 VAL 111 3626 ?    ?   ?   A . n 
# 
loop_
_pdbx_nonpoly_scheme.asym_id 
_pdbx_nonpoly_scheme.entity_id 
_pdbx_nonpoly_scheme.mon_id 
_pdbx_nonpoly_scheme.ndb_seq_num 
_pdbx_nonpoly_scheme.pdb_seq_num 
_pdbx_nonpoly_scheme.auth_seq_num 
_pdbx_nonpoly_scheme.pdb_mon_id 
_pdbx_nonpoly_scheme.auth_mon_id 
_pdbx_nonpoly_scheme.pdb_strand_id 
_pdbx_nonpoly_scheme.pdb_ins_code 
B 2 CA  1   3701 1   CA  CA  A . 
C 3 CL  1   3702 1   CL  CL  A . 
D 4 HOH 1   3801 99  HOH HOH A . 
D 4 HOH 2   3802 122 HOH HOH A . 
D 4 HOH 3   3803 81  HOH HOH A . 
D 4 HOH 4   3804 123 HOH HOH A . 
D 4 HOH 5   3805 120 HOH HOH A . 
D 4 HOH 6   3806 93  HOH HOH A . 
D 4 HOH 7   3807 24  HOH HOH A . 
D 4 HOH 8   3808 61  HOH HOH A . 
D 4 HOH 9   3809 18  HOH HOH A . 
D 4 HOH 10  3810 25  HOH HOH A . 
D 4 HOH 11  3811 41  HOH HOH A . 
D 4 HOH 12  3812 38  HOH HOH A . 
D 4 HOH 13  3813 74  HOH HOH A . 
D 4 HOH 14  3814 85  HOH HOH A . 
D 4 HOH 15  3815 3   HOH HOH A . 
D 4 HOH 16  3816 37  HOH HOH A . 
D 4 HOH 17  3817 89  HOH HOH A . 
D 4 HOH 18  3818 71  HOH HOH A . 
D 4 HOH 19  3819 7   HOH HOH A . 
D 4 HOH 20  3820 34  HOH HOH A . 
D 4 HOH 21  3821 22  HOH HOH A . 
D 4 HOH 22  3822 46  HOH HOH A . 
D 4 HOH 23  3823 54  HOH HOH A . 
D 4 HOH 24  3824 42  HOH HOH A . 
D 4 HOH 25  3825 14  HOH HOH A . 
D 4 HOH 26  3826 4   HOH HOH A . 
D 4 HOH 27  3827 19  HOH HOH A . 
D 4 HOH 28  3828 118 HOH HOH A . 
D 4 HOH 29  3829 27  HOH HOH A . 
D 4 HOH 30  3830 2   HOH HOH A . 
D 4 HOH 31  3831 60  HOH HOH A . 
D 4 HOH 32  3832 32  HOH HOH A . 
D 4 HOH 33  3833 12  HOH HOH A . 
D 4 HOH 34  3834 6   HOH HOH A . 
D 4 HOH 35  3835 21  HOH HOH A . 
D 4 HOH 36  3836 109 HOH HOH A . 
D 4 HOH 37  3837 8   HOH HOH A . 
D 4 HOH 38  3838 15  HOH HOH A . 
D 4 HOH 39  3839 10  HOH HOH A . 
D 4 HOH 40  3840 48  HOH HOH A . 
D 4 HOH 41  3841 20  HOH HOH A . 
D 4 HOH 42  3842 86  HOH HOH A . 
D 4 HOH 43  3843 82  HOH HOH A . 
D 4 HOH 44  3844 56  HOH HOH A . 
D 4 HOH 45  3845 28  HOH HOH A . 
D 4 HOH 46  3846 30  HOH HOH A . 
D 4 HOH 47  3847 69  HOH HOH A . 
D 4 HOH 48  3848 64  HOH HOH A . 
D 4 HOH 49  3849 95  HOH HOH A . 
D 4 HOH 50  3850 9   HOH HOH A . 
D 4 HOH 51  3851 40  HOH HOH A . 
D 4 HOH 52  3852 113 HOH HOH A . 
D 4 HOH 53  3853 77  HOH HOH A . 
D 4 HOH 54  3854 57  HOH HOH A . 
D 4 HOH 55  3855 17  HOH HOH A . 
D 4 HOH 56  3856 73  HOH HOH A . 
D 4 HOH 57  3857 55  HOH HOH A . 
D 4 HOH 58  3858 75  HOH HOH A . 
D 4 HOH 59  3859 29  HOH HOH A . 
D 4 HOH 60  3860 78  HOH HOH A . 
D 4 HOH 61  3861 50  HOH HOH A . 
D 4 HOH 62  3862 51  HOH HOH A . 
D 4 HOH 63  3863 59  HOH HOH A . 
D 4 HOH 64  3864 84  HOH HOH A . 
D 4 HOH 65  3865 39  HOH HOH A . 
D 4 HOH 66  3866 119 HOH HOH A . 
D 4 HOH 67  3867 96  HOH HOH A . 
D 4 HOH 68  3868 72  HOH HOH A . 
D 4 HOH 69  3869 65  HOH HOH A . 
D 4 HOH 70  3870 11  HOH HOH A . 
D 4 HOH 71  3871 104 HOH HOH A . 
D 4 HOH 72  3872 114 HOH HOH A . 
D 4 HOH 73  3873 107 HOH HOH A . 
D 4 HOH 74  3874 33  HOH HOH A . 
D 4 HOH 75  3875 121 HOH HOH A . 
D 4 HOH 76  3876 31  HOH HOH A . 
D 4 HOH 77  3877 47  HOH HOH A . 
D 4 HOH 78  3878 35  HOH HOH A . 
D 4 HOH 79  3879 45  HOH HOH A . 
D 4 HOH 80  3880 94  HOH HOH A . 
D 4 HOH 81  3881 23  HOH HOH A . 
D 4 HOH 82  3882 44  HOH HOH A . 
D 4 HOH 83  3883 97  HOH HOH A . 
D 4 HOH 84  3884 102 HOH HOH A . 
D 4 HOH 85  3885 26  HOH HOH A . 
D 4 HOH 86  3886 5   HOH HOH A . 
D 4 HOH 87  3887 91  HOH HOH A . 
D 4 HOH 88  3888 79  HOH HOH A . 
D 4 HOH 89  3889 1   HOH HOH A . 
D 4 HOH 90  3890 115 HOH HOH A . 
D 4 HOH 91  3891 13  HOH HOH A . 
D 4 HOH 92  3892 70  HOH HOH A . 
D 4 HOH 93  3893 80  HOH HOH A . 
D 4 HOH 94  3894 116 HOH HOH A . 
D 4 HOH 95  3895 101 HOH HOH A . 
D 4 HOH 96  3896 87  HOH HOH A . 
D 4 HOH 97  3897 110 HOH HOH A . 
D 4 HOH 98  3898 43  HOH HOH A . 
D 4 HOH 99  3899 92  HOH HOH A . 
D 4 HOH 100 3900 58  HOH HOH A . 
D 4 HOH 101 3901 63  HOH HOH A . 
D 4 HOH 102 3902 16  HOH HOH A . 
D 4 HOH 103 3903 103 HOH HOH A . 
D 4 HOH 104 3904 112 HOH HOH A . 
D 4 HOH 105 3905 88  HOH HOH A . 
D 4 HOH 106 3906 76  HOH HOH A . 
D 4 HOH 107 3907 124 HOH HOH A . 
D 4 HOH 108 3908 66  HOH HOH A . 
D 4 HOH 109 3909 49  HOH HOH A . 
D 4 HOH 110 3910 68  HOH HOH A . 
D 4 HOH 111 3911 67  HOH HOH A . 
D 4 HOH 112 3912 100 HOH HOH A . 
D 4 HOH 113 3913 52  HOH HOH A . 
D 4 HOH 114 3914 90  HOH HOH A . 
D 4 HOH 115 3915 53  HOH HOH A . 
D 4 HOH 116 3916 83  HOH HOH A . 
D 4 HOH 117 3917 98  HOH HOH A . 
D 4 HOH 118 3918 62  HOH HOH A . 
D 4 HOH 119 3919 117 HOH HOH A . 
D 4 HOH 120 3920 106 HOH HOH A . 
D 4 HOH 121 3921 105 HOH HOH A . 
# 
loop_
_pdbx_unobs_or_zero_occ_atoms.id 
_pdbx_unobs_or_zero_occ_atoms.PDB_model_num 
_pdbx_unobs_or_zero_occ_atoms.polymer_flag 
_pdbx_unobs_or_zero_occ_atoms.occupancy_flag 
_pdbx_unobs_or_zero_occ_atoms.auth_asym_id 
_pdbx_unobs_or_zero_occ_atoms.auth_comp_id 
_pdbx_unobs_or_zero_occ_atoms.auth_seq_id 
_pdbx_unobs_or_zero_occ_atoms.PDB_ins_code 
_pdbx_unobs_or_zero_occ_atoms.auth_atom_id 
_pdbx_unobs_or_zero_occ_atoms.label_alt_id 
_pdbx_unobs_or_zero_occ_atoms.label_asym_id 
_pdbx_unobs_or_zero_occ_atoms.label_comp_id 
_pdbx_unobs_or_zero_occ_atoms.label_seq_id 
_pdbx_unobs_or_zero_occ_atoms.label_atom_id 
1  1 Y 1 A ARG 3518 ? CD  ? A ARG 3   CD  
2  1 Y 1 A ARG 3518 ? NE  ? A ARG 3   NE  
3  1 Y 1 A ARG 3518 ? CZ  ? A ARG 3   CZ  
4  1 Y 1 A ARG 3518 ? NH1 ? A ARG 3   NH1 
5  1 Y 1 A ARG 3518 ? NH2 ? A ARG 3   NH2 
6  1 Y 1 A ARG 3523 ? CG  ? A ARG 8   CG  
7  1 Y 1 A ARG 3523 ? CD  ? A ARG 8   CD  
8  1 Y 1 A ARG 3523 ? NE  ? A ARG 8   NE  
9  1 Y 1 A ARG 3523 ? CZ  ? A ARG 8   CZ  
10 1 Y 1 A ARG 3523 ? NH1 ? A ARG 8   NH1 
11 1 Y 1 A ARG 3523 ? NH2 ? A ARG 8   NH2 
12 1 Y 1 A ARG 3559 ? CD  ? A ARG 44  CD  
13 1 Y 1 A ARG 3559 ? NE  ? A ARG 44  NE  
14 1 Y 1 A ARG 3559 ? CZ  ? A ARG 44  CZ  
15 1 Y 1 A ARG 3559 ? NH1 ? A ARG 44  NH1 
16 1 Y 1 A ARG 3559 ? NH2 ? A ARG 44  NH2 
17 1 Y 1 A ARG 3560 ? CG  ? A ARG 45  CG  
18 1 Y 1 A ARG 3560 ? CD  ? A ARG 45  CD  
19 1 Y 1 A ARG 3560 ? NE  ? A ARG 45  NE  
20 1 Y 1 A ARG 3560 ? CZ  ? A ARG 45  CZ  
21 1 Y 1 A ARG 3560 ? NH1 ? A ARG 45  NH1 
22 1 Y 1 A ARG 3560 ? NH2 ? A ARG 45  NH2 
23 1 Y 1 A GLU 3563 ? CG  ? A GLU 48  CG  
24 1 Y 1 A GLU 3563 ? CD  ? A GLU 48  CD  
25 1 Y 1 A GLU 3563 ? OE1 ? A GLU 48  OE1 
26 1 Y 1 A GLU 3563 ? OE2 ? A GLU 48  OE2 
27 1 Y 1 A ARG 3590 ? CD  ? A ARG 75  CD  
28 1 Y 1 A ARG 3590 ? NE  ? A ARG 75  NE  
29 1 Y 1 A ARG 3590 ? CZ  ? A ARG 75  CZ  
30 1 Y 1 A ARG 3590 ? NH1 ? A ARG 75  NH1 
31 1 Y 1 A ARG 3590 ? NH2 ? A ARG 75  NH2 
32 1 Y 1 A GLU 3591 ? CD  ? A GLU 76  CD  
33 1 Y 1 A GLU 3591 ? OE1 ? A GLU 76  OE1 
34 1 Y 1 A GLU 3591 ? OE2 ? A GLU 76  OE2 
35 1 Y 1 A GLN 3602 ? CD  ? A GLN 87  CD  
36 1 Y 1 A GLN 3602 ? OE1 ? A GLN 87  OE1 
37 1 Y 1 A GLN 3602 ? NE2 ? A GLN 87  NE2 
38 1 Y 1 A PHE 3605 ? CG  ? A PHE 90  CG  
39 1 Y 1 A PHE 3605 ? CD1 ? A PHE 90  CD1 
40 1 Y 1 A PHE 3605 ? CD2 ? A PHE 90  CD2 
41 1 Y 1 A PHE 3605 ? CE1 ? A PHE 90  CE1 
42 1 Y 1 A PHE 3605 ? CE2 ? A PHE 90  CE2 
43 1 Y 1 A PHE 3605 ? CZ  ? A PHE 90  CZ  
44 1 Y 1 A LYS 3622 ? CG  ? A LYS 107 CG  
45 1 Y 1 A LYS 3622 ? CD  ? A LYS 107 CD  
46 1 Y 1 A LYS 3622 ? CE  ? A LYS 107 CE  
47 1 Y 1 A LYS 3622 ? NZ  ? A LYS 107 NZ  
# 
loop_
_software.citation_id 
_software.classification 
_software.compiler_name 
_software.compiler_version 
_software.contact_author 
_software.contact_author_email 
_software.date 
_software.description 
_software.dependencies 
_software.hardware 
_software.language 
_software.location 
_software.mods 
_software.name 
_software.os 
_software.os_version 
_software.type 
_software.version 
_software.pdbx_ordinal 
? refinement       ? ? ? ? ? ? ? ? ? ? ? PHENIX      ? ? ? 1.20.1_4487 1 
? 'data scaling'   ? ? ? ? ? ? ? ? ? ? ? CrysalisPro ? ? ? .           2 
? 'data reduction' ? ? ? ? ? ? ? ? ? ? ? CrysalisPro ? ? ? .           3 
? phasing          ? ? ? ? ? ? ? ? ? ? ? PHENIX      ? ? ? 1.20.1_4487 4 
? 'model building' ? ? ? ? ? ? ? ? ? ? ? Coot        ? ? ? 0.9.8.1     5 
# 
_cell.angle_alpha                  90.000 
_cell.angle_alpha_esd              ? 
_cell.angle_beta                   94.910 
_cell.angle_beta_esd               ? 
_cell.angle_gamma                  90.000 
_cell.angle_gamma_esd              ? 
_cell.entry_id                     8OV0 
_cell.details                      ? 
_cell.formula_units_Z              ? 
_cell.length_a                     30.659 
_cell.length_a_esd                 ? 
_cell.length_b                     22.921 
_cell.length_b_esd                 ? 
_cell.length_c                     66.231 
_cell.length_c_esd                 ? 
_cell.volume                       46372.043 
_cell.volume_esd                   ? 
_cell.Z_PDB                        2 
_cell.reciprocal_angle_alpha       ? 
_cell.reciprocal_angle_beta        ? 
_cell.reciprocal_angle_gamma       ? 
_cell.reciprocal_angle_alpha_esd   ? 
_cell.reciprocal_angle_beta_esd    ? 
_cell.reciprocal_angle_gamma_esd   ? 
_cell.reciprocal_length_a          ? 
_cell.reciprocal_length_b          ? 
_cell.reciprocal_length_c          ? 
_cell.reciprocal_length_a_esd      ? 
_cell.reciprocal_length_b_esd      ? 
_cell.reciprocal_length_c_esd      ? 
_cell.pdbx_unique_axis             ? 
_cell.pdbx_esd_method              ? 
# 
_symmetry.entry_id                         8OV0 
_symmetry.cell_setting                     ? 
_symmetry.Int_Tables_number                4 
_symmetry.space_group_name_Hall            'P 2yb' 
_symmetry.space_group_name_H-M             'P 1 21 1' 
_symmetry.pdbx_full_space_group_name_H-M   ? 
# 
_exptl.absorpt_coefficient_mu     ? 
_exptl.absorpt_correction_T_max   ? 
_exptl.absorpt_correction_T_min   ? 
_exptl.absorpt_correction_type    ? 
_exptl.absorpt_process_details    ? 
_exptl.entry_id                   8OV0 
_exptl.crystals_number            1 
_exptl.details                    ? 
_exptl.method                     'X-RAY DIFFRACTION' 
_exptl.method_details             ? 
# 
_exptl_crystal.colour                       ? 
_exptl_crystal.density_diffrn               ? 
_exptl_crystal.density_Matthews             1.85 
_exptl_crystal.density_method               ? 
_exptl_crystal.density_percent_sol          33.46 
_exptl_crystal.description                  ? 
_exptl_crystal.F_000                        ? 
_exptl_crystal.id                           1 
_exptl_crystal.preparation                  ? 
_exptl_crystal.size_max                     ? 
_exptl_crystal.size_mid                     ? 
_exptl_crystal.size_min                     ? 
_exptl_crystal.size_rad                     ? 
_exptl_crystal.colour_lustre                ? 
_exptl_crystal.colour_modifier              ? 
_exptl_crystal.colour_primary               ? 
_exptl_crystal.density_meas                 ? 
_exptl_crystal.density_meas_esd             ? 
_exptl_crystal.density_meas_gt              ? 
_exptl_crystal.density_meas_lt              ? 
_exptl_crystal.density_meas_temp            ? 
_exptl_crystal.density_meas_temp_esd        ? 
_exptl_crystal.density_meas_temp_gt         ? 
_exptl_crystal.density_meas_temp_lt         ? 
_exptl_crystal.pdbx_crystal_image_url       ? 
_exptl_crystal.pdbx_crystal_image_format    ? 
_exptl_crystal.pdbx_mosaicity               ? 
_exptl_crystal.pdbx_mosaicity_esd           ? 
_exptl_crystal.pdbx_mosaic_method           ? 
_exptl_crystal.pdbx_mosaic_block_size       ? 
_exptl_crystal.pdbx_mosaic_block_size_esd   ? 
# 
_exptl_crystal_grow.apparatus       ? 
_exptl_crystal_grow.atmosphere      ? 
_exptl_crystal_grow.crystal_id      1 
_exptl_crystal_grow.details         ? 
_exptl_crystal_grow.method          'VAPOR DIFFUSION, HANGING DROP' 
_exptl_crystal_grow.method_ref      ? 
_exptl_crystal_grow.pH              ? 
_exptl_crystal_grow.pressure        ? 
_exptl_crystal_grow.pressure_esd    ? 
_exptl_crystal_grow.seeding         ? 
_exptl_crystal_grow.seeding_ref     ? 
_exptl_crystal_grow.temp_details    ? 
_exptl_crystal_grow.temp_esd        ? 
_exptl_crystal_grow.time            ? 
_exptl_crystal_grow.pdbx_details    
;150 mM ammonium chloride 
100 mM sodium acetate pH 5.1
32% PEG 3350
5% ethylene glycol
;
_exptl_crystal_grow.pdbx_pH_range   ? 
_exptl_crystal_grow.temp            293 
# 
_diffrn.ambient_environment              ? 
_diffrn.ambient_temp                     100 
_diffrn.ambient_temp_details             ? 
_diffrn.ambient_temp_esd                 ? 
_diffrn.crystal_id                       1 
_diffrn.crystal_support                  ? 
_diffrn.crystal_treatment                ? 
_diffrn.details                          ? 
_diffrn.id                               1 
_diffrn.ambient_pressure                 ? 
_diffrn.ambient_pressure_esd             ? 
_diffrn.ambient_pressure_gt              ? 
_diffrn.ambient_pressure_lt              ? 
_diffrn.ambient_temp_gt                  ? 
_diffrn.ambient_temp_lt                  ? 
_diffrn.pdbx_serial_crystal_experiment   N 
# 
_diffrn_detector.details                      ? 
_diffrn_detector.detector                     PIXEL 
_diffrn_detector.diffrn_id                    1 
_diffrn_detector.type                         'RIGAKU HyPix-3000' 
_diffrn_detector.area_resol_mean              ? 
_diffrn_detector.dtime                        ? 
_diffrn_detector.pdbx_frames_total            ? 
_diffrn_detector.pdbx_collection_time_total   ? 
_diffrn_detector.pdbx_collection_date         2023-03-23 
_diffrn_detector.pdbx_frequency               ? 
_diffrn_detector.id                           ? 
_diffrn_detector.number_of_axes               ? 
# 
_diffrn_radiation.collimation                      ? 
_diffrn_radiation.diffrn_id                        1 
_diffrn_radiation.filter_edge                      ? 
_diffrn_radiation.inhomogeneity                    ? 
_diffrn_radiation.monochromator                    Ga 
_diffrn_radiation.polarisn_norm                    ? 
_diffrn_radiation.polarisn_ratio                   ? 
_diffrn_radiation.probe                            ? 
_diffrn_radiation.type                             ? 
_diffrn_radiation.xray_symbol                      ? 
_diffrn_radiation.wavelength_id                    1 
_diffrn_radiation.pdbx_monochromatic_or_laue_m_l   M 
_diffrn_radiation.pdbx_wavelength_list             ? 
_diffrn_radiation.pdbx_wavelength                  ? 
_diffrn_radiation.pdbx_diffrn_protocol             'SINGLE WAVELENGTH' 
_diffrn_radiation.pdbx_analyzer                    ? 
_diffrn_radiation.pdbx_scattering_type             x-ray 
# 
_diffrn_radiation_wavelength.id           1 
_diffrn_radiation_wavelength.wavelength   1.34050 
_diffrn_radiation_wavelength.wt           1.0 
# 
_diffrn_source.current                     ? 
_diffrn_source.details                     ? 
_diffrn_source.diffrn_id                   1 
_diffrn_source.power                       ? 
_diffrn_source.size                        ? 
_diffrn_source.source                      'ROTATING ANODE' 
_diffrn_source.target                      ? 
_diffrn_source.type                        RIGAKU 
_diffrn_source.voltage                     ? 
_diffrn_source.take-off_angle              ? 
_diffrn_source.pdbx_wavelength_list        1.34050 
_diffrn_source.pdbx_wavelength             ? 
_diffrn_source.pdbx_synchrotron_beamline   ? 
_diffrn_source.pdbx_synchrotron_site       ? 
# 
_reflns.B_iso_Wilson_estimate                          12.43 
_reflns.entry_id                                       8OV0 
_reflns.data_reduction_details                         ? 
_reflns.data_reduction_method                          ? 
_reflns.d_resolution_high                              1.7 
_reflns.d_resolution_low                               22 
_reflns.details                                        ? 
_reflns.limit_h_max                                    ? 
_reflns.limit_h_min                                    ? 
_reflns.limit_k_max                                    ? 
_reflns.limit_k_min                                    ? 
_reflns.limit_l_max                                    ? 
_reflns.limit_l_min                                    ? 
_reflns.number_all                                     ? 
_reflns.number_obs                                     10154 
_reflns.observed_criterion                             ? 
_reflns.observed_criterion_F_max                       ? 
_reflns.observed_criterion_F_min                       ? 
_reflns.observed_criterion_I_max                       ? 
_reflns.observed_criterion_I_min                       ? 
_reflns.observed_criterion_sigma_F                     ? 
_reflns.observed_criterion_sigma_I                     ? 
_reflns.percent_possible_obs                           97.3 
_reflns.R_free_details                                 ? 
_reflns.Rmerge_F_all                                   ? 
_reflns.Rmerge_F_obs                                   ? 
_reflns.Friedel_coverage                               ? 
_reflns.number_gt                                      ? 
_reflns.threshold_expression                           ? 
_reflns.pdbx_redundancy                                1.8 
_reflns.pdbx_netI_over_av_sigmaI                       ? 
_reflns.pdbx_netI_over_sigmaI                          15.30 
_reflns.pdbx_res_netI_over_av_sigmaI_2                 ? 
_reflns.pdbx_res_netI_over_sigmaI_2                    ? 
_reflns.pdbx_chi_squared                               ? 
_reflns.pdbx_scaling_rejects                           ? 
_reflns.pdbx_d_res_high_opt                            ? 
_reflns.pdbx_d_res_low_opt                             ? 
_reflns.pdbx_d_res_opt_method                          ? 
_reflns.phase_calculation_details                      ? 
_reflns.pdbx_Rrim_I_all                                ? 
_reflns.pdbx_Rpim_I_all                                0.02837 
_reflns.pdbx_d_opt                                     ? 
_reflns.pdbx_number_measured_all                       ? 
_reflns.pdbx_diffrn_id                                 1 
_reflns.pdbx_ordinal                                   1 
_reflns.pdbx_CC_half                                   0.998 
_reflns.pdbx_CC_star                                   ? 
_reflns.pdbx_R_split                                   ? 
_reflns.pdbx_Rmerge_I_obs                              0.02837 
_reflns.pdbx_Rmerge_I_all                              ? 
_reflns.pdbx_Rsym_value                                ? 
_reflns.pdbx_CC_split_method                           ? 
_reflns.pdbx_aniso_diffraction_limit_axis_1_ortho[1]   ? 
_reflns.pdbx_aniso_diffraction_limit_axis_1_ortho[2]   ? 
_reflns.pdbx_aniso_diffraction_limit_axis_1_ortho[3]   ? 
_reflns.pdbx_aniso_diffraction_limit_axis_2_ortho[1]   ? 
_reflns.pdbx_aniso_diffraction_limit_axis_2_ortho[2]   ? 
_reflns.pdbx_aniso_diffraction_limit_axis_2_ortho[3]   ? 
_reflns.pdbx_aniso_diffraction_limit_axis_3_ortho[1]   ? 
_reflns.pdbx_aniso_diffraction_limit_axis_3_ortho[2]   ? 
_reflns.pdbx_aniso_diffraction_limit_axis_3_ortho[3]   ? 
_reflns.pdbx_aniso_diffraction_limit_1                 ? 
_reflns.pdbx_aniso_diffraction_limit_2                 ? 
_reflns.pdbx_aniso_diffraction_limit_3                 ? 
_reflns.pdbx_aniso_B_tensor_eigenvector_1_ortho[1]     ? 
_reflns.pdbx_aniso_B_tensor_eigenvector_1_ortho[2]     ? 
_reflns.pdbx_aniso_B_tensor_eigenvector_1_ortho[3]     ? 
_reflns.pdbx_aniso_B_tensor_eigenvector_2_ortho[1]     ? 
_reflns.pdbx_aniso_B_tensor_eigenvector_2_ortho[2]     ? 
_reflns.pdbx_aniso_B_tensor_eigenvector_2_ortho[3]     ? 
_reflns.pdbx_aniso_B_tensor_eigenvector_3_ortho[1]     ? 
_reflns.pdbx_aniso_B_tensor_eigenvector_3_ortho[2]     ? 
_reflns.pdbx_aniso_B_tensor_eigenvector_3_ortho[3]     ? 
_reflns.pdbx_aniso_B_tensor_eigenvalue_1               ? 
_reflns.pdbx_aniso_B_tensor_eigenvalue_2               ? 
_reflns.pdbx_aniso_B_tensor_eigenvalue_3               ? 
_reflns.pdbx_orthogonalization_convention              ? 
_reflns.pdbx_percent_possible_ellipsoidal              ? 
_reflns.pdbx_percent_possible_spherical                ? 
_reflns.pdbx_percent_possible_ellipsoidal_anomalous    ? 
_reflns.pdbx_percent_possible_spherical_anomalous      ? 
_reflns.pdbx_redundancy_anomalous                      ? 
_reflns.pdbx_CC_half_anomalous                         ? 
_reflns.pdbx_absDiff_over_sigma_anomalous              ? 
_reflns.pdbx_percent_possible_anomalous                ? 
_reflns.pdbx_observed_signal_threshold                 ? 
_reflns.pdbx_signal_type                               ? 
_reflns.pdbx_signal_details                            ? 
_reflns.pdbx_signal_software_id                        ? 
# 
_reflns_shell.d_res_high                                    1.7 
_reflns_shell.d_res_low                                     1.761 
_reflns_shell.meanI_over_sigI_all                           ? 
_reflns_shell.meanI_over_sigI_obs                           ? 
_reflns_shell.number_measured_all                           ? 
_reflns_shell.number_measured_obs                           ? 
_reflns_shell.number_possible                               ? 
_reflns_shell.number_unique_all                             ? 
_reflns_shell.number_unique_obs                             1036 
_reflns_shell.percent_possible_obs                          ? 
_reflns_shell.Rmerge_F_all                                  ? 
_reflns_shell.Rmerge_F_obs                                  ? 
_reflns_shell.meanI_over_sigI_gt                            ? 
_reflns_shell.meanI_over_uI_all                             ? 
_reflns_shell.meanI_over_uI_gt                              ? 
_reflns_shell.number_measured_gt                            ? 
_reflns_shell.number_unique_gt                              ? 
_reflns_shell.percent_possible_gt                           ? 
_reflns_shell.Rmerge_F_gt                                   ? 
_reflns_shell.Rmerge_I_gt                                   ? 
_reflns_shell.pdbx_redundancy                               ? 
_reflns_shell.pdbx_chi_squared                              ? 
_reflns_shell.pdbx_netI_over_sigmaI_all                     ? 
_reflns_shell.pdbx_netI_over_sigmaI_obs                     ? 
_reflns_shell.pdbx_Rrim_I_all                               ? 
_reflns_shell.pdbx_Rpim_I_all                               ? 
_reflns_shell.pdbx_rejects                                  ? 
_reflns_shell.pdbx_ordinal                                  1 
_reflns_shell.pdbx_diffrn_id                                1 
_reflns_shell.pdbx_CC_half                                  0.975 
_reflns_shell.pdbx_CC_star                                  ? 
_reflns_shell.pdbx_R_split                                  ? 
_reflns_shell.percent_possible_all                          ? 
_reflns_shell.Rmerge_I_all                                  ? 
_reflns_shell.Rmerge_I_obs                                  ? 
_reflns_shell.pdbx_Rsym_value                               ? 
_reflns_shell.pdbx_percent_possible_ellipsoidal             ? 
_reflns_shell.pdbx_percent_possible_spherical               ? 
_reflns_shell.pdbx_percent_possible_ellipsoidal_anomalous   ? 
_reflns_shell.pdbx_percent_possible_spherical_anomalous     ? 
_reflns_shell.pdbx_redundancy_anomalous                     ? 
_reflns_shell.pdbx_CC_half_anomalous                        ? 
_reflns_shell.pdbx_absDiff_over_sigma_anomalous             ? 
_reflns_shell.pdbx_percent_possible_anomalous               ? 
# 
_refine.aniso_B[1][1]                            ? 
_refine.aniso_B[1][2]                            ? 
_refine.aniso_B[1][3]                            ? 
_refine.aniso_B[2][2]                            ? 
_refine.aniso_B[2][3]                            ? 
_refine.aniso_B[3][3]                            ? 
_refine.B_iso_max                                ? 
_refine.B_iso_mean                               18.99 
_refine.B_iso_min                                ? 
_refine.correlation_coeff_Fo_to_Fc               ? 
_refine.correlation_coeff_Fo_to_Fc_free          ? 
_refine.details                                  ? 
_refine.diff_density_max                         ? 
_refine.diff_density_max_esd                     ? 
_refine.diff_density_min                         ? 
_refine.diff_density_min_esd                     ? 
_refine.diff_density_rms                         ? 
_refine.diff_density_rms_esd                     ? 
_refine.entry_id                                 8OV0 
_refine.pdbx_refine_id                           'X-RAY DIFFRACTION' 
_refine.ls_abs_structure_details                 ? 
_refine.ls_abs_structure_Flack                   ? 
_refine.ls_abs_structure_Flack_esd               ? 
_refine.ls_abs_structure_Rogers                  ? 
_refine.ls_abs_structure_Rogers_esd              ? 
_refine.ls_d_res_high                            1.70 
_refine.ls_d_res_low                             22.00 
_refine.ls_extinction_coef                       ? 
_refine.ls_extinction_coef_esd                   ? 
_refine.ls_extinction_expression                 ? 
_refine.ls_extinction_method                     ? 
_refine.ls_goodness_of_fit_all                   ? 
_refine.ls_goodness_of_fit_all_esd               ? 
_refine.ls_goodness_of_fit_obs                   ? 
_refine.ls_goodness_of_fit_obs_esd               ? 
_refine.ls_hydrogen_treatment                    ? 
_refine.ls_matrix_type                           ? 
_refine.ls_number_constraints                    ? 
_refine.ls_number_parameters                     ? 
_refine.ls_number_reflns_all                     ? 
_refine.ls_number_reflns_obs                     10154 
_refine.ls_number_reflns_R_free                  708 
_refine.ls_number_reflns_R_work                  9446 
_refine.ls_number_restraints                     ? 
_refine.ls_percent_reflns_obs                    97.35 
_refine.ls_percent_reflns_R_free                 6.97 
_refine.ls_R_factor_all                          ? 
_refine.ls_R_factor_obs                          0.1825 
_refine.ls_R_factor_R_free                       0.2266 
_refine.ls_R_factor_R_free_error                 ? 
_refine.ls_R_factor_R_free_error_details         ? 
_refine.ls_R_factor_R_work                       0.1792 
_refine.ls_R_Fsqd_factor_obs                     ? 
_refine.ls_R_I_factor_obs                        ? 
_refine.ls_redundancy_reflns_all                 ? 
_refine.ls_redundancy_reflns_obs                 ? 
_refine.ls_restrained_S_all                      ? 
_refine.ls_restrained_S_obs                      ? 
_refine.ls_shift_over_esd_max                    ? 
_refine.ls_shift_over_esd_mean                   ? 
_refine.ls_structure_factor_coef                 ? 
_refine.ls_weighting_details                     ? 
_refine.ls_weighting_scheme                      ? 
_refine.ls_wR_factor_all                         ? 
_refine.ls_wR_factor_obs                         ? 
_refine.ls_wR_factor_R_free                      ? 
_refine.ls_wR_factor_R_work                      ? 
_refine.occupancy_max                            ? 
_refine.occupancy_min                            ? 
_refine.solvent_model_details                    'FLAT BULK SOLVENT MODEL' 
_refine.solvent_model_param_bsol                 ? 
_refine.solvent_model_param_ksol                 ? 
_refine.pdbx_R_complete                          ? 
_refine.ls_R_factor_gt                           ? 
_refine.ls_goodness_of_fit_gt                    ? 
_refine.ls_goodness_of_fit_ref                   ? 
_refine.ls_shift_over_su_max                     ? 
_refine.ls_shift_over_su_max_lt                  ? 
_refine.ls_shift_over_su_mean                    ? 
_refine.ls_shift_over_su_mean_lt                 ? 
_refine.pdbx_ls_sigma_I                          ? 
_refine.pdbx_ls_sigma_F                          1.36 
_refine.pdbx_ls_sigma_Fsqd                       ? 
_refine.pdbx_data_cutoff_high_absF               ? 
_refine.pdbx_data_cutoff_high_rms_absF           ? 
_refine.pdbx_data_cutoff_low_absF                ? 
_refine.pdbx_isotropic_thermal_model             ? 
_refine.pdbx_ls_cross_valid_method               'FREE R-VALUE' 
_refine.pdbx_method_to_determine_struct          'MOLECULAR REPLACEMENT' 
_refine.pdbx_starting_model                      ? 
_refine.pdbx_stereochemistry_target_values       'GeoStd + Monomer Library + CDL v1.2' 
_refine.pdbx_R_Free_selection_details            ? 
_refine.pdbx_stereochem_target_val_spec_case     ? 
_refine.pdbx_overall_ESU_R                       ? 
_refine.pdbx_overall_ESU_R_Free                  ? 
_refine.pdbx_solvent_vdw_probe_radii             1.1000 
_refine.pdbx_solvent_ion_probe_radii             ? 
_refine.pdbx_solvent_shrinkage_radii             0.9000 
_refine.pdbx_real_space_R                        ? 
_refine.pdbx_density_correlation                 ? 
_refine.pdbx_pd_number_of_powder_patterns        ? 
_refine.pdbx_pd_number_of_points                 ? 
_refine.pdbx_pd_meas_number_of_points            ? 
_refine.pdbx_pd_proc_ls_prof_R_factor            ? 
_refine.pdbx_pd_proc_ls_prof_wR_factor           ? 
_refine.pdbx_pd_Marquardt_correlation_coeff      ? 
_refine.pdbx_pd_Fsqrd_R_factor                   ? 
_refine.pdbx_pd_ls_matrix_band_width             ? 
_refine.pdbx_overall_phase_error                 22.0994 
_refine.pdbx_overall_SU_R_free_Cruickshank_DPI   ? 
_refine.pdbx_overall_SU_R_free_Blow_DPI          ? 
_refine.pdbx_overall_SU_R_Blow_DPI               ? 
_refine.pdbx_TLS_residual_ADP_flag               ? 
_refine.pdbx_diffrn_id                           1 
_refine.overall_SU_B                             ? 
_refine.overall_SU_ML                            0.1355 
_refine.overall_SU_R_Cruickshank_DPI             ? 
_refine.overall_SU_R_free                        ? 
_refine.overall_FOM_free_R_set                   ? 
_refine.overall_FOM_work_R_set                   ? 
_refine.pdbx_average_fsc_overall                 ? 
_refine.pdbx_average_fsc_work                    ? 
_refine.pdbx_average_fsc_free                    ? 
# 
_refine_hist.pdbx_refine_id                   'X-RAY DIFFRACTION' 
_refine_hist.cycle_id                         LAST 
_refine_hist.details                          ? 
_refine_hist.d_res_high                       1.70 
_refine_hist.d_res_low                        22.00 
_refine_hist.number_atoms_solvent             121 
_refine_hist.number_atoms_total               951 
_refine_hist.number_reflns_all                ? 
_refine_hist.number_reflns_obs                ? 
_refine_hist.number_reflns_R_free             ? 
_refine_hist.number_reflns_R_work             ? 
_refine_hist.R_factor_all                     ? 
_refine_hist.R_factor_obs                     ? 
_refine_hist.R_factor_R_free                  ? 
_refine_hist.R_factor_R_work                  ? 
_refine_hist.pdbx_number_residues_total       ? 
_refine_hist.pdbx_B_iso_mean_ligand           ? 
_refine_hist.pdbx_B_iso_mean_solvent          ? 
_refine_hist.pdbx_number_atoms_protein        828 
_refine_hist.pdbx_number_atoms_nucleic_acid   0 
_refine_hist.pdbx_number_atoms_ligand         2 
_refine_hist.pdbx_number_atoms_lipid          ? 
_refine_hist.pdbx_number_atoms_carb           ? 
_refine_hist.pdbx_pseudo_atom_details         ? 
# 
loop_
_refine_ls_restr.pdbx_refine_id 
_refine_ls_restr.criterion 
_refine_ls_restr.dev_ideal 
_refine_ls_restr.dev_ideal_target 
_refine_ls_restr.number 
_refine_ls_restr.rejects 
_refine_ls_restr.type 
_refine_ls_restr.weight 
_refine_ls_restr.pdbx_restraint_function 
'X-RAY DIFFRACTION' ? 0.0069 ? 870  ? f_bond_d           ? ? 
'X-RAY DIFFRACTION' ? 1.1674 ? 1185 ? f_angle_d          ? ? 
'X-RAY DIFFRACTION' ? 0.0714 ? 126  ? f_chiral_restr     ? ? 
'X-RAY DIFFRACTION' ? 0.0093 ? 160  ? f_plane_restr      ? ? 
'X-RAY DIFFRACTION' ? 6.8183 ? 122  ? f_dihedral_angle_d ? ? 
# 
loop_
_refine_ls_shell.pdbx_refine_id 
_refine_ls_shell.d_res_high 
_refine_ls_shell.d_res_low 
_refine_ls_shell.number_reflns_all 
_refine_ls_shell.number_reflns_obs 
_refine_ls_shell.number_reflns_R_free 
_refine_ls_shell.number_reflns_R_work 
_refine_ls_shell.percent_reflns_obs 
_refine_ls_shell.percent_reflns_R_free 
_refine_ls_shell.R_factor_all 
_refine_ls_shell.R_factor_obs 
_refine_ls_shell.R_factor_R_free_error 
_refine_ls_shell.R_factor_R_work 
_refine_ls_shell.redundancy_reflns_all 
_refine_ls_shell.redundancy_reflns_obs 
_refine_ls_shell.wR_factor_all 
_refine_ls_shell.wR_factor_obs 
_refine_ls_shell.wR_factor_R_free 
_refine_ls_shell.wR_factor_R_work 
_refine_ls_shell.pdbx_R_complete 
_refine_ls_shell.pdbx_total_number_of_bins_used 
_refine_ls_shell.pdbx_phase_error 
_refine_ls_shell.pdbx_fsc_work 
_refine_ls_shell.pdbx_fsc_free 
_refine_ls_shell.R_factor_R_free 
'X-RAY DIFFRACTION' 1.70 1.83  . . 140 1890 98.78 . . . . 0.1796 . . . . . . . . . . . 0.2336 
'X-RAY DIFFRACTION' 1.83 2.02  . . 149 1898 98.98 . . . . 0.1829 . . . . . . . . . . . 0.2026 
'X-RAY DIFFRACTION' 2.02 2.31  . . 139 1892 98.59 . . . . 0.1803 . . . . . . . . . . . 0.2344 
'X-RAY DIFFRACTION' 2.31 2.90  . . 137 1864 95.93 . . . . 0.1987 . . . . . . . . . . . 0.2890 
'X-RAY DIFFRACTION' 2.91 22.00 . . 143 1902 94.68 . . . . 0.1671 . . . . . . . . . . . 0.2017 
# 
_struct.entry_id                     8OV0 
_struct.title                        'MUC5AC CysD7 amino acids 3518-3626' 
_struct.pdbx_model_details           ? 
_struct.pdbx_formula_weight          ? 
_struct.pdbx_formula_weight_method   ? 
_struct.pdbx_model_type_details      ? 
_struct.pdbx_CASP_flag               N 
# 
_struct_keywords.entry_id        8OV0 
_struct_keywords.text            'Disulfide, Mucus, CysD, Assembly, STRUCTURAL PROTEIN' 
_struct_keywords.pdbx_keywords   'STRUCTURAL PROTEIN' 
# 
loop_
_struct_asym.id 
_struct_asym.pdbx_blank_PDB_chainid_flag 
_struct_asym.pdbx_modified 
_struct_asym.entity_id 
_struct_asym.details 
A N N 1 ? 
B N N 2 ? 
C N N 3 ? 
D N N 4 ? 
# 
_struct_ref.id                         1 
_struct_ref.db_name                    UNP 
_struct_ref.db_code                    MUC5A_HUMAN 
_struct_ref.pdbx_db_accession          P98088 
_struct_ref.pdbx_db_isoform            ? 
_struct_ref.entity_id                  1 
_struct_ref.pdbx_seq_one_letter_code   
;RDCHPRCTWTKWFDVDFPSPGPHGGDKETYNNIIRSGEKICRRPEEITRLQCRAKSHPEVSIEHLGQVVQCSREEGLVCR
NQDQQGPFKMCLNYEVRVLCCETPKGCPV
;
_struct_ref.pdbx_align_begin           3518 
# 
_struct_ref_seq.align_id                      1 
_struct_ref_seq.ref_id                        1 
_struct_ref_seq.pdbx_PDB_id_code              8OV0 
_struct_ref_seq.pdbx_strand_id                A 
_struct_ref_seq.seq_align_beg                 3 
_struct_ref_seq.pdbx_seq_align_beg_ins_code   ? 
_struct_ref_seq.seq_align_end                 111 
_struct_ref_seq.pdbx_seq_align_end_ins_code   ? 
_struct_ref_seq.pdbx_db_accession             P98088 
_struct_ref_seq.db_align_beg                  3518 
_struct_ref_seq.pdbx_db_align_beg_ins_code    ? 
_struct_ref_seq.db_align_end                  3626 
_struct_ref_seq.pdbx_db_align_end_ins_code    ? 
_struct_ref_seq.pdbx_auth_seq_align_beg       3518 
_struct_ref_seq.pdbx_auth_seq_align_end       3626 
# 
loop_
_struct_ref_seq_dif.align_id 
_struct_ref_seq_dif.pdbx_pdb_id_code 
_struct_ref_seq_dif.mon_id 
_struct_ref_seq_dif.pdbx_pdb_strand_id 
_struct_ref_seq_dif.seq_num 
_struct_ref_seq_dif.pdbx_pdb_ins_code 
_struct_ref_seq_dif.pdbx_seq_db_name 
_struct_ref_seq_dif.pdbx_seq_db_accession_code 
_struct_ref_seq_dif.db_mon_id 
_struct_ref_seq_dif.pdbx_seq_db_seq_num 
_struct_ref_seq_dif.details 
_struct_ref_seq_dif.pdbx_auth_seq_num 
_struct_ref_seq_dif.pdbx_ordinal 
1 8OV0 GLY A 1 ? UNP P98088 ? ? 'expression tag' 3516 1 
1 8OV0 GLY A 2 ? UNP P98088 ? ? 'expression tag' 3517 2 
# 
_pdbx_struct_assembly.id                   1 
_pdbx_struct_assembly.details              author_and_software_defined_assembly 
_pdbx_struct_assembly.method_details       PISA 
_pdbx_struct_assembly.oligomeric_details   monomeric 
_pdbx_struct_assembly.oligomeric_count     1 
# 
loop_
_pdbx_struct_assembly_prop.biol_id 
_pdbx_struct_assembly_prop.type 
_pdbx_struct_assembly_prop.value 
_pdbx_struct_assembly_prop.details 
1 'ABSA (A^2)' 0    ? 
1 MORE         0    ? 
1 'SSA (A^2)'  7000 ? 
# 
_pdbx_struct_assembly_gen.assembly_id       1 
_pdbx_struct_assembly_gen.oper_expression   1 
_pdbx_struct_assembly_gen.asym_id_list      A,B,C,D 
# 
_pdbx_struct_assembly_auth_evidence.id                     1 
_pdbx_struct_assembly_auth_evidence.assembly_id            1 
_pdbx_struct_assembly_auth_evidence.experimental_support   none 
_pdbx_struct_assembly_auth_evidence.details                ? 
# 
_pdbx_struct_oper_list.id                   1 
_pdbx_struct_oper_list.type                 'identity operation' 
_pdbx_struct_oper_list.name                 1_555 
_pdbx_struct_oper_list.symmetry_operation   x,y,z 
_pdbx_struct_oper_list.matrix[1][1]         1.0 
_pdbx_struct_oper_list.matrix[1][2]         0.0 
_pdbx_struct_oper_list.matrix[1][3]         0.0 
_pdbx_struct_oper_list.vector[1]            0.0 
_pdbx_struct_oper_list.matrix[2][1]         0.0 
_pdbx_struct_oper_list.matrix[2][2]         1.0 
_pdbx_struct_oper_list.matrix[2][3]         0.0 
_pdbx_struct_oper_list.vector[2]            0.0 
_pdbx_struct_oper_list.matrix[3][1]         0.0 
_pdbx_struct_oper_list.matrix[3][2]         0.0 
_pdbx_struct_oper_list.matrix[3][3]         1.0 
_pdbx_struct_oper_list.vector[3]            0.0 
# 
loop_
_struct_conf.conf_type_id 
_struct_conf.id 
_struct_conf.pdbx_PDB_helix_id 
_struct_conf.beg_label_comp_id 
_struct_conf.beg_label_asym_id 
_struct_conf.beg_label_seq_id 
_struct_conf.pdbx_beg_PDB_ins_code 
_struct_conf.end_label_comp_id 
_struct_conf.end_label_asym_id 
_struct_conf.end_label_seq_id 
_struct_conf.pdbx_end_PDB_ins_code 
_struct_conf.beg_auth_comp_id 
_struct_conf.beg_auth_asym_id 
_struct_conf.beg_auth_seq_id 
_struct_conf.end_auth_comp_id 
_struct_conf.end_auth_asym_id 
_struct_conf.end_auth_seq_id 
_struct_conf.pdbx_PDB_helix_class 
_struct_conf.details 
_struct_conf.pdbx_PDB_helix_length 
HELX_P HELX_P1 AA1 TYR A 32 ? SER A 38 ? TYR A 3547 SER A 3553 1 ? 7 
HELX_P HELX_P2 AA2 SER A 63 ? GLY A 68 ? SER A 3578 GLY A 3583 5 ? 6 
HELX_P HELX_P3 AA3 GLN A 84 ? GLN A 86 ? GLN A 3599 GLN A 3601 5 ? 3 
# 
_struct_conf_type.id          HELX_P 
_struct_conf_type.criteria    ? 
_struct_conf_type.reference   ? 
# 
loop_
_struct_conn.id 
_struct_conn.conn_type_id 
_struct_conn.pdbx_leaving_atom_flag 
_struct_conn.pdbx_PDB_id 
_struct_conn.ptnr1_label_asym_id 
_struct_conn.ptnr1_label_comp_id 
_struct_conn.ptnr1_label_seq_id 
_struct_conn.ptnr1_label_atom_id 
_struct_conn.pdbx_ptnr1_label_alt_id 
_struct_conn.pdbx_ptnr1_PDB_ins_code 
_struct_conn.pdbx_ptnr1_standard_comp_id 
_struct_conn.ptnr1_symmetry 
_struct_conn.ptnr2_label_asym_id 
_struct_conn.ptnr2_label_comp_id 
_struct_conn.ptnr2_label_seq_id 
_struct_conn.ptnr2_label_atom_id 
_struct_conn.pdbx_ptnr2_label_alt_id 
_struct_conn.pdbx_ptnr2_PDB_ins_code 
_struct_conn.ptnr1_auth_asym_id 
_struct_conn.ptnr1_auth_comp_id 
_struct_conn.ptnr1_auth_seq_id 
_struct_conn.ptnr2_auth_asym_id 
_struct_conn.ptnr2_auth_comp_id 
_struct_conn.ptnr2_auth_seq_id 
_struct_conn.ptnr2_symmetry 
_struct_conn.pdbx_ptnr3_label_atom_id 
_struct_conn.pdbx_ptnr3_label_seq_id 
_struct_conn.pdbx_ptnr3_label_comp_id 
_struct_conn.pdbx_ptnr3_label_asym_id 
_struct_conn.pdbx_ptnr3_label_alt_id 
_struct_conn.pdbx_ptnr3_PDB_ins_code 
_struct_conn.details 
_struct_conn.pdbx_dist_value 
_struct_conn.pdbx_value_order 
_struct_conn.pdbx_role 
disulf1 disulf ? ? A CYS 5  SG  ? ? ? 1_555 A CYS 109 SG ? ? A CYS 3520 A CYS 3624 1_555 ? ? ? ? ? ? ? 2.022 ? ? 
disulf2 disulf ? ? A CYS 9  SG  ? ? ? 1_555 A CYS 103 SG ? ? A CYS 3524 A CYS 3618 1_555 ? ? ? ? ? ? ? 2.031 ? ? 
disulf3 disulf ? ? A CYS 43 SG  ? ? ? 1_555 A CYS 102 SG ? ? A CYS 3558 A CYS 3617 1_555 ? ? ? ? ? ? ? 2.022 ? ? 
disulf4 disulf ? ? A CYS 54 SG  A ? ? 1_555 A CYS 73  SG ? ? A CYS 3569 A CYS 3588 1_555 ? ? ? ? ? ? ? 2.028 ? ? 
disulf5 disulf ? ? A CYS 81 SG  ? ? ? 1_555 A CYS 93  SG ? ? A CYS 3596 A CYS 3608 1_555 ? ? ? ? ? ? ? 2.031 ? ? 
metalc1 metalc ? ? A ASP 16 OD1 ? ? ? 1_555 B CA  .   CA ? ? A ASP 3531 A CA  3701 1_555 ? ? ? ? ? ? ? 2.379 ? ? 
metalc2 metalc ? ? A ASP 18 O   ? ? ? 1_555 B CA  .   CA ? ? A ASP 3533 A CA  3701 1_555 ? ? ? ? ? ? ? 2.358 ? ? 
metalc3 metalc ? ? A ASP 28 OD1 ? ? ? 1_555 B CA  .   CA ? ? A ASP 3543 A CA  3701 1_555 ? ? ? ? ? ? ? 2.612 ? ? 
metalc4 metalc ? ? A ASP 28 OD2 ? ? ? 1_555 B CA  .   CA ? ? A ASP 3543 A CA  3701 1_555 ? ? ? ? ? ? ? 2.464 ? ? 
metalc5 metalc ? ? A GLU 30 OE2 ? ? ? 1_555 B CA  .   CA ? ? A GLU 3545 A CA  3701 1_555 ? ? ? ? ? ? ? 2.285 ? ? 
metalc6 metalc ? ? A ASN 95 OD1 ? ? ? 1_555 B CA  .   CA ? ? A ASN 3610 A CA  3701 1_555 ? ? ? ? ? ? ? 2.443 ? ? 
metalc7 metalc ? ? A TYR 96 O   ? ? ? 1_555 B CA  .   CA ? ? A TYR 3611 A CA  3701 1_555 ? ? ? ? ? ? ? 2.503 ? ? 
# 
loop_
_struct_conn_type.id 
_struct_conn_type.criteria 
_struct_conn_type.reference 
disulf ? ? 
metalc ? ? 
# 
loop_
_pdbx_struct_conn_angle.id 
_pdbx_struct_conn_angle.ptnr1_label_atom_id 
_pdbx_struct_conn_angle.ptnr1_label_alt_id 
_pdbx_struct_conn_angle.ptnr1_label_asym_id 
_pdbx_struct_conn_angle.ptnr1_label_comp_id 
_pdbx_struct_conn_angle.ptnr1_label_seq_id 
_pdbx_struct_conn_angle.ptnr1_auth_atom_id 
_pdbx_struct_conn_angle.ptnr1_auth_asym_id 
_pdbx_struct_conn_angle.ptnr1_auth_comp_id 
_pdbx_struct_conn_angle.ptnr1_auth_seq_id 
_pdbx_struct_conn_angle.ptnr1_PDB_ins_code 
_pdbx_struct_conn_angle.ptnr1_symmetry 
_pdbx_struct_conn_angle.ptnr2_label_atom_id 
_pdbx_struct_conn_angle.ptnr2_label_alt_id 
_pdbx_struct_conn_angle.ptnr2_label_asym_id 
_pdbx_struct_conn_angle.ptnr2_label_comp_id 
_pdbx_struct_conn_angle.ptnr2_label_seq_id 
_pdbx_struct_conn_angle.ptnr2_auth_atom_id 
_pdbx_struct_conn_angle.ptnr2_auth_asym_id 
_pdbx_struct_conn_angle.ptnr2_auth_comp_id 
_pdbx_struct_conn_angle.ptnr2_auth_seq_id 
_pdbx_struct_conn_angle.ptnr2_PDB_ins_code 
_pdbx_struct_conn_angle.ptnr2_symmetry 
_pdbx_struct_conn_angle.ptnr3_label_atom_id 
_pdbx_struct_conn_angle.ptnr3_label_alt_id 
_pdbx_struct_conn_angle.ptnr3_label_asym_id 
_pdbx_struct_conn_angle.ptnr3_label_comp_id 
_pdbx_struct_conn_angle.ptnr3_label_seq_id 
_pdbx_struct_conn_angle.ptnr3_auth_atom_id 
_pdbx_struct_conn_angle.ptnr3_auth_asym_id 
_pdbx_struct_conn_angle.ptnr3_auth_comp_id 
_pdbx_struct_conn_angle.ptnr3_auth_seq_id 
_pdbx_struct_conn_angle.ptnr3_PDB_ins_code 
_pdbx_struct_conn_angle.ptnr3_symmetry 
_pdbx_struct_conn_angle.value 
_pdbx_struct_conn_angle.value_esd 
1  OD1 ? A ASP 16 ? A ASP 3531 ? 1_555 CA ? B CA . ? A CA 3701 ? 1_555 O   ? A ASP 18 ? A ASP 3533 ? 1_555 78.1  ? 
2  OD1 ? A ASP 16 ? A ASP 3531 ? 1_555 CA ? B CA . ? A CA 3701 ? 1_555 OD1 ? A ASP 28 ? A ASP 3543 ? 1_555 149.6 ? 
3  O   ? A ASP 18 ? A ASP 3533 ? 1_555 CA ? B CA . ? A CA 3701 ? 1_555 OD1 ? A ASP 28 ? A ASP 3543 ? 1_555 71.8  ? 
4  OD1 ? A ASP 16 ? A ASP 3531 ? 1_555 CA ? B CA . ? A CA 3701 ? 1_555 OD2 ? A ASP 28 ? A ASP 3543 ? 1_555 159.0 ? 
5  O   ? A ASP 18 ? A ASP 3533 ? 1_555 CA ? B CA . ? A CA 3701 ? 1_555 OD2 ? A ASP 28 ? A ASP 3543 ? 1_555 121.1 ? 
6  OD1 ? A ASP 28 ? A ASP 3543 ? 1_555 CA ? B CA . ? A CA 3701 ? 1_555 OD2 ? A ASP 28 ? A ASP 3543 ? 1_555 50.9  ? 
7  OD1 ? A ASP 16 ? A ASP 3531 ? 1_555 CA ? B CA . ? A CA 3701 ? 1_555 OE2 ? A GLU 30 ? A GLU 3545 ? 1_555 88.5  ? 
8  O   ? A ASP 18 ? A ASP 3533 ? 1_555 CA ? B CA . ? A CA 3701 ? 1_555 OE2 ? A GLU 30 ? A GLU 3545 ? 1_555 83.5  ? 
9  OD1 ? A ASP 28 ? A ASP 3543 ? 1_555 CA ? B CA . ? A CA 3701 ? 1_555 OE2 ? A GLU 30 ? A GLU 3545 ? 1_555 84.7  ? 
10 OD2 ? A ASP 28 ? A ASP 3543 ? 1_555 CA ? B CA . ? A CA 3701 ? 1_555 OE2 ? A GLU 30 ? A GLU 3545 ? 1_555 101.6 ? 
11 OD1 ? A ASP 16 ? A ASP 3531 ? 1_555 CA ? B CA . ? A CA 3701 ? 1_555 OD1 ? A ASN 95 ? A ASN 3610 ? 1_555 86.4  ? 
12 O   ? A ASP 18 ? A ASP 3533 ? 1_555 CA ? B CA . ? A CA 3701 ? 1_555 OD1 ? A ASN 95 ? A ASN 3610 ? 1_555 85.4  ? 
13 OD1 ? A ASP 28 ? A ASP 3543 ? 1_555 CA ? B CA . ? A CA 3701 ? 1_555 OD1 ? A ASN 95 ? A ASN 3610 ? 1_555 94.6  ? 
14 OD2 ? A ASP 28 ? A ASP 3543 ? 1_555 CA ? B CA . ? A CA 3701 ? 1_555 OD1 ? A ASN 95 ? A ASN 3610 ? 1_555 86.7  ? 
15 OE2 ? A GLU 30 ? A GLU 3545 ? 1_555 CA ? B CA . ? A CA 3701 ? 1_555 OD1 ? A ASN 95 ? A ASN 3610 ? 1_555 168.5 ? 
16 OD1 ? A ASP 16 ? A ASP 3531 ? 1_555 CA ? B CA . ? A CA 3701 ? 1_555 O   ? A TYR 96 ? A TYR 3611 ? 1_555 80.8  ? 
17 O   ? A ASP 18 ? A ASP 3533 ? 1_555 CA ? B CA . ? A CA 3701 ? 1_555 O   ? A TYR 96 ? A TYR 3611 ? 1_555 158.9 ? 
18 OD1 ? A ASP 28 ? A ASP 3543 ? 1_555 CA ? B CA . ? A CA 3701 ? 1_555 O   ? A TYR 96 ? A TYR 3611 ? 1_555 129.3 ? 
19 OD2 ? A ASP 28 ? A ASP 3543 ? 1_555 CA ? B CA . ? A CA 3701 ? 1_555 O   ? A TYR 96 ? A TYR 3611 ? 1_555 79.8  ? 
20 OE2 ? A GLU 30 ? A GLU 3545 ? 1_555 CA ? B CA . ? A CA 3701 ? 1_555 O   ? A TYR 96 ? A TYR 3611 ? 1_555 96.1  ? 
21 OD1 ? A ASN 95 ? A ASN 3610 ? 1_555 CA ? B CA . ? A CA 3701 ? 1_555 O   ? A TYR 96 ? A TYR 3611 ? 1_555 93.3  ? 
# 
loop_
_pdbx_modification_feature.ordinal 
_pdbx_modification_feature.label_comp_id 
_pdbx_modification_feature.label_asym_id 
_pdbx_modification_feature.label_seq_id 
_pdbx_modification_feature.label_alt_id 
_pdbx_modification_feature.modified_residue_label_comp_id 
_pdbx_modification_feature.modified_residue_label_asym_id 
_pdbx_modification_feature.modified_residue_label_seq_id 
_pdbx_modification_feature.modified_residue_label_alt_id 
_pdbx_modification_feature.auth_comp_id 
_pdbx_modification_feature.auth_asym_id 
_pdbx_modification_feature.auth_seq_id 
_pdbx_modification_feature.PDB_ins_code 
_pdbx_modification_feature.symmetry 
_pdbx_modification_feature.modified_residue_auth_comp_id 
_pdbx_modification_feature.modified_residue_auth_asym_id 
_pdbx_modification_feature.modified_residue_auth_seq_id 
_pdbx_modification_feature.modified_residue_PDB_ins_code 
_pdbx_modification_feature.modified_residue_symmetry 
_pdbx_modification_feature.comp_id_linking_atom 
_pdbx_modification_feature.modified_residue_id_linking_atom 
_pdbx_modification_feature.modified_residue_id 
_pdbx_modification_feature.ref_pcm_id 
_pdbx_modification_feature.ref_comp_id 
_pdbx_modification_feature.type 
_pdbx_modification_feature.category 
1 CYS A 5  ? CYS A 109 ? CYS A 3520 ? 1_555 CYS A 3624 ? 1_555 SG SG . . . None 'Disulfide bridge' 
2 CYS A 9  ? CYS A 103 ? CYS A 3524 ? 1_555 CYS A 3618 ? 1_555 SG SG . . . None 'Disulfide bridge' 
3 CYS A 43 ? CYS A 102 ? CYS A 3558 ? 1_555 CYS A 3617 ? 1_555 SG SG . . . None 'Disulfide bridge' 
4 CYS A 54 A CYS A 73  ? CYS A 3569 ? 1_555 CYS A 3588 ? 1_555 SG SG . . . None 'Disulfide bridge' 
5 CYS A 81 ? CYS A 93  ? CYS A 3596 ? 1_555 CYS A 3608 ? 1_555 SG SG . . . None 'Disulfide bridge' 
# 
_struct_mon_prot_cis.pdbx_id                1 
_struct_mon_prot_cis.label_comp_id          GLY 
_struct_mon_prot_cis.label_seq_id           88 
_struct_mon_prot_cis.label_asym_id          A 
_struct_mon_prot_cis.label_alt_id           . 
_struct_mon_prot_cis.pdbx_PDB_ins_code      ? 
_struct_mon_prot_cis.auth_comp_id           GLY 
_struct_mon_prot_cis.auth_seq_id            3603 
_struct_mon_prot_cis.auth_asym_id           A 
_struct_mon_prot_cis.pdbx_label_comp_id_2   PRO 
_struct_mon_prot_cis.pdbx_label_seq_id_2    89 
_struct_mon_prot_cis.pdbx_label_asym_id_2   A 
_struct_mon_prot_cis.pdbx_PDB_ins_code_2    ? 
_struct_mon_prot_cis.pdbx_auth_comp_id_2    PRO 
_struct_mon_prot_cis.pdbx_auth_seq_id_2     3604 
_struct_mon_prot_cis.pdbx_auth_asym_id_2    A 
_struct_mon_prot_cis.pdbx_PDB_model_num     1 
_struct_mon_prot_cis.pdbx_omega_angle       5.60 
# 
loop_
_struct_sheet.id 
_struct_sheet.type 
_struct_sheet.number_strands 
_struct_sheet.details 
AA1 ? 3 ? 
AA2 ? 3 ? 
# 
loop_
_struct_sheet_order.sheet_id 
_struct_sheet_order.range_id_1 
_struct_sheet_order.range_id_2 
_struct_sheet_order.offset 
_struct_sheet_order.sense 
AA1 1 2 ? anti-parallel 
AA1 2 3 ? anti-parallel 
AA2 1 2 ? anti-parallel 
AA2 2 3 ? anti-parallel 
# 
loop_
_struct_sheet_range.sheet_id 
_struct_sheet_range.id 
_struct_sheet_range.beg_label_comp_id 
_struct_sheet_range.beg_label_asym_id 
_struct_sheet_range.beg_label_seq_id 
_struct_sheet_range.pdbx_beg_PDB_ins_code 
_struct_sheet_range.end_label_comp_id 
_struct_sheet_range.end_label_asym_id 
_struct_sheet_range.end_label_seq_id 
_struct_sheet_range.pdbx_end_PDB_ins_code 
_struct_sheet_range.beg_auth_comp_id 
_struct_sheet_range.beg_auth_asym_id 
_struct_sheet_range.beg_auth_seq_id 
_struct_sheet_range.end_auth_comp_id 
_struct_sheet_range.end_auth_asym_id 
_struct_sheet_range.end_auth_seq_id 
AA1 1 ARG A 8  ? TRP A 11  ? ARG A 3523 TRP A 3526 
AA1 2 TYR A 96 ? GLU A 104 ? TYR A 3611 GLU A 3619 
AA1 3 GLU A 48 ? ALA A 56  ? GLU A 3563 ALA A 3571 
AA2 1 GLY A 27 ? THR A 31  ? GLY A 3542 THR A 3546 
AA2 2 GLY A 78 ? ARG A 82  ? GLY A 3593 ARG A 3597 
AA2 3 VAL A 71 ? SER A 74  ? VAL A 3586 SER A 3589 
# 
loop_
_pdbx_struct_sheet_hbond.sheet_id 
_pdbx_struct_sheet_hbond.range_id_1 
_pdbx_struct_sheet_hbond.range_id_2 
_pdbx_struct_sheet_hbond.range_1_label_atom_id 
_pdbx_struct_sheet_hbond.range_1_label_comp_id 
_pdbx_struct_sheet_hbond.range_1_label_asym_id 
_pdbx_struct_sheet_hbond.range_1_label_seq_id 
_pdbx_struct_sheet_hbond.range_1_PDB_ins_code 
_pdbx_struct_sheet_hbond.range_1_auth_atom_id 
_pdbx_struct_sheet_hbond.range_1_auth_comp_id 
_pdbx_struct_sheet_hbond.range_1_auth_asym_id 
_pdbx_struct_sheet_hbond.range_1_auth_seq_id 
_pdbx_struct_sheet_hbond.range_2_label_atom_id 
_pdbx_struct_sheet_hbond.range_2_label_comp_id 
_pdbx_struct_sheet_hbond.range_2_label_asym_id 
_pdbx_struct_sheet_hbond.range_2_label_seq_id 
_pdbx_struct_sheet_hbond.range_2_PDB_ins_code 
_pdbx_struct_sheet_hbond.range_2_auth_atom_id 
_pdbx_struct_sheet_hbond.range_2_auth_comp_id 
_pdbx_struct_sheet_hbond.range_2_auth_asym_id 
_pdbx_struct_sheet_hbond.range_2_auth_seq_id 
AA1 1 2 N THR A 10  ? N THR A 3525 O CYS A 102 ? O CYS A 3617 
AA1 2 3 O LEU A 101 ? O LEU A 3616 N THR A 50  ? N THR A 3565 
AA2 1 2 N GLU A 30  ? N GLU A 3545 O LEU A 79  ? O LEU A 3594 
AA2 2 3 O GLY A 78  ? O GLY A 3593 N SER A 74  ? N SER A 3589 
# 
_pdbx_entry_details.entry_id                   8OV0 
_pdbx_entry_details.nonpolymer_details         ? 
_pdbx_entry_details.sequence_details           ? 
_pdbx_entry_details.compound_details           ? 
_pdbx_entry_details.source_details             ? 
_pdbx_entry_details.has_ligand_of_interest     N 
_pdbx_entry_details.has_protein_modification   Y 
# 
_pdbx_validate_close_contact.id               1 
_pdbx_validate_close_contact.PDB_model_num    1 
_pdbx_validate_close_contact.auth_atom_id_1   OE2 
_pdbx_validate_close_contact.auth_asym_id_1   A 
_pdbx_validate_close_contact.auth_comp_id_1   GLU 
_pdbx_validate_close_contact.auth_seq_id_1    3580 
_pdbx_validate_close_contact.PDB_ins_code_1   ? 
_pdbx_validate_close_contact.label_alt_id_1   ? 
_pdbx_validate_close_contact.auth_atom_id_2   O 
_pdbx_validate_close_contact.auth_asym_id_2   A 
_pdbx_validate_close_contact.auth_comp_id_2   HOH 
_pdbx_validate_close_contact.auth_seq_id_2    3801 
_pdbx_validate_close_contact.PDB_ins_code_2   ? 
_pdbx_validate_close_contact.label_alt_id_2   ? 
_pdbx_validate_close_contact.dist             2.08 
# 
loop_
_pdbx_validate_symm_contact.id 
_pdbx_validate_symm_contact.PDB_model_num 
_pdbx_validate_symm_contact.auth_atom_id_1 
_pdbx_validate_symm_contact.auth_asym_id_1 
_pdbx_validate_symm_contact.auth_comp_id_1 
_pdbx_validate_symm_contact.auth_seq_id_1 
_pdbx_validate_symm_contact.PDB_ins_code_1 
_pdbx_validate_symm_contact.label_alt_id_1 
_pdbx_validate_symm_contact.site_symmetry_1 
_pdbx_validate_symm_contact.auth_atom_id_2 
_pdbx_validate_symm_contact.auth_asym_id_2 
_pdbx_validate_symm_contact.auth_comp_id_2 
_pdbx_validate_symm_contact.auth_seq_id_2 
_pdbx_validate_symm_contact.PDB_ins_code_2 
_pdbx_validate_symm_contact.label_alt_id_2 
_pdbx_validate_symm_contact.site_symmetry_2 
_pdbx_validate_symm_contact.dist 
1 1 O A HOH 3854 ? ? 1_555 O A HOH 3893 ? ? 1_545 2.11 
2 1 O A HOH 3821 ? ? 1_555 O A HOH 3910 ? ? 1_455 2.19 
# 
loop_
_pdbx_validate_torsion.id 
_pdbx_validate_torsion.PDB_model_num 
_pdbx_validate_torsion.auth_comp_id 
_pdbx_validate_torsion.auth_asym_id 
_pdbx_validate_torsion.auth_seq_id 
_pdbx_validate_torsion.PDB_ins_code 
_pdbx_validate_torsion.label_alt_id 
_pdbx_validate_torsion.phi 
_pdbx_validate_torsion.psi 
1 1 ILE A 3557 ? ? -104.47 -95.96 
2 1 HIS A 3574 ? ? -140.88 56.65  
3 1 GLU A 3592 ? ? -132.08 -38.11 
# 
loop_
_space_group_symop.id 
_space_group_symop.operation_xyz 
1 x,y,z       
2 -x,y+1/2,-z 
# 
_pdbx_unobs_or_zero_occ_residues.id               1 
_pdbx_unobs_or_zero_occ_residues.PDB_model_num    1 
_pdbx_unobs_or_zero_occ_residues.polymer_flag     Y 
_pdbx_unobs_or_zero_occ_residues.occupancy_flag   1 
_pdbx_unobs_or_zero_occ_residues.auth_asym_id     A 
_pdbx_unobs_or_zero_occ_residues.auth_comp_id     VAL 
_pdbx_unobs_or_zero_occ_residues.auth_seq_id      3626 
_pdbx_unobs_or_zero_occ_residues.PDB_ins_code     ? 
_pdbx_unobs_or_zero_occ_residues.label_asym_id    A 
_pdbx_unobs_or_zero_occ_residues.label_comp_id    VAL 
_pdbx_unobs_or_zero_occ_residues.label_seq_id     111 
# 
loop_
_chem_comp_atom.comp_id 
_chem_comp_atom.atom_id 
_chem_comp_atom.type_symbol 
_chem_comp_atom.pdbx_aromatic_flag 
_chem_comp_atom.pdbx_stereo_config 
_chem_comp_atom.pdbx_ordinal 
ALA N    N  N N 1   
ALA CA   C  N S 2   
ALA C    C  N N 3   
ALA O    O  N N 4   
ALA CB   C  N N 5   
ALA OXT  O  N N 6   
ALA H    H  N N 7   
ALA H2   H  N N 8   
ALA HA   H  N N 9   
ALA HB1  H  N N 10  
ALA HB2  H  N N 11  
ALA HB3  H  N N 12  
ALA HXT  H  N N 13  
ARG N    N  N N 14  
ARG CA   C  N S 15  
ARG C    C  N N 16  
ARG O    O  N N 17  
ARG CB   C  N N 18  
ARG CG   C  N N 19  
ARG CD   C  N N 20  
ARG NE   N  N N 21  
ARG CZ   C  N N 22  
ARG NH1  N  N N 23  
ARG NH2  N  N N 24  
ARG OXT  O  N N 25  
ARG H    H  N N 26  
ARG H2   H  N N 27  
ARG HA   H  N N 28  
ARG HB2  H  N N 29  
ARG HB3  H  N N 30  
ARG HG2  H  N N 31  
ARG HG3  H  N N 32  
ARG HD2  H  N N 33  
ARG HD3  H  N N 34  
ARG HE   H  N N 35  
ARG HH11 H  N N 36  
ARG HH12 H  N N 37  
ARG HH21 H  N N 38  
ARG HH22 H  N N 39  
ARG HXT  H  N N 40  
ASN N    N  N N 41  
ASN CA   C  N S 42  
ASN C    C  N N 43  
ASN O    O  N N 44  
ASN CB   C  N N 45  
ASN CG   C  N N 46  
ASN OD1  O  N N 47  
ASN ND2  N  N N 48  
ASN OXT  O  N N 49  
ASN H    H  N N 50  
ASN H2   H  N N 51  
ASN HA   H  N N 52  
ASN HB2  H  N N 53  
ASN HB3  H  N N 54  
ASN HD21 H  N N 55  
ASN HD22 H  N N 56  
ASN HXT  H  N N 57  
ASP N    N  N N 58  
ASP CA   C  N S 59  
ASP C    C  N N 60  
ASP O    O  N N 61  
ASP CB   C  N N 62  
ASP CG   C  N N 63  
ASP OD1  O  N N 64  
ASP OD2  O  N N 65  
ASP OXT  O  N N 66  
ASP H    H  N N 67  
ASP H2   H  N N 68  
ASP HA   H  N N 69  
ASP HB2  H  N N 70  
ASP HB3  H  N N 71  
ASP HD2  H  N N 72  
ASP HXT  H  N N 73  
CA  CA   CA N N 74  
CL  CL   CL N N 75  
CYS N    N  N N 76  
CYS CA   C  N R 77  
CYS C    C  N N 78  
CYS O    O  N N 79  
CYS CB   C  N N 80  
CYS SG   S  N N 81  
CYS OXT  O  N N 82  
CYS H    H  N N 83  
CYS H2   H  N N 84  
CYS HA   H  N N 85  
CYS HB2  H  N N 86  
CYS HB3  H  N N 87  
CYS HG   H  N N 88  
CYS HXT  H  N N 89  
GLN N    N  N N 90  
GLN CA   C  N S 91  
GLN C    C  N N 92  
GLN O    O  N N 93  
GLN CB   C  N N 94  
GLN CG   C  N N 95  
GLN CD   C  N N 96  
GLN OE1  O  N N 97  
GLN NE2  N  N N 98  
GLN OXT  O  N N 99  
GLN H    H  N N 100 
GLN H2   H  N N 101 
GLN HA   H  N N 102 
GLN HB2  H  N N 103 
GLN HB3  H  N N 104 
GLN HG2  H  N N 105 
GLN HG3  H  N N 106 
GLN HE21 H  N N 107 
GLN HE22 H  N N 108 
GLN HXT  H  N N 109 
GLU N    N  N N 110 
GLU CA   C  N S 111 
GLU C    C  N N 112 
GLU O    O  N N 113 
GLU CB   C  N N 114 
GLU CG   C  N N 115 
GLU CD   C  N N 116 
GLU OE1  O  N N 117 
GLU OE2  O  N N 118 
GLU OXT  O  N N 119 
GLU H    H  N N 120 
GLU H2   H  N N 121 
GLU HA   H  N N 122 
GLU HB2  H  N N 123 
GLU HB3  H  N N 124 
GLU HG2  H  N N 125 
GLU HG3  H  N N 126 
GLU HE2  H  N N 127 
GLU HXT  H  N N 128 
GLY N    N  N N 129 
GLY CA   C  N N 130 
GLY C    C  N N 131 
GLY O    O  N N 132 
GLY OXT  O  N N 133 
GLY H    H  N N 134 
GLY H2   H  N N 135 
GLY HA2  H  N N 136 
GLY HA3  H  N N 137 
GLY HXT  H  N N 138 
HIS N    N  N N 139 
HIS CA   C  N S 140 
HIS C    C  N N 141 
HIS O    O  N N 142 
HIS CB   C  N N 143 
HIS CG   C  Y N 144 
HIS ND1  N  Y N 145 
HIS CD2  C  Y N 146 
HIS CE1  C  Y N 147 
HIS NE2  N  Y N 148 
HIS OXT  O  N N 149 
HIS H    H  N N 150 
HIS H2   H  N N 151 
HIS HA   H  N N 152 
HIS HB2  H  N N 153 
HIS HB3  H  N N 154 
HIS HD1  H  N N 155 
HIS HD2  H  N N 156 
HIS HE1  H  N N 157 
HIS HE2  H  N N 158 
HIS HXT  H  N N 159 
HOH O    O  N N 160 
HOH H1   H  N N 161 
HOH H2   H  N N 162 
ILE N    N  N N 163 
ILE CA   C  N S 164 
ILE C    C  N N 165 
ILE O    O  N N 166 
ILE CB   C  N S 167 
ILE CG1  C  N N 168 
ILE CG2  C  N N 169 
ILE CD1  C  N N 170 
ILE OXT  O  N N 171 
ILE H    H  N N 172 
ILE H2   H  N N 173 
ILE HA   H  N N 174 
ILE HB   H  N N 175 
ILE HG12 H  N N 176 
ILE HG13 H  N N 177 
ILE HG21 H  N N 178 
ILE HG22 H  N N 179 
ILE HG23 H  N N 180 
ILE HD11 H  N N 181 
ILE HD12 H  N N 182 
ILE HD13 H  N N 183 
ILE HXT  H  N N 184 
LEU N    N  N N 185 
LEU CA   C  N S 186 
LEU C    C  N N 187 
LEU O    O  N N 188 
LEU CB   C  N N 189 
LEU CG   C  N N 190 
LEU CD1  C  N N 191 
LEU CD2  C  N N 192 
LEU OXT  O  N N 193 
LEU H    H  N N 194 
LEU H2   H  N N 195 
LEU HA   H  N N 196 
LEU HB2  H  N N 197 
LEU HB3  H  N N 198 
LEU HG   H  N N 199 
LEU HD11 H  N N 200 
LEU HD12 H  N N 201 
LEU HD13 H  N N 202 
LEU HD21 H  N N 203 
LEU HD22 H  N N 204 
LEU HD23 H  N N 205 
LEU HXT  H  N N 206 
LYS N    N  N N 207 
LYS CA   C  N S 208 
LYS C    C  N N 209 
LYS O    O  N N 210 
LYS CB   C  N N 211 
LYS CG   C  N N 212 
LYS CD   C  N N 213 
LYS CE   C  N N 214 
LYS NZ   N  N N 215 
LYS OXT  O  N N 216 
LYS H    H  N N 217 
LYS H2   H  N N 218 
LYS HA   H  N N 219 
LYS HB2  H  N N 220 
LYS HB3  H  N N 221 
LYS HG2  H  N N 222 
LYS HG3  H  N N 223 
LYS HD2  H  N N 224 
LYS HD3  H  N N 225 
LYS HE2  H  N N 226 
LYS HE3  H  N N 227 
LYS HZ1  H  N N 228 
LYS HZ2  H  N N 229 
LYS HZ3  H  N N 230 
LYS HXT  H  N N 231 
MET N    N  N N 232 
MET CA   C  N S 233 
MET C    C  N N 234 
MET O    O  N N 235 
MET CB   C  N N 236 
MET CG   C  N N 237 
MET SD   S  N N 238 
MET CE   C  N N 239 
MET OXT  O  N N 240 
MET H    H  N N 241 
MET H2   H  N N 242 
MET HA   H  N N 243 
MET HB2  H  N N 244 
MET HB3  H  N N 245 
MET HG2  H  N N 246 
MET HG3  H  N N 247 
MET HE1  H  N N 248 
MET HE2  H  N N 249 
MET HE3  H  N N 250 
MET HXT  H  N N 251 
PHE N    N  N N 252 
PHE CA   C  N S 253 
PHE C    C  N N 254 
PHE O    O  N N 255 
PHE CB   C  N N 256 
PHE CG   C  Y N 257 
PHE CD1  C  Y N 258 
PHE CD2  C  Y N 259 
PHE CE1  C  Y N 260 
PHE CE2  C  Y N 261 
PHE CZ   C  Y N 262 
PHE OXT  O  N N 263 
PHE H    H  N N 264 
PHE H2   H  N N 265 
PHE HA   H  N N 266 
PHE HB2  H  N N 267 
PHE HB3  H  N N 268 
PHE HD1  H  N N 269 
PHE HD2  H  N N 270 
PHE HE1  H  N N 271 
PHE HE2  H  N N 272 
PHE HZ   H  N N 273 
PHE HXT  H  N N 274 
PRO N    N  N N 275 
PRO CA   C  N S 276 
PRO C    C  N N 277 
PRO O    O  N N 278 
PRO CB   C  N N 279 
PRO CG   C  N N 280 
PRO CD   C  N N 281 
PRO OXT  O  N N 282 
PRO H    H  N N 283 
PRO HA   H  N N 284 
PRO HB2  H  N N 285 
PRO HB3  H  N N 286 
PRO HG2  H  N N 287 
PRO HG3  H  N N 288 
PRO HD2  H  N N 289 
PRO HD3  H  N N 290 
PRO HXT  H  N N 291 
SER N    N  N N 292 
SER CA   C  N S 293 
SER C    C  N N 294 
SER O    O  N N 295 
SER CB   C  N N 296 
SER OG   O  N N 297 
SER OXT  O  N N 298 
SER H    H  N N 299 
SER H2   H  N N 300 
SER HA   H  N N 301 
SER HB2  H  N N 302 
SER HB3  H  N N 303 
SER HG   H  N N 304 
SER HXT  H  N N 305 
THR N    N  N N 306 
THR CA   C  N S 307 
THR C    C  N N 308 
THR O    O  N N 309 
THR CB   C  N R 310 
THR OG1  O  N N 311 
THR CG2  C  N N 312 
THR OXT  O  N N 313 
THR H    H  N N 314 
THR H2   H  N N 315 
THR HA   H  N N 316 
THR HB   H  N N 317 
THR HG1  H  N N 318 
THR HG21 H  N N 319 
THR HG22 H  N N 320 
THR HG23 H  N N 321 
THR HXT  H  N N 322 
TRP N    N  N N 323 
TRP CA   C  N S 324 
TRP C    C  N N 325 
TRP O    O  N N 326 
TRP CB   C  N N 327 
TRP CG   C  Y N 328 
TRP CD1  C  Y N 329 
TRP CD2  C  Y N 330 
TRP NE1  N  Y N 331 
TRP CE2  C  Y N 332 
TRP CE3  C  Y N 333 
TRP CZ2  C  Y N 334 
TRP CZ3  C  Y N 335 
TRP CH2  C  Y N 336 
TRP OXT  O  N N 337 
TRP H    H  N N 338 
TRP H2   H  N N 339 
TRP HA   H  N N 340 
TRP HB2  H  N N 341 
TRP HB3  H  N N 342 
TRP HD1  H  N N 343 
TRP HE1  H  N N 344 
TRP HE3  H  N N 345 
TRP HZ2  H  N N 346 
TRP HZ3  H  N N 347 
TRP HH2  H  N N 348 
TRP HXT  H  N N 349 
TYR N    N  N N 350 
TYR CA   C  N S 351 
TYR C    C  N N 352 
TYR O    O  N N 353 
TYR CB   C  N N 354 
TYR CG   C  Y N 355 
TYR CD1  C  Y N 356 
TYR CD2  C  Y N 357 
TYR CE1  C  Y N 358 
TYR CE2  C  Y N 359 
TYR CZ   C  Y N 360 
TYR OH   O  N N 361 
TYR OXT  O  N N 362 
TYR H    H  N N 363 
TYR H2   H  N N 364 
TYR HA   H  N N 365 
TYR HB2  H  N N 366 
TYR HB3  H  N N 367 
TYR HD1  H  N N 368 
TYR HD2  H  N N 369 
TYR HE1  H  N N 370 
TYR HE2  H  N N 371 
TYR HH   H  N N 372 
TYR HXT  H  N N 373 
VAL N    N  N N 374 
VAL CA   C  N S 375 
VAL C    C  N N 376 
VAL O    O  N N 377 
VAL CB   C  N N 378 
VAL CG1  C  N N 379 
VAL CG2  C  N N 380 
VAL OXT  O  N N 381 
VAL H    H  N N 382 
VAL H2   H  N N 383 
VAL HA   H  N N 384 
VAL HB   H  N N 385 
VAL HG11 H  N N 386 
VAL HG12 H  N N 387 
VAL HG13 H  N N 388 
VAL HG21 H  N N 389 
VAL HG22 H  N N 390 
VAL HG23 H  N N 391 
VAL HXT  H  N N 392 
# 
loop_
_chem_comp_bond.comp_id 
_chem_comp_bond.atom_id_1 
_chem_comp_bond.atom_id_2 
_chem_comp_bond.value_order 
_chem_comp_bond.pdbx_aromatic_flag 
_chem_comp_bond.pdbx_stereo_config 
_chem_comp_bond.pdbx_ordinal 
ALA N   CA   sing N N 1   
ALA N   H    sing N N 2   
ALA N   H2   sing N N 3   
ALA CA  C    sing N N 4   
ALA CA  CB   sing N N 5   
ALA CA  HA   sing N N 6   
ALA C   O    doub N N 7   
ALA C   OXT  sing N N 8   
ALA CB  HB1  sing N N 9   
ALA CB  HB2  sing N N 10  
ALA CB  HB3  sing N N 11  
ALA OXT HXT  sing N N 12  
ARG N   CA   sing N N 13  
ARG N   H    sing N N 14  
ARG N   H2   sing N N 15  
ARG CA  C    sing N N 16  
ARG CA  CB   sing N N 17  
ARG CA  HA   sing N N 18  
ARG C   O    doub N N 19  
ARG C   OXT  sing N N 20  
ARG CB  CG   sing N N 21  
ARG CB  HB2  sing N N 22  
ARG CB  HB3  sing N N 23  
ARG CG  CD   sing N N 24  
ARG CG  HG2  sing N N 25  
ARG CG  HG3  sing N N 26  
ARG CD  NE   sing N N 27  
ARG CD  HD2  sing N N 28  
ARG CD  HD3  sing N N 29  
ARG NE  CZ   sing N N 30  
ARG NE  HE   sing N N 31  
ARG CZ  NH1  sing N N 32  
ARG CZ  NH2  doub N N 33  
ARG NH1 HH11 sing N N 34  
ARG NH1 HH12 sing N N 35  
ARG NH2 HH21 sing N N 36  
ARG NH2 HH22 sing N N 37  
ARG OXT HXT  sing N N 38  
ASN N   CA   sing N N 39  
ASN N   H    sing N N 40  
ASN N   H2   sing N N 41  
ASN CA  C    sing N N 42  
ASN CA  CB   sing N N 43  
ASN CA  HA   sing N N 44  
ASN C   O    doub N N 45  
ASN C   OXT  sing N N 46  
ASN CB  CG   sing N N 47  
ASN CB  HB2  sing N N 48  
ASN CB  HB3  sing N N 49  
ASN CG  OD1  doub N N 50  
ASN CG  ND2  sing N N 51  
ASN ND2 HD21 sing N N 52  
ASN ND2 HD22 sing N N 53  
ASN OXT HXT  sing N N 54  
ASP N   CA   sing N N 55  
ASP N   H    sing N N 56  
ASP N   H2   sing N N 57  
ASP CA  C    sing N N 58  
ASP CA  CB   sing N N 59  
ASP CA  HA   sing N N 60  
ASP C   O    doub N N 61  
ASP C   OXT  sing N N 62  
ASP CB  CG   sing N N 63  
ASP CB  HB2  sing N N 64  
ASP CB  HB3  sing N N 65  
ASP CG  OD1  doub N N 66  
ASP CG  OD2  sing N N 67  
ASP OD2 HD2  sing N N 68  
ASP OXT HXT  sing N N 69  
CYS N   CA   sing N N 70  
CYS N   H    sing N N 71  
CYS N   H2   sing N N 72  
CYS CA  C    sing N N 73  
CYS CA  CB   sing N N 74  
CYS CA  HA   sing N N 75  
CYS C   O    doub N N 76  
CYS C   OXT  sing N N 77  
CYS CB  SG   sing N N 78  
CYS CB  HB2  sing N N 79  
CYS CB  HB3  sing N N 80  
CYS SG  HG   sing N N 81  
CYS OXT HXT  sing N N 82  
GLN N   CA   sing N N 83  
GLN N   H    sing N N 84  
GLN N   H2   sing N N 85  
GLN CA  C    sing N N 86  
GLN CA  CB   sing N N 87  
GLN CA  HA   sing N N 88  
GLN C   O    doub N N 89  
GLN C   OXT  sing N N 90  
GLN CB  CG   sing N N 91  
GLN CB  HB2  sing N N 92  
GLN CB  HB3  sing N N 93  
GLN CG  CD   sing N N 94  
GLN CG  HG2  sing N N 95  
GLN CG  HG3  sing N N 96  
GLN CD  OE1  doub N N 97  
GLN CD  NE2  sing N N 98  
GLN NE2 HE21 sing N N 99  
GLN NE2 HE22 sing N N 100 
GLN OXT HXT  sing N N 101 
GLU N   CA   sing N N 102 
GLU N   H    sing N N 103 
GLU N   H2   sing N N 104 
GLU CA  C    sing N N 105 
GLU CA  CB   sing N N 106 
GLU CA  HA   sing N N 107 
GLU C   O    doub N N 108 
GLU C   OXT  sing N N 109 
GLU CB  CG   sing N N 110 
GLU CB  HB2  sing N N 111 
GLU CB  HB3  sing N N 112 
GLU CG  CD   sing N N 113 
GLU CG  HG2  sing N N 114 
GLU CG  HG3  sing N N 115 
GLU CD  OE1  doub N N 116 
GLU CD  OE2  sing N N 117 
GLU OE2 HE2  sing N N 118 
GLU OXT HXT  sing N N 119 
GLY N   CA   sing N N 120 
GLY N   H    sing N N 121 
GLY N   H2   sing N N 122 
GLY CA  C    sing N N 123 
GLY CA  HA2  sing N N 124 
GLY CA  HA3  sing N N 125 
GLY C   O    doub N N 126 
GLY C   OXT  sing N N 127 
GLY OXT HXT  sing N N 128 
HIS N   CA   sing N N 129 
HIS N   H    sing N N 130 
HIS N   H2   sing N N 131 
HIS CA  C    sing N N 132 
HIS CA  CB   sing N N 133 
HIS CA  HA   sing N N 134 
HIS C   O    doub N N 135 
HIS C   OXT  sing N N 136 
HIS CB  CG   sing N N 137 
HIS CB  HB2  sing N N 138 
HIS CB  HB3  sing N N 139 
HIS CG  ND1  sing Y N 140 
HIS CG  CD2  doub Y N 141 
HIS ND1 CE1  doub Y N 142 
HIS ND1 HD1  sing N N 143 
HIS CD2 NE2  sing Y N 144 
HIS CD2 HD2  sing N N 145 
HIS CE1 NE2  sing Y N 146 
HIS CE1 HE1  sing N N 147 
HIS NE2 HE2  sing N N 148 
HIS OXT HXT  sing N N 149 
HOH O   H1   sing N N 150 
HOH O   H2   sing N N 151 
ILE N   CA   sing N N 152 
ILE N   H    sing N N 153 
ILE N   H2   sing N N 154 
ILE CA  C    sing N N 155 
ILE CA  CB   sing N N 156 
ILE CA  HA   sing N N 157 
ILE C   O    doub N N 158 
ILE C   OXT  sing N N 159 
ILE CB  CG1  sing N N 160 
ILE CB  CG2  sing N N 161 
ILE CB  HB   sing N N 162 
ILE CG1 CD1  sing N N 163 
ILE CG1 HG12 sing N N 164 
ILE CG1 HG13 sing N N 165 
ILE CG2 HG21 sing N N 166 
ILE CG2 HG22 sing N N 167 
ILE CG2 HG23 sing N N 168 
ILE CD1 HD11 sing N N 169 
ILE CD1 HD12 sing N N 170 
ILE CD1 HD13 sing N N 171 
ILE OXT HXT  sing N N 172 
LEU N   CA   sing N N 173 
LEU N   H    sing N N 174 
LEU N   H2   sing N N 175 
LEU CA  C    sing N N 176 
LEU CA  CB   sing N N 177 
LEU CA  HA   sing N N 178 
LEU C   O    doub N N 179 
LEU C   OXT  sing N N 180 
LEU CB  CG   sing N N 181 
LEU CB  HB2  sing N N 182 
LEU CB  HB3  sing N N 183 
LEU CG  CD1  sing N N 184 
LEU CG  CD2  sing N N 185 
LEU CG  HG   sing N N 186 
LEU CD1 HD11 sing N N 187 
LEU CD1 HD12 sing N N 188 
LEU CD1 HD13 sing N N 189 
LEU CD2 HD21 sing N N 190 
LEU CD2 HD22 sing N N 191 
LEU CD2 HD23 sing N N 192 
LEU OXT HXT  sing N N 193 
LYS N   CA   sing N N 194 
LYS N   H    sing N N 195 
LYS N   H2   sing N N 196 
LYS CA  C    sing N N 197 
LYS CA  CB   sing N N 198 
LYS CA  HA   sing N N 199 
LYS C   O    doub N N 200 
LYS C   OXT  sing N N 201 
LYS CB  CG   sing N N 202 
LYS CB  HB2  sing N N 203 
LYS CB  HB3  sing N N 204 
LYS CG  CD   sing N N 205 
LYS CG  HG2  sing N N 206 
LYS CG  HG3  sing N N 207 
LYS CD  CE   sing N N 208 
LYS CD  HD2  sing N N 209 
LYS CD  HD3  sing N N 210 
LYS CE  NZ   sing N N 211 
LYS CE  HE2  sing N N 212 
LYS CE  HE3  sing N N 213 
LYS NZ  HZ1  sing N N 214 
LYS NZ  HZ2  sing N N 215 
LYS NZ  HZ3  sing N N 216 
LYS OXT HXT  sing N N 217 
MET N   CA   sing N N 218 
MET N   H    sing N N 219 
MET N   H2   sing N N 220 
MET CA  C    sing N N 221 
MET CA  CB   sing N N 222 
MET CA  HA   sing N N 223 
MET C   O    doub N N 224 
MET C   OXT  sing N N 225 
MET CB  CG   sing N N 226 
MET CB  HB2  sing N N 227 
MET CB  HB3  sing N N 228 
MET CG  SD   sing N N 229 
MET CG  HG2  sing N N 230 
MET CG  HG3  sing N N 231 
MET SD  CE   sing N N 232 
MET CE  HE1  sing N N 233 
MET CE  HE2  sing N N 234 
MET CE  HE3  sing N N 235 
MET OXT HXT  sing N N 236 
PHE N   CA   sing N N 237 
PHE N   H    sing N N 238 
PHE N   H2   sing N N 239 
PHE CA  C    sing N N 240 
PHE CA  CB   sing N N 241 
PHE CA  HA   sing N N 242 
PHE C   O    doub N N 243 
PHE C   OXT  sing N N 244 
PHE CB  CG   sing N N 245 
PHE CB  HB2  sing N N 246 
PHE CB  HB3  sing N N 247 
PHE CG  CD1  doub Y N 248 
PHE CG  CD2  sing Y N 249 
PHE CD1 CE1  sing Y N 250 
PHE CD1 HD1  sing N N 251 
PHE CD2 CE2  doub Y N 252 
PHE CD2 HD2  sing N N 253 
PHE CE1 CZ   doub Y N 254 
PHE CE1 HE1  sing N N 255 
PHE CE2 CZ   sing Y N 256 
PHE CE2 HE2  sing N N 257 
PHE CZ  HZ   sing N N 258 
PHE OXT HXT  sing N N 259 
PRO N   CA   sing N N 260 
PRO N   CD   sing N N 261 
PRO N   H    sing N N 262 
PRO CA  C    sing N N 263 
PRO CA  CB   sing N N 264 
PRO CA  HA   sing N N 265 
PRO C   O    doub N N 266 
PRO C   OXT  sing N N 267 
PRO CB  CG   sing N N 268 
PRO CB  HB2  sing N N 269 
PRO CB  HB3  sing N N 270 
PRO CG  CD   sing N N 271 
PRO CG  HG2  sing N N 272 
PRO CG  HG3  sing N N 273 
PRO CD  HD2  sing N N 274 
PRO CD  HD3  sing N N 275 
PRO OXT HXT  sing N N 276 
SER N   CA   sing N N 277 
SER N   H    sing N N 278 
SER N   H2   sing N N 279 
SER CA  C    sing N N 280 
SER CA  CB   sing N N 281 
SER CA  HA   sing N N 282 
SER C   O    doub N N 283 
SER C   OXT  sing N N 284 
SER CB  OG   sing N N 285 
SER CB  HB2  sing N N 286 
SER CB  HB3  sing N N 287 
SER OG  HG   sing N N 288 
SER OXT HXT  sing N N 289 
THR N   CA   sing N N 290 
THR N   H    sing N N 291 
THR N   H2   sing N N 292 
THR CA  C    sing N N 293 
THR CA  CB   sing N N 294 
THR CA  HA   sing N N 295 
THR C   O    doub N N 296 
THR C   OXT  sing N N 297 
THR CB  OG1  sing N N 298 
THR CB  CG2  sing N N 299 
THR CB  HB   sing N N 300 
THR OG1 HG1  sing N N 301 
THR CG2 HG21 sing N N 302 
THR CG2 HG22 sing N N 303 
THR CG2 HG23 sing N N 304 
THR OXT HXT  sing N N 305 
TRP N   CA   sing N N 306 
TRP N   H    sing N N 307 
TRP N   H2   sing N N 308 
TRP CA  C    sing N N 309 
TRP CA  CB   sing N N 310 
TRP CA  HA   sing N N 311 
TRP C   O    doub N N 312 
TRP C   OXT  sing N N 313 
TRP CB  CG   sing N N 314 
TRP CB  HB2  sing N N 315 
TRP CB  HB3  sing N N 316 
TRP CG  CD1  doub Y N 317 
TRP CG  CD2  sing Y N 318 
TRP CD1 NE1  sing Y N 319 
TRP CD1 HD1  sing N N 320 
TRP CD2 CE2  doub Y N 321 
TRP CD2 CE3  sing Y N 322 
TRP NE1 CE2  sing Y N 323 
TRP NE1 HE1  sing N N 324 
TRP CE2 CZ2  sing Y N 325 
TRP CE3 CZ3  doub Y N 326 
TRP CE3 HE3  sing N N 327 
TRP CZ2 CH2  doub Y N 328 
TRP CZ2 HZ2  sing N N 329 
TRP CZ3 CH2  sing Y N 330 
TRP CZ3 HZ3  sing N N 331 
TRP CH2 HH2  sing N N 332 
TRP OXT HXT  sing N N 333 
TYR N   CA   sing N N 334 
TYR N   H    sing N N 335 
TYR N   H2   sing N N 336 
TYR CA  C    sing N N 337 
TYR CA  CB   sing N N 338 
TYR CA  HA   sing N N 339 
TYR C   O    doub N N 340 
TYR C   OXT  sing N N 341 
TYR CB  CG   sing N N 342 
TYR CB  HB2  sing N N 343 
TYR CB  HB3  sing N N 344 
TYR CG  CD1  doub Y N 345 
TYR CG  CD2  sing Y N 346 
TYR CD1 CE1  sing Y N 347 
TYR CD1 HD1  sing N N 348 
TYR CD2 CE2  doub Y N 349 
TYR CD2 HD2  sing N N 350 
TYR CE1 CZ   doub Y N 351 
TYR CE1 HE1  sing N N 352 
TYR CE2 CZ   sing Y N 353 
TYR CE2 HE2  sing N N 354 
TYR CZ  OH   sing N N 355 
TYR OH  HH   sing N N 356 
TYR OXT HXT  sing N N 357 
VAL N   CA   sing N N 358 
VAL N   H    sing N N 359 
VAL N   H2   sing N N 360 
VAL CA  C    sing N N 361 
VAL CA  CB   sing N N 362 
VAL CA  HA   sing N N 363 
VAL C   O    doub N N 364 
VAL C   OXT  sing N N 365 
VAL CB  CG1  sing N N 366 
VAL CB  CG2  sing N N 367 
VAL CB  HB   sing N N 368 
VAL CG1 HG11 sing N N 369 
VAL CG1 HG12 sing N N 370 
VAL CG1 HG13 sing N N 371 
VAL CG2 HG21 sing N N 372 
VAL CG2 HG22 sing N N 373 
VAL CG2 HG23 sing N N 374 
VAL OXT HXT  sing N N 375 
# 
_pdbx_audit_support.funding_organization   'Israel Science Foundation' 
_pdbx_audit_support.country                Israel 
_pdbx_audit_support.grant_number           2660/20 
_pdbx_audit_support.ordinal                1 
# 
_pdbx_initial_refinement_model.id               1 
_pdbx_initial_refinement_model.entity_id_list   ? 
_pdbx_initial_refinement_model.type             'in silico model' 
_pdbx_initial_refinement_model.source_name      AlphaFold 
_pdbx_initial_refinement_model.accession_code   ? 
_pdbx_initial_refinement_model.details          ? 
# 
_space_group.name_H-M_alt     'P 1 21 1' 
_space_group.name_Hall        'P 2yb' 
_space_group.IT_number        4 
_space_group.crystal_system   monoclinic 
_space_group.id               1 
# 
_atom_sites.entry_id                    8OV0 
_atom_sites.Cartn_transf_matrix[1][1]   ? 
_atom_sites.Cartn_transf_matrix[1][2]   ? 
_atom_sites.Cartn_transf_matrix[1][3]   ? 
_atom_sites.Cartn_transf_matrix[2][1]   ? 
_atom_sites.Cartn_transf_matrix[2][2]   ? 
_atom_sites.Cartn_transf_matrix[2][3]   ? 
_atom_sites.Cartn_transf_matrix[3][1]   ? 
_atom_sites.Cartn_transf_matrix[3][2]   ? 
_atom_sites.Cartn_transf_matrix[3][3]   ? 
_atom_sites.Cartn_transf_vector[1]      ? 
_atom_sites.Cartn_transf_vector[2]      ? 
_atom_sites.Cartn_transf_vector[3]      ? 
_atom_sites.fract_transf_matrix[1][1]   0.01618909 
_atom_sites.fract_transf_matrix[1][2]   0.00790442 
_atom_sites.fract_transf_matrix[1][3]   0.02733411 
_atom_sites.fract_transf_matrix[2][1]   -0.01610769 
_atom_sites.fract_transf_matrix[2][2]   0.04048758 
_atom_sites.fract_transf_matrix[2][3]   -0.00216807 
_atom_sites.fract_transf_matrix[3][1]   -0.01123882 
_atom_sites.fract_transf_matrix[3][2]   -0.00397018 
_atom_sites.fract_transf_matrix[3][3]   0.00935790 
_atom_sites.fract_transf_vector[1]      0.066555 
_atom_sites.fract_transf_vector[2]      -0.050472 
_atom_sites.fract_transf_vector[3]      0.252420 
_atom_sites.solution_primary            ? 
_atom_sites.solution_secondary          ? 
_atom_sites.solution_hydrogens          ? 
_atom_sites.special_details             ? 
# 
loop_
_atom_type.symbol 
_atom_type.scat_dispersion_real 
_atom_type.scat_dispersion_imag 
_atom_type.scat_Cromer_Mann_a1 
_atom_type.scat_Cromer_Mann_a2 
_atom_type.scat_Cromer_Mann_a3 
_atom_type.scat_Cromer_Mann_a4 
_atom_type.scat_Cromer_Mann_b1 
_atom_type.scat_Cromer_Mann_b2 
_atom_type.scat_Cromer_Mann_b3 
_atom_type.scat_Cromer_Mann_b4 
_atom_type.scat_Cromer_Mann_c 
_atom_type.scat_source 
_atom_type.scat_dispersion_source 
C  ? ? 3.54356  2.42580 ? ? 25.62398 1.50364  ? ? 0.0 
;2-Gaussian fit: Grosse-Kunstleve RW, Sauter NK, Adams PD: Newsletter of the IUCr Commission on Crystallographic Computing 2004, 3, 22-31.
;
? 
CA ? ? 16.26893 3.65395 ? ? 3.58509  77.28589 ? ? 0.0 
;2-Gaussian fit: Grosse-Kunstleve RW, Sauter NK, Adams PD: Newsletter of the IUCr Commission on Crystallographic Computing 2004, 3, 22-31.
;
? 
CL ? ? ?        ?       ? ? ?        ?        ? ? ?   ? ? 
N  ? ? 4.01032  2.96436 ? ? 19.97189 1.75589  ? ? 0.0 
;2-Gaussian fit: Grosse-Kunstleve RW, Sauter NK, Adams PD: Newsletter of the IUCr Commission on Crystallographic Computing 2004, 3, 22-31.
;
? 
O  ? ? 4.49882  3.47563 ? ? 15.80542 1.70748  ? ? 0.0 
;2-Gaussian fit: Grosse-Kunstleve RW, Sauter NK, Adams PD: Newsletter of the IUCr Commission on Crystallographic Computing 2004, 3, 22-31.
;
? 
S  ? ? 9.55732  6.39887 ? ? 1.23737  29.19336 ? ? 0.0 
;2-Gaussian fit: Grosse-Kunstleve RW, Sauter NK, Adams PD: Newsletter of the IUCr Commission on Crystallographic Computing 2004, 3, 22-31.
;
? 
# 
loop_
_atom_site.group_PDB 
_atom_site.id 
_atom_site.type_symbol 
_atom_site.label_atom_id 
_atom_site.label_alt_id 
_atom_site.label_comp_id 
_atom_site.label_asym_id 
_atom_site.label_entity_id 
_atom_site.label_seq_id 
_atom_site.pdbx_PDB_ins_code 
_atom_site.Cartn_x 
_atom_site.Cartn_y 
_atom_site.Cartn_z 
_atom_site.occupancy 
_atom_site.B_iso_or_equiv 
_atom_site.pdbx_formal_charge 
_atom_site.auth_seq_id 
_atom_site.auth_comp_id 
_atom_site.auth_asym_id 
_atom_site.auth_atom_id 
_atom_site.pdbx_PDB_model_num 
ATOM   1   N  N   . GLY A 1 1   ? -31.16137 -13.97562 8.49070   1.000 15.82209 ? 3516 GLY A N   1 
ATOM   2   C  CA  . GLY A 1 1   ? -31.21389 -15.16607 7.65949   1.000 17.20845 ? 3516 GLY A CA  1 
ATOM   3   C  C   . GLY A 1 1   ? -30.33649 -16.26791 8.20581   1.000 18.72850 ? 3516 GLY A C   1 
ATOM   4   O  O   . GLY A 1 1   ? -29.75275 -16.12808 9.28301   1.000 18.55742 ? 3516 GLY A O   1 
ATOM   5   N  N   . GLY A 1 2   ? -30.23797 -17.37010 7.47020   1.000 16.49232 ? 3517 GLY A N   1 
ATOM   6   C  CA  . GLY A 1 2   ? -29.46485 -18.49914 7.93617   1.000 15.72044 ? 3517 GLY A CA  1 
ATOM   7   C  C   . GLY A 1 2   ? -27.99804 -18.46931 7.58954   1.000 19.08054 ? 3517 GLY A C   1 
ATOM   8   O  O   . GLY A 1 2   ? -27.31789 -19.49166 7.73692   1.000 19.83132 ? 3517 GLY A O   1 
ATOM   9   N  N   . ARG A 1 3   ? -27.47663 -17.33653 7.13107   1.000 18.55182 ? 3518 ARG A N   1 
ATOM   10  C  CA  . ARG A 1 3   ? -26.05951 -17.23284 6.82636   1.000 18.37243 ? 3518 ARG A CA  1 
ATOM   11  C  C   . ARG A 1 3   ? -25.43922 -16.04577 7.55706   1.000 18.94266 ? 3518 ARG A C   1 
ATOM   12  O  O   . ARG A 1 3   ? -26.06324 -14.98781 7.70602   1.000 14.32790 ? 3518 ARG A O   1 
ATOM   13  C  CB  . ARG A 1 3   ? -25.82184 -17.10503 5.31230   1.000 14.50057 ? 3518 ARG A CB  1 
ATOM   14  C  CG  . ARG A 1 3   ? -26.18967 -18.34620 4.51597   1.000 25.92572 ? 3518 ARG A CG  1 
ATOM   15  N  N   . ASP A 1 4   ? -24.22062 -16.26680 8.05152   1.000 15.59965 ? 3519 ASP A N   1 
ATOM   16  C  CA  . ASP A 1 4   ? -23.29259 -15.21748 8.46950   1.000 18.38091 ? 3519 ASP A CA  1 
ATOM   17  C  C   . ASP A 1 4   ? -22.83662 -14.44196 7.24235   1.000 22.44605 ? 3519 ASP A C   1 
ATOM   18  O  O   . ASP A 1 4   ? -22.04281 -14.94385 6.44519   1.000 22.05847 ? 3519 ASP A O   1 
ATOM   19  C  CB  . ASP A 1 4   ? -22.11699 -15.85933 9.20419   1.000 17.60410 ? 3519 ASP A CB  1 
ATOM   20  C  CG  . ASP A 1 4   ? -21.09075 -14.85030 9.71928   1.000 17.02952 ? 3519 ASP A CG  1 
ATOM   21  O  OD1 . ASP A 1 4   ? -21.27070 -13.63668 9.50197   1.000 18.16076 ? 3519 ASP A OD1 1 
ATOM   22  O  OD2 . ASP A 1 4   ? -20.11272 -15.28742 10.36819  1.000 15.10317 ? 3519 ASP A OD2 1 
ATOM   23  N  N   . CYS A 1 5   ? -23.34296 -13.22406 7.09061   1.000 23.82204 ? 3520 CYS A N   1 
ATOM   24  C  CA  . CYS A 1 5   ? -23.06336 -12.39675 5.92738   1.000 28.22902 ? 3520 CYS A CA  1 
ATOM   25  C  C   . CYS A 1 5   ? -21.96350 -11.36558 6.10454   1.000 24.04180 ? 3520 CYS A C   1 
ATOM   26  O  O   . CYS A 1 5   ? -21.75176 -10.56984 5.18081   1.000 26.92906 ? 3520 CYS A O   1 
ATOM   27  C  CB  . CYS A 1 5   ? -24.32762 -11.68247 5.46876   1.000 31.88817 ? 3520 CYS A CB  1 
ATOM   28  S  SG  . CYS A 1 5   ? -25.51557 -12.78962 4.78217   1.000 40.19689 ? 3520 CYS A SG  1 
ATOM   29  N  N   . HIS A 1 6   ? -21.25899 -11.33866 7.22863   1.000 20.37534 ? 3521 HIS A N   1 
ATOM   30  C  CA  . HIS A 1 6   ? -20.21964 -10.32659 7.34355   1.000 21.24222 ? 3521 HIS A CA  1 
ATOM   31  C  C   . HIS A 1 6   ? -19.07932 -10.65942 6.38005   1.000 24.00047 ? 3521 HIS A C   1 
ATOM   32  O  O   . HIS A 1 6   ? -18.84432 -11.82823 6.06823   1.000 21.82922 ? 3521 HIS A O   1 
ATOM   33  C  CB  . HIS A 1 6   ? -19.71183 -10.19794 8.78341   1.000 21.73062 ? 3521 HIS A CB  1 
ATOM   34  C  CG  . HIS A 1 6   ? -18.61832 -11.15428 9.15965   1.000 27.31232 ? 3521 HIS A CG  1 
ATOM   35  N  ND1 . HIS A 1 6   ? -18.86155 -12.45107 9.56197   1.000 27.41705 ? 3521 HIS A ND1 1 
ATOM   36  C  CD2 . HIS A 1 6   ? -17.27664 -10.98249 9.24124   1.000 25.17480 ? 3521 HIS A CD2 1 
ATOM   37  C  CE1 . HIS A 1 6   ? -17.71692 -13.04260 9.85646   1.000 17.92733 ? 3521 HIS A CE1 1 
ATOM   38  N  NE2 . HIS A 1 6   ? -16.73811 -12.17275 9.66835   1.000 19.65546 ? 3521 HIS A NE2 1 
ATOM   39  N  N   . PRO A 1 7   ? -18.38554 -9.64518  5.86113   1.000 17.25669 ? 3522 PRO A N   1 
ATOM   40  C  CA  . PRO A 1 7   ? -17.40057 -9.89679  4.80621   1.000 21.27051 ? 3522 PRO A CA  1 
ATOM   41  C  C   . PRO A 1 7   ? -16.30226 -10.83905 5.27575   1.000 17.79705 ? 3522 PRO A C   1 
ATOM   42  O  O   . PRO A 1 7   ? -15.89109 -10.81664 6.43800   1.000 21.74389 ? 3522 PRO A O   1 
ATOM   43  C  CB  . PRO A 1 7   ? -16.84400 -8.50133  4.50936   1.000 22.91819 ? 3522 PRO A CB  1 
ATOM   44  C  CG  . PRO A 1 7   ? -17.96425 -7.58220  4.85192   1.000 26.85964 ? 3522 PRO A CG  1 
ATOM   45  C  CD  . PRO A 1 7   ? -18.63071 -8.20623  6.05408   1.000 25.05116 ? 3522 PRO A CD  1 
ATOM   46  N  N   . ARG A 1 8   ? -15.84171 -11.67974 4.35455   1.000 20.54126 ? 3523 ARG A N   1 
ATOM   47  C  CA  . ARG A 1 8   ? -14.63954 -12.47345 4.55029   1.000 17.35199 ? 3523 ARG A CA  1 
ATOM   48  C  C   . ARG A 1 8   ? -13.46031 -11.65627 4.04391   1.000 16.78623 ? 3523 ARG A C   1 
ATOM   49  O  O   . ARG A 1 8   ? -13.47004 -11.18568 2.90277   1.000 16.52828 ? 3523 ARG A O   1 
ATOM   50  C  CB  . ARG A 1 8   ? -14.73285 -13.80529 3.80362   1.000 23.56520 ? 3523 ARG A CB  1 
ATOM   51  N  N   . CYS A 1 9   ? -12.46611 -11.46922 4.89675   1.000 18.80057 ? 3524 CYS A N   1 
ATOM   52  C  CA  . CYS A 1 9   ? -11.37317 -10.54997 4.62244   1.000 19.18588 ? 3524 CYS A CA  1 
ATOM   53  C  C   . CYS A 1 9   ? -10.04818 -11.29071 4.72906   1.000 21.27905 ? 3524 CYS A C   1 
ATOM   54  O  O   . CYS A 1 9   ? -9.83086  -12.05822 5.67374   1.000 21.12135 ? 3524 CYS A O   1 
ATOM   55  C  CB  . CYS A 1 9   ? -11.42233 -9.37389  5.59396   1.000 21.03174 ? 3524 CYS A CB  1 
ATOM   56  S  SG  . CYS A 1 9   ? -12.92330 -8.36355  5.40369   1.000 23.06888 ? 3524 CYS A SG  1 
ATOM   57  N  N   A THR A 1 10  ? -9.16108  -11.04654 3.75824   0.620 14.85624 ? 3525 THR A N   1 
ATOM   58  N  N   B THR A 1 10  ? -9.17877  -11.07796 3.75098   0.380 14.92013 ? 3525 THR A N   1 
ATOM   59  C  CA  A THR A 1 10  ? -7.86660  -11.71615 3.64564   0.620 15.96810 ? 3525 THR A CA  1 
ATOM   60  C  CA  B THR A 1 10  ? -7.85890  -11.68115 3.76402   0.380 15.97121 ? 3525 THR A CA  1 
ATOM   61  C  C   A THR A 1 10  ? -6.80741  -10.68799 3.26709   0.620 14.05995 ? 3525 THR A C   1 
ATOM   62  C  C   B THR A 1 10  ? -6.84860  -10.62049 3.36416   0.380 14.14731 ? 3525 THR A C   1 
ATOM   63  O  O   A THR A 1 10  ? -7.01695  -9.91881  2.32469   0.620 15.43932 ? 3525 THR A O   1 
ATOM   64  O  O   B THR A 1 10  ? -7.14468  -9.74805  2.54244   0.380 15.69900 ? 3525 THR A O   1 
ATOM   65  C  CB  A THR A 1 10  ? -7.90240  -12.81578 2.57065   0.620 17.80100 ? 3525 THR A CB  1 
ATOM   66  C  CB  B THR A 1 10  ? -7.77995  -12.89124 2.82095   0.380 17.61903 ? 3525 THR A CB  1 
ATOM   67  O  OG1 A THR A 1 10  ? -8.89208  -13.80270 2.89568   0.620 17.93872 ? 3525 THR A OG1 1 
ATOM   68  O  OG1 B THR A 1 10  ? -6.53663  -13.57426 3.01731   0.380 19.51263 ? 3525 THR A OG1 1 
ATOM   69  C  CG2 A THR A 1 10  ? -6.54757  -13.48421 2.44428   0.620 20.16711 ? 3525 THR A CG2 1 
ATOM   70  C  CG2 B THR A 1 10  ? -7.90298  -12.45785 1.36660   0.380 18.08286 ? 3525 THR A CG2 1 
ATOM   71  N  N   . TRP A 1 11  ? -5.67370  -10.67501 3.97464   1.000 13.96186 ? 3526 TRP A N   1 
ATOM   72  C  CA  . TRP A 1 11  ? -4.59113  -9.76578  3.61735   1.000 11.55115 ? 3526 TRP A CA  1 
ATOM   73  C  C   . TRP A 1 11  ? -3.76274  -10.30353 2.46290   1.000 13.26308 ? 3526 TRP A C   1 
ATOM   74  O  O   . TRP A 1 11  ? -3.44796  -11.49841 2.39733   1.000 13.36184 ? 3526 TRP A O   1 
ATOM   75  C  CB  . TRP A 1 11  ? -3.65059  -9.48001  4.79163   1.000 16.36710 ? 3526 TRP A CB  1 
ATOM   76  C  CG  . TRP A 1 11  ? -4.18706  -8.64008  5.88870   1.000 15.01938 ? 3526 TRP A CG  1 
ATOM   77  C  CD1 . TRP A 1 11  ? -4.74490  -9.06477  7.05367   1.000 16.94949 ? 3526 TRP A CD1 1 
ATOM   78  C  CD2 . TRP A 1 11  ? -4.22236  -7.20722  5.92253   1.000 16.65490 ? 3526 TRP A CD2 1 
ATOM   79  N  NE1 . TRP A 1 11  ? -5.11412  -7.98581  7.82045   1.000 20.54707 ? 3526 TRP A NE1 1 
ATOM   80  C  CE2 . TRP A 1 11  ? -4.80568  -6.83335  7.14854   1.000 18.43999 ? 3526 TRP A CE2 1 
ATOM   81  C  CE3 . TRP A 1 11  ? -3.80820  -6.20669  5.03922   1.000 12.27591 ? 3526 TRP A CE3 1 
ATOM   82  C  CZ2 . TRP A 1 11  ? -4.98889  -5.49913  7.51665   1.000 18.62191 ? 3526 TRP A CZ2 1 
ATOM   83  C  CZ3 . TRP A 1 11  ? -3.99576  -4.87636  5.40221   1.000 16.06716 ? 3526 TRP A CZ3 1 
ATOM   84  C  CH2 . TRP A 1 11  ? -4.57966  -4.53456  6.63104   1.000 13.57201 ? 3526 TRP A CH2 1 
ATOM   85  N  N   . THR A 1 12  ? -3.35366  -9.39437  1.58161   1.000 12.21082 ? 3527 THR A N   1 
ATOM   86  C  CA  . THR A 1 12  ? -2.42136  -9.76468  0.53897   1.000 11.06973 ? 3527 THR A CA  1 
ATOM   87  C  C   . THR A 1 12  ? -1.03804  -9.92053  1.13722   1.000 11.29360 ? 3527 THR A C   1 
ATOM   88  O  O   . THR A 1 12  ? -0.76485  -9.50760  2.26895   1.000 10.59391 ? 3527 THR A O   1 
ATOM   89  C  CB  . THR A 1 12  ? -2.32459  -8.69572  -0.54957  1.000 11.46366 ? 3527 THR A CB  1 
ATOM   90  O  OG1 . THR A 1 12  ? -1.82572  -7.47346  0.02739   1.000 10.51970 ? 3527 THR A OG1 1 
ATOM   91  C  CG2 . THR A 1 12  ? -3.69778  -8.41358  -1.13588  1.000 12.73434 ? 3527 THR A CG2 1 
ATOM   92  N  N   . LYS A 1 13  ? -0.13341  -10.45326 0.32702   1.000 11.49134 ? 3528 LYS A N   1 
ATOM   93  C  CA  . LYS A 1 13  ? 1.26261   -10.28229 0.65287   1.000 11.93566 ? 3528 LYS A CA  1 
ATOM   94  C  C   . LYS A 1 13  ? 1.62542   -8.80360  0.57405   1.000 12.26490 ? 3528 LYS A C   1 
ATOM   95  O  O   . LYS A 1 13  ? 0.84215   -7.96039  0.11385   1.000 10.40813 ? 3528 LYS A O   1 
ATOM   96  C  CB  . LYS A 1 13  ? 2.12970   -11.09245 -0.30329  1.000 16.15529 ? 3528 LYS A CB  1 
ATOM   97  C  CG  . LYS A 1 13  ? 2.15463   -10.50954 -1.70882  1.000 11.51963 ? 3528 LYS A CG  1 
ATOM   98  C  CD  . LYS A 1 13  ? 3.14172   -11.26767 -2.58565  1.000 21.40072 ? 3528 LYS A CD  1 
ATOM   99  C  CE  . LYS A 1 13  ? 3.68146   -10.35365 -3.66849  1.000 26.35102 ? 3528 LYS A CE  1 
ATOM   100 N  NZ  . LYS A 1 13  ? 5.14447   -10.08151 -3.45933  1.000 29.54036 ? 3528 LYS A NZ  1 
ATOM   101 N  N   . TRP A 1 14  ? 2.83623   -8.49685  1.02678   1.000 10.83563 ? 3529 TRP A N   1 
ATOM   102 C  CA  . TRP A 1 14  ? 3.39158   -7.14805  0.91994   1.000 10.21649 ? 3529 TRP A CA  1 
ATOM   103 C  C   . TRP A 1 14  ? 4.02284   -6.94945  -0.45393  1.000 10.16984 ? 3529 TRP A C   1 
ATOM   104 O  O   . TRP A 1 14  ? 4.78538   -7.80126  -0.93555  1.000 11.07172 ? 3529 TRP A O   1 
ATOM   105 C  CB  . TRP A 1 14  ? 4.44311   -6.91949  2.01349   1.000 8.03576  ? 3529 TRP A CB  1 
ATOM   106 C  CG  . TRP A 1 14  ? 3.89873   -6.81061  3.40497   1.000 11.48795 ? 3529 TRP A CG  1 
ATOM   107 C  CD1 . TRP A 1 14  ? 3.74523   -7.82176  4.29837   1.000 11.83434 ? 3529 TRP A CD1 1 
ATOM   108 C  CD2 . TRP A 1 14  ? 3.52062   -5.60816  4.09121   1.000 10.41950 ? 3529 TRP A CD2 1 
ATOM   109 N  NE1 . TRP A 1 14  ? 3.24537   -7.33535  5.48750   1.000 10.91300 ? 3529 TRP A NE1 1 
ATOM   110 C  CE2 . TRP A 1 14  ? 3.11316   -5.97723  5.38734   1.000 10.86114 ? 3529 TRP A CE2 1 
ATOM   111 C  CE3 . TRP A 1 14  ? 3.48301   -4.25418  3.73253   1.000 8.31740  ? 3529 TRP A CE3 1 
ATOM   112 C  CZ2 . TRP A 1 14  ? 2.65923   -5.05024  6.31979   1.000 11.35290 ? 3529 TRP A CZ2 1 
ATOM   113 C  CZ3 . TRP A 1 14  ? 3.02754   -3.33044  4.66286   1.000 12.09783 ? 3529 TRP A CZ3 1 
ATOM   114 C  CH2 . TRP A 1 14  ? 2.62183   -3.73277  5.93767   1.000 10.54674 ? 3529 TRP A CH2 1 
ATOM   115 N  N   . PHE A 1 15  ? 3.70921   -5.82035  -1.07843  1.000 9.16862  ? 3530 PHE A N   1 
ATOM   116 C  CA  . PHE A 1 15  ? 4.17479   -5.48611  -2.40977  1.000 8.99052  ? 3530 PHE A CA  1 
ATOM   117 C  C   . PHE A 1 15  ? 5.24612   -4.40995  -2.33455  1.000 7.08254  ? 3530 PHE A C   1 
ATOM   118 O  O   . PHE A 1 15  ? 5.13517   -3.44770  -1.56445  1.000 11.15314 ? 3530 PHE A O   1 
ATOM   119 C  CB  . PHE A 1 15  ? 3.03249   -4.95936  -3.27851  1.000 8.21986  ? 3530 PHE A CB  1 
ATOM   120 C  CG  . PHE A 1 15  ? 1.86655   -5.89357  -3.38962  1.000 7.40298  ? 3530 PHE A CG  1 
ATOM   121 C  CD1 . PHE A 1 15  ? 1.92706   -7.00093  -4.19889  1.000 10.34322 ? 3530 PHE A CD1 1 
ATOM   122 C  CD2 . PHE A 1 15  ? 0.70566   -5.63353  -2.68572  1.000 9.23979  ? 3530 PHE A CD2 1 
ATOM   123 C  CE1 . PHE A 1 15  ? 0.82661   -7.85230  -4.30450  1.000 10.90456 ? 3530 PHE A CE1 1 
ATOM   124 C  CE2 . PHE A 1 15  ? -0.39249  -6.47467  -2.77536  1.000 11.84288 ? 3530 PHE A CE2 1 
ATOM   125 C  CZ  . PHE A 1 15  ? -0.32595  -7.58573  -3.58591  1.000 10.38104 ? 3530 PHE A CZ  1 
ATOM   126 N  N   . ASP A 1 16  ? 6.26381   -4.54436  -3.17658  1.000 8.81319  ? 3531 ASP A N   1 
ATOM   127 C  CA  . ASP A 1 16  ? 7.35240   -3.57438  -3.20628  1.000 8.50092  ? 3531 ASP A CA  1 
ATOM   128 C  C   . ASP A 1 16  ? 7.82121   -3.53858  -4.66185  1.000 8.65576  ? 3531 ASP A C   1 
ATOM   129 O  O   . ASP A 1 16  ? 8.76862   -4.22194  -5.06454  1.000 7.90772  ? 3531 ASP A O   1 
ATOM   130 C  CB  . ASP A 1 16  ? 8.48586   -3.96294  -2.25468  1.000 9.13245  ? 3531 ASP A CB  1 
ATOM   131 C  CG  . ASP A 1 16  ? 9.58170   -2.92466  -2.19282  1.000 13.06668 ? 3531 ASP A CG  1 
ATOM   132 O  OD1 . ASP A 1 16  ? 9.46779   -1.86995  -2.83730  1.000 11.06936 ? 3531 ASP A OD1 1 
ATOM   133 O  OD2 . ASP A 1 16  ? 10.60264  -3.19854  -1.54159  1.000 10.82130 ? 3531 ASP A OD2 1 
ATOM   134 N  N   . VAL A 1 17  ? 7.10588   -2.77022  -5.48655  1.000 9.44647  ? 3532 VAL A N   1 
ATOM   135 C  CA  . VAL A 1 17  ? 7.36826   -2.80200  -6.92218  1.000 8.45119  ? 3532 VAL A CA  1 
ATOM   136 C  C   . VAL A 1 17  ? 8.20786   -1.62711  -7.40182  1.000 8.52452  ? 3532 VAL A C   1 
ATOM   137 O  O   . VAL A 1 17  ? 8.66481   -1.63921  -8.55680  1.000 12.20120 ? 3532 VAL A O   1 
ATOM   138 C  CB  . VAL A 1 17  ? 6.05644   -2.85387  -7.73006  1.000 7.10157  ? 3532 VAL A CB  1 
ATOM   139 C  CG1 . VAL A 1 17  ? 5.28871   -4.11648  -7.38418  1.000 11.43638 ? 3532 VAL A CG1 1 
ATOM   140 C  CG2 . VAL A 1 17  ? 5.22782   -1.58463  -7.51435  1.000 7.53439  ? 3532 VAL A CG2 1 
ATOM   141 N  N   . ASP A 1 18  ? 8.41339   -0.60285  -6.57683  1.000 6.47908  ? 3533 ASP A N   1 
ATOM   142 C  CA  . ASP A 1 18  ? 9.18483   0.55993   -6.97886  1.000 7.41521  ? 3533 ASP A CA  1 
ATOM   143 C  C   . ASP A 1 18  ? 10.31108  0.72813   -5.95935  1.000 10.11048 ? 3533 ASP A C   1 
ATOM   144 O  O   . ASP A 1 18  ? 10.24808  0.19039   -4.84797  1.000 13.03755 ? 3533 ASP A O   1 
ATOM   145 C  CB  . ASP A 1 18  ? 8.26062   1.80275   -7.08833  1.000 11.02497 ? 3533 ASP A CB  1 
ATOM   146 C  CG  . ASP A 1 18  ? 8.95663   3.03030   -7.62577  1.000 12.88037 ? 3533 ASP A CG  1 
ATOM   147 O  OD1 . ASP A 1 18  ? 9.97230   2.88631   -8.33683  1.000 14.36839 ? 3533 ASP A OD1 1 
ATOM   148 O  OD2 . ASP A 1 18  ? 8.38866   4.14635   -7.48056  1.000 11.12214 ? 3533 ASP A OD2 1 
ATOM   149 N  N   . PHE A 1 19  ? 11.38433  1.39896   -6.36838  1.000 10.44419 ? 3534 PHE A N   1 
ATOM   150 C  CA  . PHE A 1 19  ? 12.52813  1.61487   -5.47306  1.000 11.84273 ? 3534 PHE A CA  1 
ATOM   151 C  C   . PHE A 1 19  ? 12.98344  3.05260   -5.69783  1.000 10.28050 ? 3534 PHE A C   1 
ATOM   152 O  O   . PHE A 1 19  ? 13.17695  3.45960   -6.85577  1.000 13.68830 ? 3534 PHE A O   1 
ATOM   153 C  CB  . PHE A 1 19  ? 13.65564  0.62535   -5.76933  1.000 10.83615 ? 3534 PHE A CB  1 
ATOM   154 C  CG  . PHE A 1 19  ? 14.71173  0.56285   -4.69975  1.000 14.71332 ? 3534 PHE A CG  1 
ATOM   155 C  CD1 . PHE A 1 19  ? 14.54112  -0.25318  -3.59605  1.000 14.17166 ? 3534 PHE A CD1 1 
ATOM   156 C  CD2 . PHE A 1 19  ? 15.87777  1.29532   -4.81223  1.000 20.81985 ? 3534 PHE A CD2 1 
ATOM   157 C  CE1 . PHE A 1 19  ? 15.50483  -0.33020  -2.61421  1.000 17.74153 ? 3534 PHE A CE1 1 
ATOM   158 C  CE2 . PHE A 1 19  ? 16.84794  1.22674   -3.82413  1.000 23.96162 ? 3534 PHE A CE2 1 
ATOM   159 C  CZ  . PHE A 1 19  ? 16.65861  0.40596   -2.72992  1.000 24.94020 ? 3534 PHE A CZ  1 
ATOM   160 N  N   . PRO A 1 20  ? 13.17479  3.84662   -4.64302  1.000 11.33134 ? 3535 PRO A N   1 
ATOM   161 C  CA  . PRO A 1 20  ? 13.46103  5.26725   -4.85789  1.000 14.85378 ? 3535 PRO A CA  1 
ATOM   162 C  C   . PRO A 1 20  ? 14.84196  5.49348   -5.44984  1.000 13.05298 ? 3535 PRO A C   1 
ATOM   163 O  O   . PRO A 1 20  ? 15.79756  4.77991   -5.14279  1.000 16.38152 ? 3535 PRO A O   1 
ATOM   164 C  CB  . PRO A 1 20  ? 13.33286  5.86597   -3.45234  1.000 15.02314 ? 3535 PRO A CB  1 
ATOM   165 C  CG  . PRO A 1 20  ? 13.69572  4.74840   -2.54235  1.000 15.13399 ? 3535 PRO A CG  1 
ATOM   166 C  CD  . PRO A 1 20  ? 13.13306  3.50168   -3.21073  1.000 15.00052 ? 3535 PRO A CD  1 
ATOM   167 N  N   . SER A 1 21  ? 14.92879  6.48970   -6.33325  1.000 14.96947 ? 3536 SER A N   1 
ATOM   168 C  CA  . SER A 1 21  ? 16.19834  7.02179   -6.80779  1.000 16.61238 ? 3536 SER A CA  1 
ATOM   169 C  C   . SER A 1 21  ? 16.28426  8.51055   -6.46869  1.000 22.92082 ? 3536 SER A C   1 
ATOM   170 O  O   . SER A 1 21  ? 15.24764  9.15112   -6.26325  1.000 18.99059 ? 3536 SER A O   1 
ATOM   171 C  CB  . SER A 1 21  ? 16.34836  6.78567   -8.32055  1.000 21.04574 ? 3536 SER A CB  1 
ATOM   172 O  OG  . SER A 1 21  ? 15.35542  7.47423   -9.06069  1.000 30.98693 ? 3536 SER A OG  1 
ATOM   173 N  N   . PRO A 1 22  ? 17.48974  9.07556   -6.33834  1.000 19.01629 ? 3537 PRO A N   1 
ATOM   174 C  CA  . PRO A 1 22  ? 17.60948  10.46637  -5.86781  1.000 15.57368 ? 3537 PRO A CA  1 
ATOM   175 C  C   . PRO A 1 22  ? 17.14889  11.47055  -6.91468  1.000 18.75310 ? 3537 PRO A C   1 
ATOM   176 O  O   . PRO A 1 22  ? 16.96157  11.17243  -8.09355  1.000 17.89717 ? 3537 PRO A O   1 
ATOM   177 C  CB  . PRO A 1 22  ? 19.10272  10.65486  -5.56548  1.000 23.80736 ? 3537 PRO A CB  1 
ATOM   178 C  CG  . PRO A 1 22  ? 19.75824  9.34618   -5.82013  1.000 25.77980 ? 3537 PRO A CG  1 
ATOM   179 C  CD  . PRO A 1 22  ? 18.79543  8.40004   -6.45122  1.000 16.82565 ? 3537 PRO A CD  1 
ATOM   180 N  N   . GLY A 1 23  ? 16.97107  12.69661  -6.44608  1.000 16.46970 ? 3538 GLY A N   1 
ATOM   181 C  CA  . GLY A 1 23  ? 16.65635  13.80500  -7.31267  1.000 13.09034 ? 3538 GLY A CA  1 
ATOM   182 C  C   . GLY A 1 23  ? 15.26202  14.31703  -7.04313  1.000 17.29592 ? 3538 GLY A C   1 
ATOM   183 O  O   . GLY A 1 23  ? 14.40813  13.61347  -6.48922  1.000 15.38294 ? 3538 GLY A O   1 
ATOM   184 N  N   . PRO A 1 24  ? 15.00292  15.56018  -7.45368  1.000 13.79374 ? 3539 PRO A N   1 
ATOM   185 C  CA  . PRO A 1 24  ? 13.72184  16.20570  -7.12303  1.000 21.92093 ? 3539 PRO A CA  1 
ATOM   186 C  C   . PRO A 1 24  ? 12.49944  15.57967  -7.77346  1.000 18.57692 ? 3539 PRO A C   1 
ATOM   187 O  O   . PRO A 1 24  ? 11.37329  15.92069  -7.38892  1.000 20.37707 ? 3539 PRO A O   1 
ATOM   188 C  CB  . PRO A 1 24  ? 13.93920  17.65101  -7.59258  1.000 22.45940 ? 3539 PRO A CB  1 
ATOM   189 C  CG  . PRO A 1 24  ? 14.91141  17.53102  -8.69799  1.000 21.91551 ? 3539 PRO A CG  1 
ATOM   190 C  CD  . PRO A 1 24  ? 15.85673  16.41834  -8.29192  1.000 17.69825 ? 3539 PRO A CD  1 
ATOM   191 N  N   . HIS A 1 25  ? 12.64649  14.66554  -8.71764  1.000 17.77643 ? 3540 HIS A N   1 
ATOM   192 C  CA  . HIS A 1 25  ? 11.45886  14.02541  -9.25915  1.000 18.90270 ? 3540 HIS A CA  1 
ATOM   193 C  C   . HIS A 1 25  ? 11.41915  12.52678  -8.97801  1.000 16.70511 ? 3540 HIS A C   1 
ATOM   194 O  O   . HIS A 1 25  ? 10.56510  11.82028  -9.52423  1.000 22.50973 ? 3540 HIS A O   1 
ATOM   195 C  CB  . HIS A 1 25  ? 11.35359  14.36519  -10.74199 1.000 28.88597 ? 3540 HIS A CB  1 
ATOM   196 C  CG  . HIS A 1 25  ? 11.00859  15.80530  -10.96997 1.000 26.69994 ? 3540 HIS A CG  1 
ATOM   197 N  ND1 . HIS A 1 25  ? 9.80102   16.34667  -10.58502 1.000 30.83108 ? 3540 HIS A ND1 1 
ATOM   198 C  CD2 . HIS A 1 25  ? 11.73977  16.83376  -11.46197 1.000 26.44232 ? 3540 HIS A CD2 1 
ATOM   199 C  CE1 . HIS A 1 25  ? 9.78493   17.63575  -10.87194 1.000 30.50387 ? 3540 HIS A CE1 1 
ATOM   200 N  NE2 . HIS A 1 25  ? 10.94965  17.95701  -11.40359 1.000 27.32775 ? 3540 HIS A NE2 1 
ATOM   201 N  N   . GLY A 1 26  ? 12.27891  12.03087  -8.08683  1.000 14.69164 ? 3541 GLY A N   1 
ATOM   202 C  CA  . GLY A 1 26  ? 12.21690  10.64647  -7.66891  1.000 14.94854 ? 3541 GLY A CA  1 
ATOM   203 C  C   . GLY A 1 26  ? 11.24638  10.43361  -6.51726  1.000 14.34380 ? 3541 GLY A C   1 
ATOM   204 O  O   . GLY A 1 26  ? 10.64439  11.36132  -5.97524  1.000 10.12494 ? 3541 GLY A O   1 
ATOM   205 N  N   . GLY A 1 27  ? 11.10973  9.17434   -6.13449  1.000 10.09203 ? 3542 GLY A N   1 
ATOM   206 C  CA  . GLY A 1 27  ? 10.21539  8.81630   -5.05476  1.000 10.28871 ? 3542 GLY A CA  1 
ATOM   207 C  C   . GLY A 1 27  ? 9.98054   7.32060   -5.06365  1.000 8.76542  ? 3542 GLY A C   1 
ATOM   208 O  O   . GLY A 1 27  ? 10.72180  6.56270   -5.68823  1.000 12.53518 ? 3542 GLY A O   1 
ATOM   209 N  N   . ASP A 1 28  ? 8.93475   6.91504   -4.34474  1.000 5.95148  ? 3543 ASP A N   1 
ATOM   210 C  CA  . ASP A 1 28  ? 8.54641   5.50840   -4.24902  1.000 7.02185  ? 3543 ASP A CA  1 
ATOM   211 C  C   . ASP A 1 28  ? 7.03968   5.49417   -4.43819  1.000 7.99883  ? 3543 ASP A C   1 
ATOM   212 O  O   . ASP A 1 28  ? 6.31021   6.07145   -3.62840  1.000 10.24407 ? 3543 ASP A O   1 
ATOM   213 C  CB  . ASP A 1 28  ? 8.94916   4.89806   -2.89850  1.000 8.98322  ? 3543 ASP A CB  1 
ATOM   214 C  CG  . ASP A 1 28  ? 8.97912   3.37064   -2.91702  1.000 13.36551 ? 3543 ASP A CG  1 
ATOM   215 O  OD1 . ASP A 1 28  ? 9.26624   2.80279   -3.98832  1.000 14.38071 ? 3543 ASP A OD1 1 
ATOM   216 O  OD2 . ASP A 1 28  ? 8.73348   2.73408   -1.87084  1.000 9.05687  ? 3543 ASP A OD2 1 
ATOM   217 N  N   . LYS A 1 29  ? 6.57565   4.88627   -5.52568  1.000 8.03095  ? 3544 LYS A N   1 
ATOM   218 C  CA  . LYS A 1 29  ? 5.16472   4.92169   -5.91212  1.000 10.03398 ? 3544 LYS A CA  1 
ATOM   219 C  C   . LYS A 1 29  ? 4.62502   3.49496   -5.86667  1.000 10.72841 ? 3544 LYS A C   1 
ATOM   220 O  O   . LYS A 1 29  ? 4.65082   2.77775   -6.87078  1.000 10.44066 ? 3544 LYS A O   1 
ATOM   221 C  CB  . LYS A 1 29  ? 4.96839   5.56006   -7.32141  1.000 9.43563  ? 3544 LYS A CB  1 
ATOM   222 C  CG  . LYS A 1 29  ? 5.75512   6.84849   -7.60094  1.000 21.17036 ? 3544 LYS A CG  1 
ATOM   223 C  CD  . LYS A 1 29  ? 5.56786   7.86665   -6.47876  1.000 20.08298 ? 3544 LYS A CD  1 
ATOM   224 C  CE  . LYS A 1 29  ? 6.31293   9.19417   -6.72842  1.000 22.37436 ? 3544 LYS A CE  1 
ATOM   225 N  NZ  . LYS A 1 29  ? 6.15402   9.64537   -8.14615  1.000 27.96695 ? 3544 LYS A NZ  1 
ATOM   226 N  N   . GLU A 1 30  ? 4.16724   3.07891   -4.68608  1.000 8.13496  ? 3545 GLU A N   1 
ATOM   227 C  CA  . GLU A 1 30  ? 3.55233   1.76522   -4.50870  1.000 6.79016  ? 3545 GLU A CA  1 
ATOM   228 C  C   . GLU A 1 30  ? 2.04278   1.89207   -4.67132  1.000 7.57500  ? 3545 GLU A C   1 
ATOM   229 O  O   . GLU A 1 30  ? 1.25668   1.64392   -3.76593  1.000 9.58442  ? 3545 GLU A O   1 
ATOM   230 C  CB  . GLU A 1 30  ? 3.92001   1.17028   -3.15247  1.000 9.99216  ? 3545 GLU A CB  1 
ATOM   231 C  CG  . GLU A 1 30  ? 5.40202   1.02651   -2.92454  1.000 11.04015 ? 3545 GLU A CG  1 
ATOM   232 C  CD  . GLU A 1 30  ? 6.04872   0.00200   -3.82193  1.000 9.63630  ? 3545 GLU A CD  1 
ATOM   233 O  OE1 . GLU A 1 30  ? 5.36454   -0.92948  -4.31599  1.000 9.88240  ? 3545 GLU A OE1 1 
ATOM   234 O  OE2 . GLU A 1 30  ? 7.25712   0.17706   -4.07019  1.000 10.41681 ? 3545 GLU A OE2 1 
ATOM   235 N  N   . THR A 1 31  ? 1.65549   2.30535   -5.86761  1.000 9.96427  ? 3546 THR A N   1 
ATOM   236 C  CA  . THR A 1 31  ? 0.24719   2.44982   -6.20634  1.000 11.45391 ? 3546 THR A CA  1 
ATOM   237 C  C   . THR A 1 31  ? -0.29715  1.12856   -6.73731  1.000 10.71885 ? 3546 THR A C   1 
ATOM   238 O  O   . THR A 1 31  ? 0.44128   0.30423   -7.27899  1.000 8.30441  ? 3546 THR A O   1 
ATOM   239 C  CB  . THR A 1 31  ? 0.06017   3.53145   -7.26019  1.000 9.20835  ? 3546 THR A CB  1 
ATOM   240 O  OG1 . THR A 1 31  ? 0.79048   3.17189   -8.44090  1.000 11.27120 ? 3546 THR A OG1 1 
ATOM   241 C  CG2 . THR A 1 31  ? 0.54754   4.88646   -6.73150  1.000 12.87939 ? 3546 THR A CG2 1 
ATOM   242 N  N   . TYR A 1 32  ? -1.61211  0.93099   -6.59249  1.000 9.95168  ? 3547 TYR A N   1 
ATOM   243 C  CA  . TYR A 1 32  ? -2.21893  -0.27605  -7.15353  1.000 7.38594  ? 3547 TYR A CA  1 
ATOM   244 C  C   . TYR A 1 32  ? -1.94431  -0.38454  -8.65103  1.000 10.40584 ? 3547 TYR A C   1 
ATOM   245 O  O   . TYR A 1 32  ? -1.66433  -1.47279  -9.15906  1.000 11.60354 ? 3547 TYR A O   1 
ATOM   246 C  CB  . TYR A 1 32  ? -3.72052  -0.26602  -6.89169  1.000 12.65369 ? 3547 TYR A CB  1 
ATOM   247 C  CG  . TYR A 1 32  ? -4.08380  -0.13494  -5.43817  1.000 13.50878 ? 3547 TYR A CG  1 
ATOM   248 C  CD1 . TYR A 1 32  ? -3.22687  -0.57148  -4.42940  1.000 11.29600 ? 3547 TYR A CD1 1 
ATOM   249 C  CD2 . TYR A 1 32  ? -5.23978  0.53226   -5.06810  1.000 9.75465  ? 3547 TYR A CD2 1 
ATOM   250 C  CE1 . TYR A 1 32  ? -3.56185  -0.41722  -3.09123  1.000 14.52711 ? 3547 TYR A CE1 1 
ATOM   251 C  CE2 . TYR A 1 32  ? -5.56704  0.70716   -3.74644  1.000 9.61195  ? 3547 TYR A CE2 1 
ATOM   252 C  CZ  . TYR A 1 32  ? -4.73458  0.22866   -2.76325  1.000 13.69196 ? 3547 TYR A CZ  1 
ATOM   253 O  OH  . TYR A 1 32  ? -5.08080  0.40527   -1.44803  1.000 14.48893 ? 3547 TYR A OH  1 
ATOM   254 N  N   . ASN A 1 33  ? -2.01910  0.74032   -9.37102  1.000 13.25658 ? 3548 ASN A N   1 
ATOM   255 C  CA  . ASN A 1 33  ? -1.64871  0.77183   -10.78662 1.000 12.74116 ? 3548 ASN A CA  1 
ATOM   256 C  C   . ASN A 1 33  ? -0.27948  0.14962   -11.04292 1.000 13.03028 ? 3548 ASN A C   1 
ATOM   257 O  O   . ASN A 1 33  ? -0.13864  -0.75439  -11.87692 1.000 12.63005 ? 3548 ASN A O   1 
ATOM   258 C  CB  . ASN A 1 33  ? -1.65415  2.21759   -11.27841 1.000 16.88469 ? 3548 ASN A CB  1 
ATOM   259 C  CG  . ASN A 1 33  ? -1.53092  2.32405   -12.78377 1.000 16.99148 ? 3548 ASN A CG  1 
ATOM   260 O  OD1 . ASN A 1 33  ? -2.01263  1.47073   -13.53247 1.000 21.76114 ? 3548 ASN A OD1 1 
ATOM   261 N  ND2 . ASN A 1 33  ? -0.75779  3.30473   -13.22427 1.000 22.22029 ? 3548 ASN A ND2 1 
ATOM   262 N  N   . ASN A 1 34  ? 0.74957   0.63871   -10.34519 1.000 9.22404  ? 3549 ASN A N   1 
ATOM   263 C  CA  . ASN A 1 34  ? 2.10385   0.13655   -10.57340 1.000 9.26142  ? 3549 ASN A CA  1 
ATOM   264 C  C   . ASN A 1 34  ? 2.24577   -1.31603  -10.15531 1.000 8.33353  ? 3549 ASN A C   1 
ATOM   265 O  O   . ASN A 1 34  ? 2.98333   -2.07187  -10.80222 1.000 9.31449  ? 3549 ASN A O   1 
ATOM   266 C  CB  . ASN A 1 34  ? 3.14663   0.98674   -9.83669  1.000 8.73375  ? 3549 ASN A CB  1 
ATOM   267 C  CG  . ASN A 1 34  ? 3.33500   2.34260   -10.46284 1.000 17.83303 ? 3549 ASN A CG  1 
ATOM   268 O  OD1 . ASN A 1 34  ? 3.01736   2.54049   -11.63783 1.000 13.56915 ? 3549 ASN A OD1 1 
ATOM   269 N  ND2 . ASN A 1 34  ? 3.94004   3.26013   -9.71874  1.000 12.79829 ? 3549 ASN A ND2 1 
ATOM   270 N  N   . ILE A 1 35  ? 1.54010   -1.72242  -9.09895  1.000 8.76214  ? 3550 ILE A N   1 
ATOM   271 C  CA  . ILE A 1 35  ? 1.63749   -3.09111  -8.59537  1.000 8.83778  ? 3550 ILE A CA  1 
ATOM   272 C  C   . ILE A 1 35  ? 1.06129   -4.06022  -9.61188  1.000 10.98503 ? 3550 ILE A C   1 
ATOM   273 O  O   . ILE A 1 35  ? 1.66681   -5.08797  -9.93597  1.000 11.91460 ? 3550 ILE A O   1 
ATOM   274 C  CB  . ILE A 1 35  ? 0.92307   -3.18887  -7.23451  1.000 7.78663  ? 3550 ILE A CB  1 
ATOM   275 C  CG1 . ILE A 1 35  ? 1.69087   -2.35794  -6.19365  1.000 9.31464  ? 3550 ILE A CG1 1 
ATOM   276 C  CG2 . ILE A 1 35  ? 0.69659   -4.65508  -6.81635  1.000 8.63554  ? 3550 ILE A CG2 1 
ATOM   277 C  CD1 . ILE A 1 35  ? 0.94533   -2.12236  -4.89251  1.000 8.29872  ? 3550 ILE A CD1 1 
ATOM   278 N  N   . ILE A 1 36  ? -0.11341  -3.73204  -10.14080 1.000 9.86460  ? 3551 ILE A N   1 
ATOM   279 C  CA  . ILE A 1 36  ? -0.75461  -4.58653  -11.14064 1.000 11.60581 ? 3551 ILE A CA  1 
ATOM   280 C  C   . ILE A 1 36  ? 0.08899   -4.66068  -12.40481 1.000 12.15749 ? 3551 ILE A C   1 
ATOM   281 O  O   . ILE A 1 36  ? 0.31347   -5.74001  -12.96041 1.000 13.16740 ? 3551 ILE A O   1 
ATOM   282 C  CB  . ILE A 1 36  ? -2.18010  -4.08717  -11.42529 1.000 12.19860 ? 3551 ILE A CB  1 
ATOM   283 C  CG1 . ILE A 1 36  ? -2.94657  -4.19763  -10.12143 1.000 12.30141 ? 3551 ILE A CG1 1 
ATOM   284 C  CG2 . ILE A 1 36  ? -2.85971  -4.87433  -12.57802 1.000 13.43654 ? 3551 ILE A CG2 1 
ATOM   285 C  CD1 . ILE A 1 36  ? -3.16250  -5.62013  -9.72847  1.000 18.70761 ? 3551 ILE A CD1 1 
ATOM   286 N  N   . ARG A 1 37  ? 0.57869   -3.51964  -12.87267 1.000 11.84040 ? 3552 ARG A N   1 
ATOM   287 C  CA  . ARG A 1 37  ? 1.38099   -3.52212  -14.08737 1.000 12.60202 ? 3552 ARG A CA  1 
ATOM   288 C  C   . ARG A 1 37  ? 2.73012   -4.19270  -13.90053 1.000 17.08548 ? 3552 ARG A C   1 
ATOM   289 O  O   . ARG A 1 37  ? 3.40760   -4.47289  -14.89483 1.000 14.46907 ? 3552 ARG A O   1 
ATOM   290 C  CB  . ARG A 1 37  ? 1.53703   -2.08827  -14.57351 1.000 12.74743 ? 3552 ARG A CB  1 
ATOM   291 C  CG  . ARG A 1 37  ? 0.21301   -1.47250  -15.03186 1.000 13.34664 ? 3552 ARG A CG  1 
ATOM   292 C  CD  . ARG A 1 37  ? 0.43870   -0.11735  -15.64611 1.000 20.70298 ? 3552 ARG A CD  1 
ATOM   293 N  NE  . ARG A 1 37  ? -0.82429  0.55666   -15.92491 1.000 21.42556 ? 3552 ARG A NE  1 
ATOM   294 C  CZ  . ARG A 1 37  ? -1.15624  1.02702   -17.12067 1.000 23.83614 ? 3552 ARG A CZ  1 
ATOM   295 N  NH1 . ARG A 1 37  ? -0.33094  0.93345   -18.15050 1.000 24.09999 ? 3552 ARG A NH1 1 
ATOM   296 N  NH2 . ARG A 1 37  ? -2.33728  1.61557   -17.28176 1.000 20.55163 ? 3552 ARG A NH2 1 
ATOM   297 N  N   . SER A 1 38  ? 3.13344   -4.46480  -12.66094 1.000 11.29116 ? 3553 SER A N   1 
ATOM   298 C  CA  . SER A 1 38  ? 4.34178   -5.21400  -12.38842 1.000 11.86448 ? 3553 SER A CA  1 
ATOM   299 C  C   . SER A 1 38  ? 4.08954   -6.72250  -12.37427 1.000 13.27726 ? 3553 SER A C   1 
ATOM   300 O  O   . SER A 1 38  ? 4.96961   -7.48975  -11.97296 1.000 18.24328 ? 3553 SER A O   1 
ATOM   301 C  CB  . SER A 1 38  ? 4.92941   -4.74530  -11.06083 1.000 11.31833 ? 3553 SER A CB  1 
ATOM   302 O  OG  . SER A 1 38  ? 5.31282   -3.36987  -11.16460 1.000 11.54730 ? 3553 SER A OG  1 
ATOM   303 N  N   . GLY A 1 39  ? 2.91530   -7.15385  -12.81517 1.000 16.88764 ? 3554 GLY A N   1 
ATOM   304 C  CA  . GLY A 1 39  ? 2.57643   -8.55858  -12.87367 1.000 15.61178 ? 3554 GLY A CA  1 
ATOM   305 C  C   . GLY A 1 39  ? 1.97259   -9.11028  -11.60482 1.000 24.31092 ? 3554 GLY A C   1 
ATOM   306 O  O   . GLY A 1 39  ? 1.65267   -10.30427 -11.55748 1.000 21.54804 ? 3554 GLY A O   1 
ATOM   307 N  N   . GLU A 1 40  ? 1.78620   -8.28109  -10.58369 1.000 18.22353 ? 3555 GLU A N   1 
ATOM   308 C  CA  . GLU A 1 40  ? 1.29215   -8.74780  -9.29727  1.000 15.35073 ? 3555 GLU A CA  1 
ATOM   309 C  C   . GLU A 1 40  ? -0.22696  -8.75623  -9.24744  1.000 18.00111 ? 3555 GLU A C   1 
ATOM   310 O  O   . GLU A 1 40  ? -0.89353  -7.88030  -9.81246  1.000 18.47282 ? 3555 GLU A O   1 
ATOM   311 C  CB  . GLU A 1 40  ? 1.83156   -7.87824  -8.15773  1.000 13.16458 ? 3555 GLU A CB  1 
ATOM   312 C  CG  . GLU A 1 40  ? 3.33592   -7.71219  -8.13278  1.000 23.08414 ? 3555 GLU A CG  1 
ATOM   313 C  CD  . GLU A 1 40  ? 4.03461   -8.94640  -7.60054  1.000 23.09545 ? 3555 GLU A CD  1 
ATOM   314 O  OE1 . GLU A 1 40  ? 3.34498   -9.78186  -6.98168  1.000 25.54792 ? 3555 GLU A OE1 1 
ATOM   315 O  OE2 . GLU A 1 40  ? 5.26328   -9.07463  -7.79426  1.000 32.80262 ? 3555 GLU A OE2 1 
ATOM   316 N  N   . LYS A 1 41  ? -0.76428  -9.78305  -8.59196  1.000 20.81427 ? 3556 LYS A N   1 
ATOM   317 C  CA  A LYS A 1 41  ? -2.17774  -9.84198  -8.25364  0.497 21.81628 ? 3556 LYS A CA  1 
ATOM   318 C  CA  B LYS A 1 41  ? -2.17665  -9.84840  -8.24944  0.503 21.81774 ? 3556 LYS A CA  1 
ATOM   319 C  C   . LYS A 1 41  ? -2.40152  -9.20182  -6.88919  1.000 17.22803 ? 3556 LYS A C   1 
ATOM   320 O  O   . LYS A 1 41  ? -1.61598  -9.40823  -5.96166  1.000 20.05669 ? 3556 LYS A O   1 
ATOM   321 C  CB  A LYS A 1 41  ? -2.67023  -11.29144 -8.22873  0.497 25.01160 ? 3556 LYS A CB  1 
ATOM   322 C  CB  B LYS A 1 41  ? -2.64925  -11.30373 -8.21394  0.503 24.99972 ? 3556 LYS A CB  1 
ATOM   323 C  CG  A LYS A 1 41  ? -2.00640  -12.21111 -9.24246  0.497 25.96039 ? 3556 LYS A CG  1 
ATOM   324 C  CG  B LYS A 1 41  ? -4.12529  -11.48462 -7.90222  0.503 22.44777 ? 3556 LYS A CG  1 
ATOM   325 C  CD  A LYS A 1 41  ? -2.63281  -13.59581 -9.19995  0.497 27.12129 ? 3556 LYS A CD  1 
ATOM   326 C  CD  B LYS A 1 41  ? -4.54220  -12.93585 -8.08258  0.503 25.19860 ? 3556 LYS A CD  1 
ATOM   327 C  CE  A LYS A 1 41  ? -1.75314  -14.63580 -9.87514  0.497 27.42958 ? 3556 LYS A CE  1 
ATOM   328 C  CE  B LYS A 1 41  ? -3.95902  -13.82164 -6.99327  0.503 27.24511 ? 3556 LYS A CE  1 
ATOM   329 N  NZ  A LYS A 1 41  ? -1.71889  -15.90902 -9.10022  0.497 33.59634 ? 3556 LYS A NZ  1 
ATOM   330 N  NZ  B LYS A 1 41  ? -4.51734  -15.20236 -7.04837  0.503 32.37963 ? 3556 LYS A NZ  1 
ATOM   331 N  N   . ILE A 1 42  ? -3.48189  -8.42391  -6.77175  1.000 19.87256 ? 3557 ILE A N   1 
ATOM   332 C  CA  . ILE A 1 42  ? -3.85195  -7.83702  -5.48511  1.000 19.13781 ? 3557 ILE A CA  1 
ATOM   333 C  C   . ILE A 1 42  ? -5.04495  -8.63862  -4.95438  1.000 20.80343 ? 3557 ILE A C   1 
ATOM   334 O  O   . ILE A 1 42  ? -4.85740  -9.71254  -4.37664  1.000 18.93050 ? 3557 ILE A O   1 
ATOM   335 C  CB  . ILE A 1 42  ? -4.13507  -6.32570  -5.59711  1.000 18.67793 ? 3557 ILE A CB  1 
ATOM   336 C  CG1 . ILE A 1 42  ? -2.85070  -5.59275  -6.01224  1.000 14.78042 ? 3557 ILE A CG1 1 
ATOM   337 C  CG2 . ILE A 1 42  ? -4.52054  -5.74050  -4.24402  1.000 14.67606 ? 3557 ILE A CG2 1 
ATOM   338 C  CD1 . ILE A 1 42  ? -3.03550  -4.13503  -6.40087  1.000 15.88542 ? 3557 ILE A CD1 1 
ATOM   339 N  N   . CYS A 1 43  ? -6.27269  -8.17054  -5.17846  1.000 18.82159 ? 3558 CYS A N   1 
ATOM   340 C  CA  . CYS A 1 43  ? -7.45758  -8.88463  -4.71724  1.000 23.00465 ? 3558 CYS A CA  1 
ATOM   341 C  C   . CYS A 1 43  ? -8.01457  -9.76263  -5.83577  1.000 29.39469 ? 3558 CYS A C   1 
ATOM   342 O  O   . CYS A 1 43  ? -7.64999  -9.63154  -7.00610  1.000 25.79719 ? 3558 CYS A O   1 
ATOM   343 C  CB  . CYS A 1 43  ? -8.53968  -7.90481  -4.24697  1.000 21.17167 ? 3558 CYS A CB  1 
ATOM   344 S  SG  . CYS A 1 43  ? -8.13611  -6.89776  -2.81979  1.000 22.58462 ? 3558 CYS A SG  1 
ATOM   345 N  N   . ARG A 1 44  ? -8.91805  -10.66689 -5.46720  1.000 26.36340 ? 3559 ARG A N   1 
ATOM   346 C  CA  . ARG A 1 44  ? -9.67921  -11.33333 -6.51144  1.000 30.55514 ? 3559 ARG A CA  1 
ATOM   347 C  C   . ARG A 1 44  ? -10.81574 -10.42960 -6.97506  1.000 33.56149 ? 3559 ARG A C   1 
ATOM   348 O  O   . ARG A 1 44  ? -11.14855 -9.42542  -6.33787  1.000 31.14416 ? 3559 ARG A O   1 
ATOM   349 C  CB  . ARG A 1 44  ? -10.21463 -12.68503 -6.03680  1.000 35.61709 ? 3559 ARG A CB  1 
ATOM   350 C  CG  . ARG A 1 44  ? -9.22807  -13.49559 -5.23006  1.000 32.68035 ? 3559 ARG A CG  1 
ATOM   351 N  N   . ARG A 1 45  ? -11.40201 -10.78434 -8.11716  1.000 30.45275 ? 3560 ARG A N   1 
ATOM   352 C  CA  . ARG A 1 45  ? -12.46414 -9.96057  -8.69362  1.000 39.85139 ? 3560 ARG A CA  1 
ATOM   353 C  C   . ARG A 1 45  ? -13.60559 -9.69349  -7.71965  1.000 41.59489 ? 3560 ARG A C   1 
ATOM   354 O  O   . ARG A 1 45  ? -14.02025 -8.52867  -7.60012  1.000 42.46528 ? 3560 ARG A O   1 
ATOM   355 C  CB  . ARG A 1 45  ? -12.97177 -10.61556 -9.98636  1.000 33.80287 ? 3560 ARG A CB  1 
ATOM   356 N  N   . PRO A 1 46  ? -14.13355 -10.68316 -6.98666  1.000 39.96272 ? 3561 PRO A N   1 
ATOM   357 C  CA  . PRO A 1 46  ? -15.26356 -10.40651 -6.08414  1.000 40.10728 ? 3561 PRO A CA  1 
ATOM   358 C  C   . PRO A 1 46  ? -14.92720 -9.50878  -4.90800  1.000 39.65845 ? 3561 PRO A C   1 
ATOM   359 O  O   . PRO A 1 46  ? -15.84908 -8.92394  -4.32454  1.000 34.63459 ? 3561 PRO A O   1 
ATOM   360 C  CB  . PRO A 1 46  ? -15.64143 -11.83383 -5.61384  1.000 41.45806 ? 3561 PRO A CB  1 
ATOM   361 C  CG  . PRO A 1 46  ? -14.26090 -12.45949 -5.69215  1.000 42.28658 ? 3561 PRO A CG  1 
ATOM   362 C  CD  . PRO A 1 46  ? -14.09857 -12.14377 -7.12000  1.000 43.03664 ? 3561 PRO A CD  1 
ATOM   363 N  N   . GLU A 1 47  ? -13.65424 -9.36670  -4.54611  1.000 37.22336 ? 3562 GLU A N   1 
ATOM   364 C  CA  . GLU A 1 47  ? -13.28886 -8.68603  -3.31348  1.000 22.80745 ? 3562 GLU A CA  1 
ATOM   365 C  C   . GLU A 1 47  ? -13.05678 -7.19168  -3.52922  1.000 30.17087 ? 3562 GLU A C   1 
ATOM   366 O  O   . GLU A 1 47  ? -12.81860 -6.71913  -4.64318  1.000 33.46774 ? 3562 GLU A O   1 
ATOM   367 C  CB  . GLU A 1 47  ? -12.04293 -9.32343  -2.69611  1.000 29.65918 ? 3562 GLU A CB  1 
ATOM   368 C  CG  . GLU A 1 47  ? -11.98122 -10.82441 -2.84596  1.000 31.67106 ? 3562 GLU A CG  1 
ATOM   369 C  CD  . GLU A 1 47  ? -10.70437 -11.40943 -2.28856  1.000 32.21808 ? 3562 GLU A CD  1 
ATOM   370 O  OE1 . GLU A 1 47  ? -9.60887  -11.02565 -2.75526  1.000 31.36439 ? 3562 GLU A OE1 1 
ATOM   371 O  OE2 . GLU A 1 47  ? -10.79455 -12.25554 -1.37686  1.000 33.34400 ? 3562 GLU A OE2 1 
ATOM   372 N  N   . GLU A 1 48  ? -13.12907 -6.44758  -2.42823  1.000 23.18021 ? 3563 GLU A N   1 
ATOM   373 C  CA  . GLU A 1 48  ? -12.94558 -5.00591  -2.43242  1.000 31.35429 ? 3563 GLU A CA  1 
ATOM   374 C  C   . GLU A 1 48  ? -11.84740 -4.62723  -1.45063  1.000 31.05580 ? 3563 GLU A C   1 
ATOM   375 O  O   . GLU A 1 48  ? -11.73914 -5.20270  -0.36213  1.000 27.47425 ? 3563 GLU A O   1 
ATOM   376 C  CB  . GLU A 1 48  ? -14.24729 -4.26943  -2.07695  1.000 32.42628 ? 3563 GLU A CB  1 
ATOM   377 N  N   . ILE A 1 49  ? -11.03247 -3.65853  -1.85759  1.000 31.56433 ? 3564 ILE A N   1 
ATOM   378 C  CA  . ILE A 1 49  ? -9.98354  -3.11167  -1.00742  1.000 25.70902 ? 3564 ILE A CA  1 
ATOM   379 C  C   . ILE A 1 49  ? -10.61406 -2.39129  0.17739   1.000 22.39252 ? 3564 ILE A C   1 
ATOM   380 O  O   . ILE A 1 49  ? -11.31017 -1.38101  0.02255   1.000 26.48633 ? 3564 ILE A O   1 
ATOM   381 C  CB  . ILE A 1 49  ? -9.06425  -2.19432  -1.82575  1.000 23.92279 ? 3564 ILE A CB  1 
ATOM   382 C  CG1 . ILE A 1 49  ? -8.73012  -2.87038  -3.17111  1.000 21.61066 ? 3564 ILE A CG1 1 
ATOM   383 C  CG2 . ILE A 1 49  ? -7.86994  -1.72643  -1.00895  1.000 27.54897 ? 3564 ILE A CG2 1 
ATOM   384 C  CD1 . ILE A 1 49  ? -7.47517  -2.35890  -3.84933  1.000 29.49648 ? 3564 ILE A CD1 1 
ATOM   385 N  N   . THR A 1 50  ? -10.38182 -2.91712  1.37089   1.000 19.89099 ? 3565 THR A N   1 
ATOM   386 C  CA  . THR A 1 50  ? -11.01335 -2.42952  2.58353   1.000 21.50390 ? 3565 THR A CA  1 
ATOM   387 C  C   . THR A 1 50  ? -10.05317 -1.69142  3.50107   1.000 20.12439 ? 3565 THR A C   1 
ATOM   388 O  O   . THR A 1 50  ? -10.47714 -0.80133  4.24021   1.000 31.58729 ? 3565 THR A O   1 
ATOM   389 C  CB  . THR A 1 50  ? -11.64780 -3.60885  3.33325   1.000 28.30029 ? 3565 THR A CB  1 
ATOM   390 O  OG1 . THR A 1 50  ? -12.72143 -4.12362  2.54401   1.000 31.81849 ? 3565 THR A OG1 1 
ATOM   391 C  CG2 . THR A 1 50  ? -12.20876 -3.19152  4.68265   1.000 35.91148 ? 3565 THR A CG2 1 
ATOM   392 N  N   . ARG A 1 51  ? -8.76336  -2.01552  3.44570   1.000 20.99454 ? 3566 ARG A N   1 
ATOM   393 C  CA  . ARG A 1 51  ? -7.76770  -1.38429  4.29927   1.000 14.90924 ? 3566 ARG A CA  1 
ATOM   394 C  C   . ARG A 1 51  ? -6.42659  -1.47979  3.58873   1.000 16.19260 ? 3566 ARG A C   1 
ATOM   395 O  O   . ARG A 1 51  ? -6.16864  -2.43624  2.85342   1.000 14.19101 ? 3566 ARG A O   1 
ATOM   396 C  CB  . ARG A 1 51  ? -7.71072  -2.05582  5.67707   1.000 16.63008 ? 3566 ARG A CB  1 
ATOM   397 C  CG  . ARG A 1 51  ? -6.68211  -1.51339  6.66107   1.000 28.98018 ? 3566 ARG A CG  1 
ATOM   398 C  CD  . ARG A 1 51  ? -6.97869  -0.08672  7.07028   1.000 26.75740 ? 3566 ARG A CD  1 
ATOM   399 N  NE  . ARG A 1 51  ? -8.32758  0.04604   7.61089   1.000 28.47266 ? 3566 ARG A NE  1 
ATOM   400 C  CZ  . ARG A 1 51  ? -8.85072  1.18610   8.04073   1.000 28.75744 ? 3566 ARG A CZ  1 
ATOM   401 N  NH1 . ARG A 1 51  ? -8.14736  2.30908   8.04939   1.000 23.74549 ? 3566 ARG A NH1 1 
ATOM   402 N  NH2 . ARG A 1 51  ? -10.11125 1.20004   8.47343   1.000 26.72933 ? 3566 ARG A NH2 1 
ATOM   403 N  N   . LEU A 1 52  ? -5.60242  -0.45941  3.78059   1.000 12.68574 ? 3567 LEU A N   1 
ATOM   404 C  CA  . LEU A 1 52  ? -4.22678  -0.44209  3.29942   1.000 12.42816 ? 3567 LEU A CA  1 
ATOM   405 C  C   . LEU A 1 52  ? -3.28159  -0.37089  4.49363   1.000 11.56833 ? 3567 LEU A C   1 
ATOM   406 O  O   . LEU A 1 52  ? -3.55132  0.33845   5.46776   1.000 14.33058 ? 3567 LEU A O   1 
ATOM   407 C  CB  . LEU A 1 52  ? -3.98767  0.76323   2.37066   1.000 11.48366 ? 3567 LEU A CB  1 
ATOM   408 C  CG  . LEU A 1 52  ? -2.58367  0.98955   1.81358   1.000 14.33025 ? 3567 LEU A CG  1 
ATOM   409 C  CD1 . LEU A 1 52  ? -2.17885  -0.15211  0.91772   1.000 13.09205 ? 3567 LEU A CD1 1 
ATOM   410 C  CD2 . LEU A 1 52  ? -2.48662  2.32937   1.08533   1.000 12.18063 ? 3567 LEU A CD2 1 
ATOM   411 N  N   . GLN A 1 53  ? -2.15915  -1.08216  4.42539   1.000 9.54193  ? 3568 GLN A N   1 
ATOM   412 C  CA  . GLN A 1 53  ? -1.08886  -0.85187  5.38302   1.000 8.82069  ? 3568 GLN A CA  1 
ATOM   413 C  C   . GLN A 1 53  ? 0.19156   -0.57680  4.61653   1.000 9.60603  ? 3568 GLN A C   1 
ATOM   414 O  O   . GLN A 1 53  ? 0.40341   -1.10779  3.51882   1.000 7.87412  ? 3568 GLN A O   1 
ATOM   415 C  CB  . GLN A 1 53  ? -0.85849  -2.00634  6.37601   1.000 12.22471 ? 3568 GLN A CB  1 
ATOM   416 C  CG  . GLN A 1 53  ? -2.02975  -2.20207  7.33755   1.000 13.13808 ? 3568 GLN A CG  1 
ATOM   417 C  CD  . GLN A 1 53  ? -1.81471  -3.34271  8.30361   1.000 17.15997 ? 3568 GLN A CD  1 
ATOM   418 O  OE1 . GLN A 1 53  ? -1.04329  -4.26795  8.04438   1.000 15.09603 ? 3568 GLN A OE1 1 
ATOM   419 N  NE2 . GLN A 1 53  ? -2.53029  -3.30015  9.41756   1.000 19.16764 ? 3568 GLN A NE2 1 
ATOM   420 N  N   A CYS A 1 54  ? 1.03303   0.27021   5.21994   0.757 11.67136 ? 3569 CYS A N   1 
ATOM   421 N  N   B CYS A 1 54  ? 1.02752   0.28654   5.17482   0.243 11.64496 ? 3569 CYS A N   1 
ATOM   422 C  CA  A CYS A 1 54  ? 2.25007   0.79919   4.61584   0.757 10.49466 ? 3569 CYS A CA  1 
ATOM   423 C  CA  B CYS A 1 54  ? 2.29756   0.59238   4.54444   0.243 10.45832 ? 3569 CYS A CA  1 
ATOM   424 C  C   A CYS A 1 54  ? 3.38508   0.76144   5.63683   0.757 10.85190 ? 3569 CYS A C   1 
ATOM   425 C  C   B CYS A 1 54  ? 3.37160   0.68443   5.61334   0.243 10.84612 ? 3569 CYS A C   1 
ATOM   426 O  O   A CYS A 1 54  ? 3.16450   1.04099   6.81887   0.757 11.64031 ? 3569 CYS A O   1 
ATOM   427 O  O   B CYS A 1 54  ? 3.09782   0.95390   6.78524   0.243 11.68429 ? 3569 CYS A O   1 
ATOM   428 C  CB  A CYS A 1 54  ? 2.02683   2.25004   4.15019   0.757 13.25317 ? 3569 CYS A CB  1 
ATOM   429 C  CB  B CYS A 1 54  ? 2.23450   1.89144   3.73996   0.243 11.55024 ? 3569 CYS A CB  1 
ATOM   430 S  SG  A CYS A 1 54  ? 0.62500   2.49518   3.05281   0.757 9.92146  ? 3569 CYS A SG  1 
ATOM   431 S  SG  B CYS A 1 54  ? 2.64686   3.34611   4.71290   0.243 15.12619 ? 3569 CYS A SG  1 
ATOM   432 N  N   . ARG A 1 55  ? 4.60652   0.45688   5.18610   1.000 8.68631  ? 3570 ARG A N   1 
ATOM   433 C  CA  . ARG A 1 55  ? 5.75379   0.51038   6.09274   1.000 8.38048  ? 3570 ARG A CA  1 
ATOM   434 C  C   . ARG A 1 55  ? 7.04538   0.63173   5.29452   1.000 9.01400  ? 3570 ARG A C   1 
ATOM   435 O  O   . ARG A 1 55  ? 7.09026   0.36042   4.09243   1.000 9.53433  ? 3570 ARG A O   1 
ATOM   436 C  CB  . ARG A 1 55  ? 5.80546   -0.71782  7.01625   1.000 9.58633  ? 3570 ARG A CB  1 
ATOM   437 C  CG  . ARG A 1 55  ? 6.19322   -2.00697  6.29617   1.000 7.95019  ? 3570 ARG A CG  1 
ATOM   438 C  CD  . ARG A 1 55  ? 5.94360   -3.18805  7.19331   1.000 10.26464 ? 3570 ARG A CD  1 
ATOM   439 N  NE  . ARG A 1 55  ? 6.33901   -4.41707  6.52898   1.000 9.16827  ? 3570 ARG A NE  1 
ATOM   440 C  CZ  . ARG A 1 55  ? 6.12592   -5.62464  7.02288   1.000 12.85340 ? 3570 ARG A CZ  1 
ATOM   441 N  NH1 . ARG A 1 55  ? 5.55038   -5.79219  8.20315   1.000 13.19944 ? 3570 ARG A NH1 1 
ATOM   442 N  NH2 . ARG A 1 55  ? 6.51388   -6.68656  6.32274   1.000 12.75363 ? 3570 ARG A NH2 1 
ATOM   443 N  N   . ALA A 1 56  ? 8.09230   1.09824   5.97770   1.000 6.59560  ? 3571 ALA A N   1 
ATOM   444 C  CA  . ALA A 1 56  ? 9.42360   1.11054   5.38635   1.000 8.51261  ? 3571 ALA A CA  1 
ATOM   445 C  C   . ALA A 1 56  ? 9.93790   -0.32324  5.27563   1.000 8.61659  ? 3571 ALA A C   1 
ATOM   446 O  O   . ALA A 1 56  ? 9.97629   -1.05144  6.27283   1.000 12.08583 ? 3571 ALA A O   1 
ATOM   447 C  CB  . ALA A 1 56  ? 10.36003  1.95476   6.24548   1.000 7.92431  ? 3571 ALA A CB  1 
ATOM   448 N  N   . LYS A 1 57  ? 10.32090  -0.72146  4.05505   1.000 7.17203  ? 3572 LYS A N   1 
ATOM   449 C  CA  . LYS A 1 57  ? 10.69702  -2.11061  3.76835   1.000 5.96979  ? 3572 LYS A CA  1 
ATOM   450 C  C   . LYS A 1 57  ? 11.80782  -2.61201  4.68330   1.000 8.73615  ? 3572 LYS A C   1 
ATOM   451 O  O   . LYS A 1 57  ? 11.74081  -3.73473  5.20357   1.000 9.74448  ? 3572 LYS A O   1 
ATOM   452 C  CB  . LYS A 1 57  ? 11.11667  -2.23435  2.30043   1.000 9.18004  ? 3572 LYS A CB  1 
ATOM   453 C  CG  . LYS A 1 57  ? 11.53904  -3.65355  1.89949   1.000 9.65733  ? 3572 LYS A CG  1 
ATOM   454 C  CD  . LYS A 1 57  ? 10.36557  -4.46542  1.44433   1.000 12.16637 ? 3572 LYS A CD  1 
ATOM   455 C  CE  . LYS A 1 57  ? 10.79480  -5.80976  0.88987   1.000 9.88484  ? 3572 LYS A CE  1 
ATOM   456 N  NZ  . LYS A 1 57  ? 11.12938  -5.67111  -0.55216  1.000 10.56071 ? 3572 LYS A NZ  1 
ATOM   457 N  N   . SER A 1 58  ? 12.85456  -1.81427  4.86097   1.000 9.68958  ? 3573 SER A N   1 
ATOM   458 C  CA  . SER A 1 58  ? 13.99046  -2.23660  5.66144   1.000 9.94291  ? 3573 SER A CA  1 
ATOM   459 C  C   . SER A 1 58  ? 13.89887  -1.75884  7.10322   1.000 12.25668 ? 3573 SER A C   1 
ATOM   460 O  O   . SER A 1 58  ? 14.83096  -2.00290  7.88174   1.000 13.82668 ? 3573 SER A O   1 
ATOM   461 C  CB  . SER A 1 58  ? 15.29353  -1.78559  4.98678   1.000 12.69841 ? 3573 SER A CB  1 
ATOM   462 O  OG  . SER A 1 58  ? 15.43571  -2.48649  3.74527   1.000 13.78495 ? 3573 SER A OG  1 
ATOM   463 N  N   . HIS A 1 59  ? 12.77407  -1.14830  7.48905   1.000 12.26940 ? 3574 HIS A N   1 
ATOM   464 C  CA  . HIS A 1 59  ? 12.52903  -0.68692  8.85562   1.000 11.91206 ? 3574 HIS A CA  1 
ATOM   465 C  C   . HIS A 1 59  ? 11.06833  -0.96731  9.19638   1.000 12.98214 ? 3574 HIS A C   1 
ATOM   466 O  O   . HIS A 1 59  ? 10.30272  -0.05514  9.52593   1.000 11.93946 ? 3574 HIS A O   1 
ATOM   467 C  CB  . HIS A 1 59  ? 12.83617  0.80561   8.94833   1.000 12.58095 ? 3574 HIS A CB  1 
ATOM   468 C  CG  . HIS A 1 59  ? 14.22012  1.15200   8.50248   1.000 11.24524 ? 3574 HIS A CG  1 
ATOM   469 N  ND1 . HIS A 1 59  ? 15.35310  0.78028   9.19472   1.000 11.70034 ? 3574 HIS A ND1 1 
ATOM   470 C  CD2 . HIS A 1 59  ? 14.65190  1.77589   7.38256   1.000 15.38706 ? 3574 HIS A CD2 1 
ATOM   471 C  CE1 . HIS A 1 59  ? 16.42307  1.18344   8.52935   1.000 15.01304 ? 3574 HIS A CE1 1 
ATOM   472 N  NE2 . HIS A 1 59  ? 16.02406  1.79600   7.42867   1.000 15.08289 ? 3574 HIS A NE2 1 
ATOM   473 N  N   . PRO A 1 60  ? 10.63089  -2.23181  9.08993   1.000 13.36948 ? 3575 PRO A N   1 
ATOM   474 C  CA  . PRO A 1 60  ? 9.18214   -2.50837  9.06331   1.000 13.22162 ? 3575 PRO A CA  1 
ATOM   475 C  C   . PRO A 1 60  ? 8.44421   -2.24140  10.36952  1.000 16.27336 ? 3575 PRO A C   1 
ATOM   476 O  O   . PRO A 1 60  ? 7.20874   -2.16459  10.34216  1.000 14.55808 ? 3575 PRO A O   1 
ATOM   477 C  CB  . PRO A 1 60  ? 9.11842   -3.99291  8.68777   1.000 12.93932 ? 3575 PRO A CB  1 
ATOM   478 C  CG  . PRO A 1 60  ? 10.39459  -4.55359  9.25983   1.000 14.98176 ? 3575 PRO A CG  1 
ATOM   479 C  CD  . PRO A 1 60  ? 11.42321  -3.47149  9.02951   1.000 14.67777 ? 3575 PRO A CD  1 
ATOM   480 N  N   . GLU A 1 61  ? 9.12930   -2.06002  11.50070  1.000 17.04880 ? 3576 GLU A N   1 
ATOM   481 C  CA  . GLU A 1 61  ? 8.41242   -1.90485  12.76379  1.000 17.10905 ? 3576 GLU A CA  1 
ATOM   482 C  C   . GLU A 1 61  ? 8.13400   -0.45896  13.15681  1.000 24.46112 ? 3576 GLU A C   1 
ATOM   483 O  O   . GLU A 1 61  ? 7.35324   -0.23128  14.08617  1.000 22.34484 ? 3576 GLU A O   1 
ATOM   484 C  CB  . GLU A 1 61  ? 9.18817   -2.57440  13.90141  1.000 25.53380 ? 3576 GLU A CB  1 
ATOM   485 C  CG  . GLU A 1 61  ? 9.51727   -4.01246  13.62949  1.000 23.31529 ? 3576 GLU A CG  1 
ATOM   486 C  CD  . GLU A 1 61  ? 8.36059   -4.94106  13.94469  1.000 33.97609 ? 3576 GLU A CD  1 
ATOM   487 O  OE1 . GLU A 1 61  ? 7.25320   -4.44194  14.27050  1.000 29.81647 ? 3576 GLU A OE1 1 
ATOM   488 O  OE2 . GLU A 1 61  ? 8.55459   -6.17220  13.84265  1.000 34.37205 ? 3576 GLU A OE2 1 
ATOM   489 N  N   . VAL A 1 62  ? 8.71964   0.51545   12.48371  1.000 16.55753 ? 3577 VAL A N   1 
ATOM   490 C  CA  . VAL A 1 62  ? 8.74238   1.88180   12.98443  1.000 19.73887 ? 3577 VAL A CA  1 
ATOM   491 C  C   . VAL A 1 62  ? 7.59015   2.68610   12.40873  1.000 19.91151 ? 3577 VAL A C   1 
ATOM   492 O  O   . VAL A 1 62  ? 7.09832   2.42439   11.30170  1.000 19.75631 ? 3577 VAL A O   1 
ATOM   493 C  CB  . VAL A 1 62  ? 10.09075  2.53893   12.64662  1.000 18.38788 ? 3577 VAL A CB  1 
ATOM   494 C  CG1 . VAL A 1 62  ? 11.14722  1.65606   13.13606  1.000 22.04160 ? 3577 VAL A CG1 1 
ATOM   495 C  CG2 . VAL A 1 62  ? 10.23910  2.78179   11.16628  1.000 21.02469 ? 3577 VAL A CG2 1 
ATOM   496 N  N   . SER A 1 63  ? 7.15066   3.68267   13.16913  1.000 25.86729 ? 3578 SER A N   1 
ATOM   497 C  CA  . SER A 1 63  ? 6.25485   4.67502   12.60354  1.000 20.77168 ? 3578 SER A CA  1 
ATOM   498 C  C   . SER A 1 63  ? 7.03859   5.54712   11.63285  1.000 25.81189 ? 3578 SER A C   1 
ATOM   499 O  O   . SER A 1 63  ? 8.15671   5.98548   11.92386  1.000 22.09384 ? 3578 SER A O   1 
ATOM   500 C  CB  . SER A 1 63  ? 5.62051   5.53449   13.69626  1.000 24.87455 ? 3578 SER A CB  1 
ATOM   501 O  OG  . SER A 1 63  ? 6.56689   6.43572   14.23954  1.000 38.97087 ? 3578 SER A OG  1 
ATOM   502 N  N   . ILE A 1 64  ? 6.44441   5.79532   10.46588  1.000 19.62025 ? 3579 ILE A N   1 
ATOM   503 C  CA  . ILE A 1 64  ? 7.16513   6.51361   9.42556   1.000 16.57511 ? 3579 ILE A CA  1 
ATOM   504 C  C   . ILE A 1 64  ? 7.42662   7.94361   9.87782   1.000 20.56534 ? 3579 ILE A C   1 
ATOM   505 O  O   . ILE A 1 64  ? 8.43953   8.54835   9.50489   1.000 18.09279 ? 3579 ILE A O   1 
ATOM   506 C  CB  . ILE A 1 64  ? 6.37131   6.42360   8.10426   1.000 16.95331 ? 3579 ILE A CB  1 
ATOM   507 C  CG1 . ILE A 1 64  ? 6.34676   4.96407   7.63375   1.000 15.64667 ? 3579 ILE A CG1 1 
ATOM   508 C  CG2 . ILE A 1 64  ? 6.99273   7.30043   7.03886   1.000 17.38650 ? 3579 ILE A CG2 1 
ATOM   509 C  CD1 . ILE A 1 64  ? 5.39442   4.66468   6.50227   1.000 17.35758 ? 3579 ILE A CD1 1 
ATOM   510 N  N   . GLU A 1 65  ? 6.54749   8.47117   10.73747  1.000 20.25121 ? 3580 GLU A N   1 
ATOM   511 C  CA  . GLU A 1 65  ? 6.69582   9.81888   11.28010  1.000 21.70687 ? 3580 GLU A CA  1 
ATOM   512 C  C   . GLU A 1 65  ? 8.02173   9.97950   12.01234  1.000 23.74193 ? 3580 GLU A C   1 
ATOM   513 O  O   . GLU A 1 65  ? 8.62690   11.05871  11.98950  1.000 23.15419 ? 3580 GLU A O   1 
ATOM   514 C  CB  . GLU A 1 65  ? 5.54232   10.11806  12.23999  1.000 26.21417 ? 3580 GLU A CB  1 
ATOM   515 C  CG  . GLU A 1 65  ? 4.26401   9.28789   12.04563  1.000 38.43806 ? 3580 GLU A CG  1 
ATOM   516 C  CD  . GLU A 1 65  ? 3.79218   9.17090   10.59680  1.000 33.88521 ? 3580 GLU A CD  1 
ATOM   517 O  OE1 . GLU A 1 65  ? 3.85082   10.16526  9.83691   1.000 43.01421 ? 3580 GLU A OE1 1 
ATOM   518 O  OE2 . GLU A 1 65  ? 3.40397   8.05311   10.21187  1.000 36.30461 ? 3580 GLU A OE2 1 
ATOM   519 N  N   . HIS A 1 66  ? 8.48118   8.92456   12.69112  1.000 24.60385 ? 3581 HIS A N   1 
ATOM   520 C  CA  . HIS A 1 66  ? 9.73153   9.04218   13.43067  1.000 22.35641 ? 3581 HIS A CA  1 
ATOM   521 C  C   . HIS A 1 66  ? 10.94727  9.06144   12.52173  1.000 26.06321 ? 3581 HIS A C   1 
ATOM   522 O  O   . HIS A 1 66  ? 12.06305  9.26905   13.00642  1.000 22.51403 ? 3581 HIS A O   1 
ATOM   523 C  CB  . HIS A 1 66  ? 9.87426   7.91291   14.45527  1.000 21.52869 ? 3581 HIS A CB  1 
ATOM   524 C  CG  . HIS A 1 66  ? 9.08320   8.14221   15.70441  1.000 23.10734 ? 3581 HIS A CG  1 
ATOM   525 N  ND1 . HIS A 1 66  ? 8.23106   7.19742   16.23237  1.000 29.78026 ? 3581 HIS A ND1 1 
ATOM   526 C  CD2 . HIS A 1 66  ? 8.96431   9.23802   16.49260  1.000 21.92446 ? 3581 HIS A CD2 1 
ATOM   527 C  CE1 . HIS A 1 66  ? 7.65196   7.68495   17.31547  1.000 26.12202 ? 3581 HIS A CE1 1 
ATOM   528 N  NE2 . HIS A 1 66  ? 8.07414   8.92337   17.49179  1.000 24.47833 ? 3581 HIS A NE2 1 
ATOM   529 N  N   . LEU A 1 67  ? 10.76236  8.84755   11.22813  1.000 19.16957 ? 3582 LEU A N   1 
ATOM   530 C  CA  . LEU A 1 67  ? 11.83532  8.97389   10.26207  1.000 19.11201 ? 3582 LEU A CA  1 
ATOM   531 C  C   . LEU A 1 67  ? 11.82549  10.33717  9.58848   1.000 21.11286 ? 3582 LEU A C   1 
ATOM   532 O  O   . LEU A 1 67  ? 12.65528  10.59128  8.70901   1.000 22.20612 ? 3582 LEU A O   1 
ATOM   533 C  CB  . LEU A 1 67  ? 11.70873  7.85573   9.22013   1.000 21.49846 ? 3582 LEU A CB  1 
ATOM   534 C  CG  . LEU A 1 67  ? 12.26025  6.49856   9.67361   1.000 20.39078 ? 3582 LEU A CG  1 
ATOM   535 C  CD1 . LEU A 1 67  ? 11.78385  5.40949   8.75025   1.000 19.87574 ? 3582 LEU A CD1 1 
ATOM   536 C  CD2 . LEU A 1 67  ? 13.78334  6.49283   9.73355   1.000 25.07147 ? 3582 LEU A CD2 1 
ATOM   537 N  N   . GLY A 1 68  ? 10.90284  11.21786  9.98010   1.000 19.11986 ? 3583 GLY A N   1 
ATOM   538 C  CA  . GLY A 1 68  ? 10.79856  12.50967  9.34837   1.000 20.06965 ? 3583 GLY A CA  1 
ATOM   539 C  C   . GLY A 1 68  ? 10.27348  12.46945  7.93436   1.000 15.81747 ? 3583 GLY A C   1 
ATOM   540 O  O   . GLY A 1 68  ? 10.30220  13.49603  7.25103   1.000 18.70397 ? 3583 GLY A O   1 
ATOM   541 N  N   . GLN A 1 69  ? 9.77739   11.31940  7.48186   1.000 12.99418 ? 3584 GLN A N   1 
ATOM   542 C  CA  . GLN A 1 69  ? 9.36584   11.14376  6.09343   1.000 13.69470 ? 3584 GLN A CA  1 
ATOM   543 C  C   . GLN A 1 69  ? 7.92363   11.57703  5.89697   1.000 11.91369 ? 3584 GLN A C   1 
ATOM   544 O  O   . GLN A 1 69  ? 7.08272   11.35834  6.77505   1.000 11.05788 ? 3584 GLN A O   1 
ATOM   545 C  CB  . GLN A 1 69  ? 9.53492   9.68468   5.66427   1.000 11.59007 ? 3584 GLN A CB  1 
ATOM   546 C  CG  . GLN A 1 69  ? 10.99130  9.25642   5.60305   1.000 12.13755 ? 3584 GLN A CG  1 
ATOM   547 C  CD  . GLN A 1 69  ? 11.49897  9.25292   4.18326   1.000 11.42062 ? 3584 GLN A CD  1 
ATOM   548 O  OE1 . GLN A 1 69  ? 10.94948  8.55584   3.31131   1.000 10.68837 ? 3584 GLN A OE1 1 
ATOM   549 N  NE2 . GLN A 1 69  ? 12.50832  10.06173  3.91906   1.000 11.20450 ? 3584 GLN A NE2 1 
ATOM   550 N  N   . VAL A 1 70  ? 7.65693   12.20116  4.73697   1.000 9.93054  ? 3585 VAL A N   1 
ATOM   551 C  CA  . VAL A 1 70  ? 6.34512   12.70109  4.33264   1.000 8.09476  ? 3585 VAL A CA  1 
ATOM   552 C  C   . VAL A 1 70  ? 5.83207   11.76620  3.24773   1.000 7.71698  ? 3585 VAL A C   1 
ATOM   553 O  O   . VAL A 1 70  ? 6.39822   11.72642  2.15046   1.000 8.42609  ? 3585 VAL A O   1 
ATOM   554 C  CB  . VAL A 1 70  ? 6.41125   14.14211  3.80388   1.000 10.78022 ? 3585 VAL A CB  1 
ATOM   555 C  CG1 . VAL A 1 70  ? 5.04400   14.57771  3.26002   1.000 10.58672 ? 3585 VAL A CG1 1 
ATOM   556 C  CG2 . VAL A 1 70  ? 6.92366   15.09713  4.87461   1.000 12.05475 ? 3585 VAL A CG2 1 
ATOM   557 N  N   . VAL A 1 71  ? 4.79812   10.98257  3.57179   1.000 6.52709  ? 3586 VAL A N   1 
ATOM   558 C  CA  . VAL A 1 71  ? 4.28178   9.95403   2.67309   1.000 6.71163  ? 3586 VAL A CA  1 
ATOM   559 C  C   . VAL A 1 71  ? 2.76051   9.98884   2.75246   1.000 10.93251 ? 3586 VAL A C   1 
ATOM   560 O  O   . VAL A 1 71  ? 2.17350   10.54730  3.68469   1.000 12.39794 ? 3586 VAL A O   1 
ATOM   561 C  CB  . VAL A 1 71  ? 4.78720   8.53880   3.04244   1.000 8.38471  ? 3586 VAL A CB  1 
ATOM   562 C  CG1 . VAL A 1 71  ? 6.32042   8.45928   2.98053   1.000 9.63282  ? 3586 VAL A CG1 1 
ATOM   563 C  CG2 . VAL A 1 71  ? 4.19156   8.04091   4.35735   1.000 13.42873 ? 3586 VAL A CG2 1 
ATOM   564 N  N   . GLN A 1 72  ? 2.10260   9.38273   1.76845   1.000 7.83987  ? 3587 GLN A N   1 
ATOM   565 C  CA  . GLN A 1 72  ? 0.66331   9.18685   1.87711   1.000 9.84973  ? 3587 GLN A CA  1 
ATOM   566 C  C   . GLN A 1 72  ? 0.35242   7.70899   1.71384   1.000 14.26521 ? 3587 GLN A C   1 
ATOM   567 O  O   . GLN A 1 72  ? 0.81616   7.07028   0.76490   1.000 11.27402 ? 3587 GLN A O   1 
ATOM   568 C  CB  . GLN A 1 72  ? -0.12627  9.99374   0.84480   1.000 12.20553 ? 3587 GLN A CB  1 
ATOM   569 C  CG  . GLN A 1 72  ? -1.59690  9.52462   0.70480   1.000 14.62825 ? 3587 GLN A CG  1 
ATOM   570 C  CD  . GLN A 1 72  ? -2.56168  10.63718  0.33743   1.000 16.32999 ? 3587 GLN A CD  1 
ATOM   571 O  OE1 . GLN A 1 72  ? -3.65109  10.76353  0.91700   1.000 16.01271 ? 3587 GLN A OE1 1 
ATOM   572 N  NE2 . GLN A 1 72  ? -2.17348  11.44206  -0.63801  1.000 13.21818 ? 3587 GLN A NE2 1 
ATOM   573 N  N   . CYS A 1 73  ? -0.44124  7.18012   2.63681   1.000 8.97200  ? 3588 CYS A N   1 
ATOM   574 C  CA  . CYS A 1 73  ? -0.92526  5.80623   2.62854   1.000 9.99111  ? 3588 CYS A CA  1 
ATOM   575 C  C   . CYS A 1 73  ? -2.44877  5.86973   2.50175   1.000 15.00858 ? 3588 CYS A C   1 
ATOM   576 O  O   . CYS A 1 73  ? -3.14929  5.95677   3.51412   1.000 16.85737 ? 3588 CYS A O   1 
ATOM   577 C  CB  . CYS A 1 73  ? -0.46820  5.11931   3.93525   1.000 15.72338 ? 3588 CYS A CB  1 
ATOM   578 S  SG  . CYS A 1 73  ? -0.84211  3.37859   4.13836   1.000 13.60453 ? 3588 CYS A SG  1 
ATOM   579 N  N   . SER A 1 74  ? -2.96137  5.85598   1.27050   1.000 12.88649 ? 3589 SER A N   1 
ATOM   580 C  CA  . SER A 1 74  ? -4.38361  6.08268   1.01977   1.000 16.77215 ? 3589 SER A CA  1 
ATOM   581 C  C   . SER A 1 74  ? -5.06312  4.81990   0.50610   1.000 14.78836 ? 3589 SER A C   1 
ATOM   582 O  O   . SER A 1 74  ? -4.57906  4.16983   -0.42734  1.000 13.60475 ? 3589 SER A O   1 
ATOM   583 C  CB  . SER A 1 74  ? -4.60574  7.20883   0.01131   1.000 18.83416 ? 3589 SER A CB  1 
ATOM   584 O  OG  . SER A 1 74  ? -4.09492  6.85684   -1.25553  1.000 27.87053 ? 3589 SER A OG  1 
ATOM   585 N  N   . ARG A 1 75  ? -6.21492  4.50069   1.08924   1.000 11.24930 ? 3590 ARG A N   1 
ATOM   586 C  CA  . ARG A 1 75  ? -6.88944  3.26371   0.71932   1.000 12.53852 ? 3590 ARG A CA  1 
ATOM   587 C  C   . ARG A 1 75  ? -7.25821  3.24472   -0.76055  1.000 13.78038 ? 3590 ARG A C   1 
ATOM   588 O  O   . ARG A 1 75  ? -7.31936  2.17205   -1.37376  1.000 12.68809 ? 3590 ARG A O   1 
ATOM   589 C  CB  . ARG A 1 75  ? -8.13530  3.07796   1.59183   1.000 12.18815 ? 3590 ARG A CB  1 
ATOM   590 C  CG  . ARG A 1 75  ? -8.84757  1.76859   1.39100   1.000 19.54756 ? 3590 ARG A CG  1 
ATOM   591 N  N   . GLU A 1 76  ? -7.50525  4.40998   -1.36275  1.000 13.33636 ? 3591 GLU A N   1 
ATOM   592 C  CA  . GLU A 1 76  ? -7.96542  4.42091   -2.74819  1.000 16.60559 ? 3591 GLU A CA  1 
ATOM   593 C  C   . GLU A 1 76  ? -6.84822  4.18058   -3.76154  1.000 16.37236 ? 3591 GLU A C   1 
ATOM   594 O  O   . GLU A 1 76  ? -7.14170  3.83774   -4.91320  1.000 16.58599 ? 3591 GLU A O   1 
ATOM   595 C  CB  . GLU A 1 76  ? -8.62742  5.75911   -3.07399  1.000 20.95806 ? 3591 GLU A CB  1 
ATOM   596 C  CG  . GLU A 1 76  ? -7.66800  6.92042   -2.99669  1.000 23.48993 ? 3591 GLU A CG  1 
ATOM   597 N  N   . GLU A 1 77  ? -5.59245  4.33973   -3.36467  1.000 12.41772 ? 3592 GLU A N   1 
ATOM   598 C  CA  . GLU A 1 77  ? -4.48753  4.51206   -4.31095  1.000 12.81177 ? 3592 GLU A CA  1 
ATOM   599 C  C   . GLU A 1 77  ? -3.27799  3.62835   -4.03316  1.000 13.83168 ? 3592 GLU A C   1 
ATOM   600 O  O   . GLU A 1 77  ? -2.64534  3.14753   -4.98243  1.000 11.94825 ? 3592 GLU A O   1 
ATOM   601 C  CB  . GLU A 1 77  ? -4.05938  5.98425   -4.27107  1.000 18.72339 ? 3592 GLU A CB  1 
ATOM   602 C  CG  . GLU A 1 77  ? -2.61115  6.23538   -4.60744  1.000 23.56569 ? 3592 GLU A CG  1 
ATOM   603 C  CD  . GLU A 1 77  ? -2.37849  7.61918   -5.18008  1.000 23.86492 ? 3592 GLU A CD  1 
ATOM   604 O  OE1 . GLU A 1 77  ? -2.53107  7.82789   -6.40097  1.000 27.12313 ? 3592 GLU A OE1 1 
ATOM   605 O  OE2 . GLU A 1 77  ? -2.02043  8.49734   -4.37139  1.000 29.69499 ? 3592 GLU A OE2 1 
ATOM   606 N  N   . GLY A 1 78  ? -2.92999  3.41814   -2.77382  1.000 11.89232 ? 3593 GLY A N   1 
ATOM   607 C  CA  . GLY A 1 78  ? -1.65585  2.83405   -2.39742  1.000 14.01908 ? 3593 GLY A CA  1 
ATOM   608 C  C   . GLY A 1 78  ? -0.79485  3.83984   -1.65689  1.000 13.04851 ? 3593 GLY A C   1 
ATOM   609 O  O   . GLY A 1 78  ? -1.27931  4.81614   -1.07769  1.000 13.57476 ? 3593 GLY A O   1 
ATOM   610 N  N   . LEU A 1 79  ? 0.51320   3.60870   -1.68928  1.000 7.62446  ? 3594 LEU A N   1 
ATOM   611 C  CA  . LEU A 1 79  ? 1.44698   4.52040   -1.04003  1.000 8.73330  ? 3594 LEU A CA  1 
ATOM   612 C  C   . LEU A 1 79  ? 2.14844   5.38477   -2.07773  1.000 10.78658 ? 3594 LEU A C   1 
ATOM   613 O  O   . LEU A 1 79  ? 2.67354   4.87250   -3.07112  1.000 8.83851  ? 3594 LEU A O   1 
ATOM   614 C  CB  . LEU A 1 79  ? 2.50272   3.77240   -0.22476  1.000 9.25796  ? 3594 LEU A CB  1 
ATOM   615 C  CG  . LEU A 1 79  ? 3.60325   4.67242   0.36289   1.000 12.25407 ? 3594 LEU A CG  1 
ATOM   616 C  CD1 . LEU A 1 79  ? 4.01400   4.20552   1.71352   1.000 10.84948 ? 3594 LEU A CD1 1 
ATOM   617 C  CD2 . LEU A 1 79  ? 4.85578   4.75941   -0.54793  1.000 10.76207 ? 3594 LEU A CD2 1 
ATOM   618 N  N   . VAL A 1 80  ? 2.22085   6.68291   -1.81225  1.000 6.47147  ? 3595 VAL A N   1 
ATOM   619 C  CA  . VAL A 1 80  ? 3.06283   7.56736   -2.60972  1.000 7.51710  ? 3595 VAL A CA  1 
ATOM   620 C  C   . VAL A 1 80  ? 4.01054   8.33217   -1.70432  1.000 8.50023  ? 3595 VAL A C   1 
ATOM   621 O  O   . VAL A 1 80  ? 3.58344   8.93146   -0.70938  1.000 10.68386 ? 3595 VAL A O   1 
ATOM   622 C  CB  . VAL A 1 80  ? 2.22228   8.53364   -3.46394  1.000 7.80508  ? 3595 VAL A CB  1 
ATOM   623 C  CG1 . VAL A 1 80  ? 3.13009   9.54706   -4.14786  1.000 12.53191 ? 3595 VAL A CG1 1 
ATOM   624 C  CG2 . VAL A 1 80  ? 1.46059   7.75026   -4.52904  1.000 11.05137 ? 3595 VAL A CG2 1 
ATOM   625 N  N   . CYS A 1 81  ? 5.29809   8.32967   -2.07307  1.000 5.88733  ? 3596 CYS A N   1 
ATOM   626 C  CA  . CYS A 1 81  ? 6.33082   9.13622   -1.43858  1.000 6.79107  ? 3596 CYS A CA  1 
ATOM   627 C  C   . CYS A 1 81  ? 7.01204   9.91388   -2.55249  1.000 8.55831  ? 3596 CYS A C   1 
ATOM   628 O  O   . CYS A 1 81  ? 7.38848   9.32161   -3.56754  1.000 8.95511  ? 3596 CYS A O   1 
ATOM   629 C  CB  . CYS A 1 81  ? 7.36087   8.26485   -0.69681  1.000 9.25642  ? 3596 CYS A CB  1 
ATOM   630 S  SG  . CYS A 1 81  ? 8.59496   9.28416   0.16251   1.000 11.14538 ? 3596 CYS A SG  1 
ATOM   631 N  N   . ARG A 1 82  ? 7.15670   11.22704  -2.37881  1.000 6.09075  ? 3597 ARG A N   1 
ATOM   632 C  CA  . ARG A 1 82  ? 7.86140   12.07404  -3.33721  1.000 9.33476  ? 3597 ARG A CA  1 
ATOM   633 C  C   . ARG A 1 82  ? 9.12069   12.65114  -2.70851  1.000 8.41012  ? 3597 ARG A C   1 
ATOM   634 O  O   . ARG A 1 82  ? 9.05936   13.22431  -1.61553  1.000 7.64107  ? 3597 ARG A O   1 
ATOM   635 C  CB  . ARG A 1 82  ? 6.97023   13.22015  -3.81597  1.000 7.93801  ? 3597 ARG A CB  1 
ATOM   636 C  CG  . ARG A 1 82  ? 5.71753   12.75868  -4.52655  1.000 10.76989 ? 3597 ARG A CG  1 
ATOM   637 C  CD  . ARG A 1 82  ? 4.81165   13.95547  -4.76286  1.000 11.73128 ? 3597 ARG A CD  1 
ATOM   638 N  NE  . ARG A 1 82  ? 3.62167   13.62895  -5.53758  1.000 12.25009 ? 3597 ARG A NE  1 
ATOM   639 C  CZ  . ARG A 1 82  ? 2.61658   14.47891  -5.69081  1.000 15.30725 ? 3597 ARG A CZ  1 
ATOM   640 N  NH1 . ARG A 1 82  ? 2.66601   15.69150  -5.17770  1.000 13.08380 ? 3597 ARG A NH1 1 
ATOM   641 N  NH2 . ARG A 1 82  ? 1.54454   14.10594  -6.37926  1.000 16.89202 ? 3597 ARG A NH2 1 
ATOM   642 N  N   . ASN A 1 83  ? 10.24717  12.57650  -3.42373  1.000 8.56753  ? 3598 ASN A N   1 
ATOM   643 C  CA  . ASN A 1 83  ? 11.47541  13.11501  -2.84334  1.000 10.83159 ? 3598 ASN A CA  1 
ATOM   644 C  C   . ASN A 1 83  ? 11.32803  14.60116  -2.53937  1.000 9.53131  ? 3598 ASN A C   1 
ATOM   645 O  O   . ASN A 1 83  ? 11.87642  15.09687  -1.54808  1.000 10.39158 ? 3598 ASN A O   1 
ATOM   646 C  CB  . ASN A 1 83  ? 12.68808  12.92850  -3.75755  1.000 10.60065 ? 3598 ASN A CB  1 
ATOM   647 C  CG  . ASN A 1 83  ? 13.07499  11.48584  -3.94340  1.000 8.41216  ? 3598 ASN A CG  1 
ATOM   648 O  OD1 . ASN A 1 83  ? 12.68200  10.61200  -3.17408  1.000 7.70499  ? 3598 ASN A OD1 1 
ATOM   649 N  ND2 . ASN A 1 83  ? 13.96627  11.24970  -4.90418  1.000 12.23049 ? 3598 ASN A ND2 1 
ATOM   650 N  N   . GLN A 1 84  ? 10.59891  15.33515  -3.38769  1.000 8.96339  ? 3599 GLN A N   1 
ATOM   651 C  CA  . GLN A 1 84  ? 10.52919  16.78371  -3.22255  1.000 9.58821  ? 3599 GLN A CA  1 
ATOM   652 C  C   . GLN A 1 84  ? 9.85167   17.19621  -1.92244  1.000 9.97721  ? 3599 GLN A C   1 
ATOM   653 O  O   . GLN A 1 84  ? 10.03345  18.33114  -1.48993  1.000 11.32759 ? 3599 GLN A O   1 
ATOM   654 C  CB  . GLN A 1 84  ? 9.80771   17.42005  -4.41457  1.000 12.53216 ? 3599 GLN A CB  1 
ATOM   655 C  CG  . GLN A 1 84  ? 8.33590   17.11741  -4.50210  1.000 18.41652 ? 3599 GLN A CG  1 
ATOM   656 C  CD  . GLN A 1 84  ? 7.69481   17.72917  -5.74811  1.000 21.06453 ? 3599 GLN A CD  1 
ATOM   657 O  OE1 . GLN A 1 84  ? 6.50390   17.56258  -5.98933  1.000 25.12032 ? 3599 GLN A OE1 1 
ATOM   658 N  NE2 . GLN A 1 84  ? 8.48723   18.45391  -6.52633  1.000 23.74864 ? 3599 GLN A NE2 1 
ATOM   659 N  N   . ASP A 1 85  ? 9.09002   16.31118  -1.29359  1.000 9.68828  ? 3600 ASP A N   1 
ATOM   660 C  CA  . ASP A 1 85  ? 8.38766   16.61428  -0.05138  1.000 10.45310 ? 3600 ASP A CA  1 
ATOM   661 C  C   . ASP A 1 85  ? 9.26351   16.43659  1.18682   1.000 9.77794  ? 3600 ASP A C   1 
ATOM   662 O  O   . ASP A 1 85  ? 8.83989   16.80450  2.28736   1.000 13.40391 ? 3600 ASP A O   1 
ATOM   663 C  CB  . ASP A 1 85  ? 7.17785   15.68966  0.06904   1.000 8.82248  ? 3600 ASP A CB  1 
ATOM   664 C  CG  . ASP A 1 85  ? 6.08180   16.02256  -0.91964  1.000 10.15450 ? 3600 ASP A CG  1 
ATOM   665 O  OD1 . ASP A 1 85  ? 6.05562   17.13755  -1.49068  1.000 9.33856  ? 3600 ASP A OD1 1 
ATOM   666 O  OD2 . ASP A 1 85  ? 5.33599   15.08531  -1.23683  1.000 9.72091  ? 3600 ASP A OD2 1 
ATOM   667 N  N   . GLN A 1 86  ? 10.45412  15.86658  1.04490   1.000 7.71205  ? 3601 GLN A N   1 
ATOM   668 C  CA  . GLN A 1 86  ? 11.25931  15.50438  2.20252   1.000 11.14263 ? 3601 GLN A CA  1 
ATOM   669 C  C   . GLN A 1 86  ? 12.22799  16.62226  2.57896   1.000 13.27720 ? 3601 GLN A C   1 
ATOM   670 O  O   . GLN A 1 86  ? 12.54797  17.49522  1.77781   1.000 16.15615 ? 3601 GLN A O   1 
ATOM   671 C  CB  . GLN A 1 86  ? 12.04422  14.21443  1.94247   1.000 13.44573 ? 3601 GLN A CB  1 
ATOM   672 C  CG  . GLN A 1 86  ? 11.27158  13.13877  1.18947   1.000 7.93466  ? 3601 GLN A CG  1 
ATOM   673 C  CD  . GLN A 1 86  ? 10.00429  12.72414  1.92721   1.000 11.55180 ? 3601 GLN A CD  1 
ATOM   674 O  OE1 . GLN A 1 86  ? 9.96256   12.72932  3.15429   1.000 10.69669 ? 3601 GLN A OE1 1 
ATOM   675 N  NE2 . GLN A 1 86  ? 8.94193   12.44331  1.17626   1.000 8.71764  ? 3601 GLN A NE2 1 
ATOM   676 N  N   . GLN A 1 87  ? 12.70567  16.57119  3.81838   1.000 22.89595 ? 3602 GLN A N   1 
ATOM   677 C  CA  . GLN A 1 87  ? 13.64253  17.58183  4.29326   1.000 26.24675 ? 3602 GLN A CA  1 
ATOM   678 C  C   . GLN A 1 87  ? 15.02916  17.35544  3.69909   1.000 25.33338 ? 3602 GLN A C   1 
ATOM   679 O  O   . GLN A 1 87  ? 15.42716  16.22595  3.39158   1.000 23.49297 ? 3602 GLN A O   1 
ATOM   680 C  CB  . GLN A 1 87  ? 13.70389  17.57433  5.82075   1.000 26.23361 ? 3602 GLN A CB  1 
ATOM   681 C  CG  . GLN A 1 87  ? 14.21673  16.27779  6.42126   1.000 29.61762 ? 3602 GLN A CG  1 
ATOM   682 N  N   . GLY A 1 88  ? 15.76195  18.45402  3.51969   1.000 17.74263 ? 3603 GLY A N   1 
ATOM   683 C  CA  . GLY A 1 88  ? 17.06845  18.40989  2.90394   1.000 22.64564 ? 3603 GLY A CA  1 
ATOM   684 C  C   . GLY A 1 88  ? 18.18256  18.17269  3.90344   1.000 24.76651 ? 3603 GLY A C   1 
ATOM   685 O  O   . GLY A 1 88  ? 17.94185  17.94388  5.09335   1.000 25.27955 ? 3603 GLY A O   1 
ATOM   686 N  N   . PRO A 1 89  ? 19.44094  18.27585  3.44431   1.000 28.27912 ? 3604 PRO A N   1 
ATOM   687 C  CA  . PRO A 1 89  ? 19.87435  18.70477  2.10349   1.000 30.00161 ? 3604 PRO A CA  1 
ATOM   688 C  C   . PRO A 1 89  ? 19.94663  17.55041  1.10990   1.000 35.46643 ? 3604 PRO A C   1 
ATOM   689 O  O   . PRO A 1 89  ? 20.36166  17.73907  -0.02993  1.000 48.11224 ? 3604 PRO A O   1 
ATOM   690 C  CB  . PRO A 1 89  ? 21.26813  19.29472  2.37184   1.000 23.59809 ? 3604 PRO A CB  1 
ATOM   691 C  CG  . PRO A 1 89  ? 21.78456  18.43841  3.49851   1.000 29.42440 ? 3604 PRO A CG  1 
ATOM   692 C  CD  . PRO A 1 89  ? 20.58425  18.15902  4.37055   1.000 30.31580 ? 3604 PRO A CD  1 
ATOM   693 N  N   . PHE A 1 90  ? 19.58637  16.33903  1.53071   1.000 32.41099 ? 3605 PHE A N   1 
ATOM   694 C  CA  . PHE A 1 90  ? 19.49219  15.16907  0.65757   1.000 36.08063 ? 3605 PHE A CA  1 
ATOM   695 C  C   . PHE A 1 90  ? 18.03467  14.73280  0.72428   1.000 26.92630 ? 3605 PHE A C   1 
ATOM   696 O  O   . PHE A 1 90  ? 17.62858  13.95311  1.58967   1.000 31.40516 ? 3605 PHE A O   1 
ATOM   697 C  CB  . PHE A 1 90  ? 20.45152  14.05206  1.07940   1.000 33.10932 ? 3605 PHE A CB  1 
ATOM   698 N  N   . LYS A 1 91  ? 17.24439  15.26863  -0.19076  1.000 26.81348 ? 3606 LYS A N   1 
ATOM   699 C  CA  . LYS A 1 91  ? 15.79500  15.15121  -0.14081  1.000 22.58061 ? 3606 LYS A CA  1 
ATOM   700 C  C   . LYS A 1 91  ? 15.44811  13.81194  -0.76830  1.000 15.65871 ? 3606 LYS A C   1 
ATOM   701 O  O   . LYS A 1 91  ? 15.41128  13.69352  -1.99648  1.000 20.32015 ? 3606 LYS A O   1 
ATOM   702 C  CB  . LYS A 1 91  ? 15.18847  16.31935  -0.91116  1.000 19.45735 ? 3606 LYS A CB  1 
ATOM   703 C  CG  . LYS A 1 91  ? 15.04810  17.55143  -0.05053  1.000 20.04407 ? 3606 LYS A CG  1 
ATOM   704 C  CD  . LYS A 1 91  ? 14.40388  18.69921  -0.79464  1.000 27.08910 ? 3606 LYS A CD  1 
ATOM   705 C  CE  . LYS A 1 91  ? 12.95167  18.47740  -0.99913  1.000 25.18143 ? 3606 LYS A CE  1 
ATOM   706 N  NZ  . LYS A 1 91  ? 12.16060  19.46231  -0.20721  1.000 31.03350 ? 3606 LYS A NZ  1 
ATOM   707 N  N   . MET A 1 92  ? 15.21909  12.77111  0.04174   1.000 15.40733 ? 3607 MET A N   1 
ATOM   708 C  CA  . MET A 1 92  ? 14.96284  11.50226  -0.62462  1.000 12.91385 ? 3607 MET A CA  1 
ATOM   709 C  C   . MET A 1 92  ? 14.08954  10.55898  0.19655   1.000 10.10614 ? 3607 MET A C   1 
ATOM   710 O  O   . MET A 1 92  ? 14.25014  10.42879  1.41314   1.000 11.90980 ? 3607 MET A O   1 
ATOM   711 C  CB  . MET A 1 92  ? 16.28581  10.83177  -0.98911  1.000 19.49925 ? 3607 MET A CB  1 
ATOM   712 C  CG  . MET A 1 92  ? 16.20202  9.37182   -1.21857  1.000 22.49650 ? 3607 MET A CG  1 
ATOM   713 S  SD  . MET A 1 92  ? 17.56929  8.94291   -2.26992  1.000 29.28608 ? 3607 MET A SD  1 
ATOM   714 C  CE  . MET A 1 92  ? 16.82948  7.55054   -3.13188  1.000 23.90651 ? 3607 MET A CE  1 
ATOM   715 N  N   . CYS A 1 93  ? 13.15823  9.90783   -0.50227  1.000 6.47947  ? 3608 CYS A N   1 
ATOM   716 C  CA  . CYS A 1 93  ? 12.32191  8.87152   0.08812   1.000 7.11769  ? 3608 CYS A CA  1 
ATOM   717 C  C   . CYS A 1 93  ? 13.11314  7.63604   0.47766   1.000 6.95961  ? 3608 CYS A C   1 
ATOM   718 O  O   . CYS A 1 93  ? 14.04139  7.22122   -0.22021  1.000 10.37367 ? 3608 CYS A O   1 
ATOM   719 C  CB  . CYS A 1 93  ? 11.23799  8.43641   -0.89146  1.000 8.38594  ? 3608 CYS A CB  1 
ATOM   720 S  SG  . CYS A 1 93  ? 10.01419  9.69655   -1.23085  1.000 9.66499  ? 3608 CYS A SG  1 
ATOM   721 N  N   . LEU A 1 94  ? 12.69976  7.01960   1.57625   1.000 9.13451  ? 3609 LEU A N   1 
ATOM   722 C  CA  . LEU A 1 94  ? 13.11950  5.65934   1.84687   1.000 10.02011 ? 3609 LEU A CA  1 
ATOM   723 C  C   . LEU A 1 94  ? 12.29696  4.71069   0.97617   1.000 7.15349  ? 3609 LEU A C   1 
ATOM   724 O  O   . LEU A 1 94  ? 11.38563  5.12890   0.25507   1.000 8.30611  ? 3609 LEU A O   1 
ATOM   725 C  CB  . LEU A 1 94  ? 12.95506  5.34058   3.32841   1.000 14.00615 ? 3609 LEU A CB  1 
ATOM   726 C  CG  . LEU A 1 94  ? 13.84737  6.18737   4.24319   1.000 18.03374 ? 3609 LEU A CG  1 
ATOM   727 C  CD1 . LEU A 1 94  ? 13.52851  5.91309   5.69484   1.000 20.94385 ? 3609 LEU A CD1 1 
ATOM   728 C  CD2 . LEU A 1 94  ? 15.33233  5.98131   3.94772   1.000 20.41758 ? 3609 LEU A CD2 1 
ATOM   729 N  N   . ASN A 1 95  ? 12.63466  3.42130   1.03214   1.000 7.50768  ? 3610 ASN A N   1 
ATOM   730 C  CA  . ASN A 1 95  ? 11.91319  2.37533   0.30034   1.000 8.44281  ? 3610 ASN A CA  1 
ATOM   731 C  C   . ASN A 1 95  ? 10.73803  1.84346   1.11759   1.000 6.56749  ? 3610 ASN A C   1 
ATOM   732 O  O   . ASN A 1 95  ? 10.93150  1.35968   2.23807   1.000 7.68761  ? 3610 ASN A O   1 
ATOM   733 C  CB  . ASN A 1 95  ? 12.82338  1.20015   -0.03623  1.000 7.40737  ? 3610 ASN A CB  1 
ATOM   734 C  CG  . ASN A 1 95  ? 12.15607  0.22984   -0.97799  1.000 9.29803  ? 3610 ASN A CG  1 
ATOM   735 O  OD1 . ASN A 1 95  ? 11.36359  0.63237   -1.82098  1.000 7.48147  ? 3610 ASN A OD1 1 
ATOM   736 N  ND2 . ASN A 1 95  ? 12.37678  -1.05810  -0.76295  1.000 10.33346 ? 3610 ASN A ND2 1 
ATOM   737 N  N   . TYR A 1 96  ? 9.53765   1.89352   0.54822   1.000 4.97294  ? 3611 TYR A N   1 
ATOM   738 C  CA  . TYR A 1 96  ? 8.33699   1.42405   1.22928   1.000 5.63906  ? 3611 TYR A CA  1 
ATOM   739 C  C   . TYR A 1 96  ? 7.74839   0.19802   0.54111   1.000 6.97934  ? 3611 TYR A C   1 
ATOM   740 O  O   . TYR A 1 96  ? 8.06049   -0.11348  -0.61095  1.000 8.83248  ? 3611 TYR A O   1 
ATOM   741 C  CB  . TYR A 1 96  ? 7.26694   2.52478   1.29603   1.000 7.10580  ? 3611 TYR A CB  1 
ATOM   742 C  CG  . TYR A 1 96  ? 7.75223   3.68021   2.11918   1.000 7.19713  ? 3611 TYR A CG  1 
ATOM   743 C  CD1 . TYR A 1 96  ? 7.59471   3.67842   3.49387   1.000 10.15203 ? 3611 TYR A CD1 1 
ATOM   744 C  CD2 . TYR A 1 96  ? 8.45232   4.72035   1.53011   1.000 8.05529  ? 3611 TYR A CD2 1 
ATOM   745 C  CE1 . TYR A 1 96  ? 8.10220   4.70921   4.26940   1.000 7.71440  ? 3611 TYR A CE1 1 
ATOM   746 C  CE2 . TYR A 1 96  ? 8.95720   5.76723   2.29287   1.000 10.26707 ? 3611 TYR A CE2 1 
ATOM   747 C  CZ  . TYR A 1 96  ? 8.77454   5.75218   3.65620   1.000 10.97015 ? 3611 TYR A CZ  1 
ATOM   748 O  OH  . TYR A 1 96  ? 9.28331   6.77749   4.42310   1.000 13.07395 ? 3611 TYR A OH  1 
ATOM   749 N  N   . GLU A 1 97  ? 6.86299   -0.48215  1.27633   1.000 6.29081  ? 3612 GLU A N   1 
ATOM   750 C  CA  . GLU A 1 97  ? 6.05922   -1.59605  0.78187   1.000 7.12353  ? 3612 GLU A CA  1 
ATOM   751 C  C   . GLU A 1 97  ? 4.65173   -1.44116  1.34359   1.000 9.22528  ? 3612 GLU A C   1 
ATOM   752 O  O   . GLU A 1 97  ? 4.43161   -0.71132  2.31603   1.000 8.63065  ? 3612 GLU A O   1 
ATOM   753 C  CB  . GLU A 1 97  ? 6.64540   -2.96001  1.18968   1.000 7.36618  ? 3612 GLU A CB  1 
ATOM   754 C  CG  . GLU A 1 97  ? 6.71094   -3.16822  2.70339   1.000 9.28155  ? 3612 GLU A CG  1 
ATOM   755 C  CD  . GLU A 1 97  ? 7.37006   -4.50265  3.09922   1.000 9.75809  ? 3612 GLU A CD  1 
ATOM   756 O  OE1 . GLU A 1 97  ? 7.45402   -5.40409  2.23337   1.000 11.20052 ? 3612 GLU A OE1 1 
ATOM   757 O  OE2 . GLU A 1 97  ? 7.77106   -4.64913  4.28216   1.000 12.50412 ? 3612 GLU A OE2 1 
ATOM   758 N  N   . VAL A 1 98  ? 3.68177   -2.10783  0.70913   1.000 6.80707  ? 3613 VAL A N   1 
ATOM   759 C  CA  . VAL A 1 98  ? 2.27848   -1.99336  1.10902   1.000 6.14478  ? 3613 VAL A CA  1 
ATOM   760 C  C   . VAL A 1 98  ? 1.62219   -3.36236  1.05119   1.000 6.64248  ? 3613 VAL A C   1 
ATOM   761 O  O   . VAL A 1 98  ? 2.03203   -4.24496  0.29111   1.000 8.75036  ? 3613 VAL A O   1 
ATOM   762 C  CB  . VAL A 1 98  ? 1.45580   -1.02103  0.22273   1.000 5.79174  ? 3613 VAL A CB  1 
ATOM   763 C  CG1 . VAL A 1 98  ? 2.02113   0.39866   0.33352   1.000 12.22895 ? 3613 VAL A CG1 1 
ATOM   764 C  CG2 . VAL A 1 98  ? 1.40324   -1.49169  -1.21270  1.000 7.28148  ? 3613 VAL A CG2 1 
ATOM   765 N  N   . ARG A 1 99  ? 0.55588   -3.51670  1.82910   1.000 7.67537  ? 3614 ARG A N   1 
ATOM   766 C  CA  . ARG A 1 99  ? -0.31171  -4.68061  1.67675   1.000 7.47311  ? 3614 ARG A CA  1 
ATOM   767 C  C   . ARG A 1 99  ? -1.75914  -4.24358  1.88081   1.000 10.30026 ? 3614 ARG A C   1 
ATOM   768 O  O   . ARG A 1 99  ? -2.04376  -3.20804  2.49379   1.000 9.23716  ? 3614 ARG A O   1 
ATOM   769 C  CB  . ARG A 1 99  ? 0.05783   -5.83457  2.62525   1.000 9.78433  ? 3614 ARG A CB  1 
ATOM   770 C  CG  . ARG A 1 99  ? -0.20330  -5.55156  4.09988   1.000 10.91925 ? 3614 ARG A CG  1 
ATOM   771 C  CD  . ARG A 1 99  ? -0.10837  -6.82692  4.94034   1.000 9.80925  ? 3614 ARG A CD  1 
ATOM   772 N  NE  . ARG A 1 99  ? -0.57674  -6.56248  6.29521   1.000 11.23566 ? 3614 ARG A NE  1 
ATOM   773 C  CZ  . ARG A 1 99  ? -0.77154  -7.50081  7.21059   1.000 20.30627 ? 3614 ARG A CZ  1 
ATOM   774 N  NH1 . ARG A 1 99  ? -0.59232  -8.78246  6.93288   1.000 20.51036 ? 3614 ARG A NH1 1 
ATOM   775 N  NH2 . ARG A 1 99  ? -1.16545  -7.14442  8.43096   1.000 23.91632 ? 3614 ARG A NH2 1 
ATOM   776 N  N   . VAL A 1 100 ? -2.66957  -5.06408  1.35214   1.000 9.57420  ? 3615 VAL A N   1 
ATOM   777 C  CA  . VAL A 1 100 ? -4.07454  -4.73208  1.15248   1.000 9.98030  ? 3615 VAL A CA  1 
ATOM   778 C  C   . VAL A 1 100 ? -4.94801  -5.77391  1.83745   1.000 12.05742 ? 3615 VAL A C   1 
ATOM   779 O  O   . VAL A 1 100 ? -4.68933  -6.97718  1.72700   1.000 10.74351 ? 3615 VAL A O   1 
ATOM   780 C  CB  . VAL A 1 100 ? -4.39855  -4.68112  -0.36002  1.000 14.57604 ? 3615 VAL A CB  1 
ATOM   781 C  CG1 . VAL A 1 100 ? -5.87493  -4.49055  -0.59658  1.000 22.69497 ? 3615 VAL A CG1 1 
ATOM   782 C  CG2 . VAL A 1 100 ? -3.59051  -3.56971  -1.04301  1.000 15.65609 ? 3615 VAL A CG2 1 
ATOM   783 N  N   . LEU A 1 101 ? -6.00601  -5.31580  2.50432   1.000 10.05818 ? 3616 LEU A N   1 
ATOM   784 C  CA  . LEU A 1 101 ? -7.02901  -6.21200  3.03483   1.000 12.98150 ? 3616 LEU A CA  1 
ATOM   785 C  C   . LEU A 1 101 ? -8.14864  -6.34094  2.00954   1.000 14.86056 ? 3616 LEU A C   1 
ATOM   786 O  O   . LEU A 1 101 ? -8.81716  -5.35171  1.69110   1.000 19.41458 ? 3616 LEU A O   1 
ATOM   787 C  CB  . LEU A 1 101 ? -7.57535  -5.69061  4.36101   1.000 15.79968 ? 3616 LEU A CB  1 
ATOM   788 C  CG  . LEU A 1 101 ? -8.58941  -6.62619  5.02592   1.000 16.34929 ? 3616 LEU A CG  1 
ATOM   789 C  CD1 . LEU A 1 101 ? -7.85657  -7.83332  5.62330   1.000 16.60119 ? 3616 LEU A CD1 1 
ATOM   790 C  CD2 . LEU A 1 101 ? -9.35782  -5.87145  6.08996   1.000 21.59192 ? 3616 LEU A CD2 1 
ATOM   791 N  N   . CYS A 1 102 ? -8.36396  -7.55982  1.51146   1.000 11.03427 ? 3617 CYS A N   1 
ATOM   792 C  CA  . CYS A 1 102 ? -9.34070  -7.83354  0.46493   1.000 12.71689 ? 3617 CYS A CA  1 
ATOM   793 C  C   . CYS A 1 102 ? -10.55925 -8.46874  1.12200   1.000 16.51743 ? 3617 CYS A C   1 
ATOM   794 O  O   . CYS A 1 102 ? -10.42718 -9.50109  1.78318   1.000 17.19853 ? 3617 CYS A O   1 
ATOM   795 C  CB  . CYS A 1 102 ? -8.74968  -8.78832  -0.56380  1.000 13.41739 ? 3617 CYS A CB  1 
ATOM   796 S  SG  . CYS A 1 102 ? -7.32320  -8.15364  -1.45909  1.000 16.51356 ? 3617 CYS A SG  1 
ATOM   797 N  N   . CYS A 1 103 ? -11.73169 -7.86676  0.94446   1.000 15.72380 ? 3618 CYS A N   1 
ATOM   798 C  CA  . CYS A 1 103 ? -12.95088 -8.34326  1.59561   1.000 21.99055 ? 3618 CYS A CA  1 
ATOM   799 C  C   . CYS A 1 103 ? -14.02078 -8.67598  0.56288   1.000 25.95043 ? 3618 CYS A C   1 
ATOM   800 O  O   . CYS A 1 103 ? -14.22204 -7.93490  -0.39938  1.000 21.23520 ? 3618 CYS A O   1 
ATOM   801 C  CB  . CYS A 1 103 ? -13.49768 -7.30701  2.58638   1.000 20.49371 ? 3618 CYS A CB  1 
ATOM   802 S  SG  . CYS A 1 103 ? -12.43351 -6.95703  4.02298   1.000 23.88602 ? 3618 CYS A SG  1 
ATOM   803 N  N   . GLU A 1 104 ? -14.71795 -9.79160  0.76473   1.000 22.36438 ? 3619 GLU A N   1 
ATOM   804 C  CA  . GLU A 1 104 ? -15.82173 -10.16547 -0.11122  1.000 24.54002 ? 3619 GLU A CA  1 
ATOM   805 C  C   . GLU A 1 104 ? -17.03372 -10.51318 0.73785   1.000 29.93805 ? 3619 GLU A C   1 
ATOM   806 O  O   . GLU A 1 104 ? -16.91842 -11.27039 1.70467   1.000 21.56732 ? 3619 GLU A O   1 
ATOM   807 C  CB  . GLU A 1 104 ? -15.42754 -11.32897 -1.03033  1.000 31.51443 ? 3619 GLU A CB  1 
ATOM   808 C  CG  . GLU A 1 104 ? -14.78128 -12.50732 -0.32382  1.000 30.89387 ? 3619 GLU A CG  1 
ATOM   809 C  CD  . GLU A 1 104 ? -15.14208 -13.83656 -0.95456  1.000 45.42450 ? 3619 GLU A CD  1 
ATOM   810 O  OE1 . GLU A 1 104 ? -16.22200 -13.92964 -1.57765  1.000 49.26274 ? 3619 GLU A OE1 1 
ATOM   811 O  OE2 . GLU A 1 104 ? -14.34612 -14.79103 -0.82142  1.000 51.73700 ? 3619 GLU A OE2 1 
ATOM   812 N  N   . THR A 1 105 ? -18.19645 -9.93074  0.38793   1.000 28.09124 ? 3620 THR A N   1 
ATOM   813 C  CA  . THR A 1 105 ? -19.41499 -10.20799 1.14041   1.000 35.07067 ? 3620 THR A CA  1 
ATOM   814 C  C   . THR A 1 105 ? -20.11054 -11.42561 0.55225   1.000 38.29617 ? 3620 THR A C   1 
ATOM   815 O  O   . THR A 1 105 ? -20.32560 -11.47672 -0.66467  1.000 42.65311 ? 3620 THR A O   1 
ATOM   816 C  CB  . THR A 1 105 ? -20.37028 -9.01775  1.12043   1.000 37.20055 ? 3620 THR A CB  1 
ATOM   817 O  OG1 . THR A 1 105 ? -19.65225 -7.81351  1.40620   1.000 38.03140 ? 3620 THR A OG1 1 
ATOM   818 C  CG2 . THR A 1 105 ? -21.46247 -9.19691  2.17336   1.000 39.59673 ? 3620 THR A CG2 1 
ATOM   819 N  N   . PRO A 1 106 ? -20.45702 -12.41596 1.37519   1.000 46.67773 ? 3621 PRO A N   1 
ATOM   820 C  CA  . PRO A 1 106 ? -21.12923 -13.61292 0.86107   1.000 46.53617 ? 3621 PRO A CA  1 
ATOM   821 C  C   . PRO A 1 106 ? -22.42404 -13.27739 0.13204   1.000 45.81096 ? 3621 PRO A C   1 
ATOM   822 O  O   . PRO A 1 106 ? -22.99204 -12.19079 0.27140   1.000 48.31496 ? 3621 PRO A O   1 
ATOM   823 C  CB  . PRO A 1 106 ? -21.39699 -14.42734 2.13089   1.000 42.35083 ? 3621 PRO A CB  1 
ATOM   824 C  CG  . PRO A 1 106 ? -20.24878 -14.05198 3.02011   1.000 36.98351 ? 3621 PRO A CG  1 
ATOM   825 C  CD  . PRO A 1 106 ? -20.10659 -12.56463 2.79964   1.000 35.20572 ? 3621 PRO A CD  1 
ATOM   826 N  N   . LYS A 1 107 ? -22.88922 -14.24495 -0.65569  1.000 52.52561 ? 3622 LYS A N   1 
ATOM   827 C  CA  . LYS A 1 107 ? -24.03160 -14.02902 -1.53352  1.000 50.92286 ? 3622 LYS A CA  1 
ATOM   828 C  C   . LYS A 1 107 ? -25.30532 -13.75907 -0.73991  1.000 50.87551 ? 3622 LYS A C   1 
ATOM   829 O  O   . LYS A 1 107 ? -25.52220 -14.31147 0.34215   1.000 53.85223 ? 3622 LYS A O   1 
ATOM   830 C  CB  . LYS A 1 107 ? -24.23392 -15.24700 -2.43657  1.000 52.17851 ? 3622 LYS A CB  1 
ATOM   831 N  N   . GLY A 1 108 ? -26.15497 -12.89875 -1.30085  1.000 49.34149 ? 3623 GLY A N   1 
ATOM   832 C  CA  . GLY A 1 108 ? -27.47245 -12.63311 -0.75218  1.000 50.46256 ? 3623 GLY A CA  1 
ATOM   833 C  C   . GLY A 1 108 ? -27.43692 -11.98947 0.61479   1.000 58.76515 ? 3623 GLY A C   1 
ATOM   834 O  O   . GLY A 1 108 ? -28.09806 -12.45841 1.54713   1.000 63.89270 ? 3623 GLY A O   1 
ATOM   835 N  N   . CYS A 1 109 ? -26.67005 -10.90736 0.74868   1.000 49.25014 ? 3624 CYS A N   1 
ATOM   836 C  CA  . CYS A 1 109 ? -26.44185 -10.31462 2.05038   1.000 55.11614 ? 3624 CYS A CA  1 
ATOM   837 C  C   . CYS A 1 109 ? -26.52734 -8.79436  1.94705   1.000 56.50526 ? 3624 CYS A C   1 
ATOM   838 O  O   . CYS A 1 109 ? -25.94445 -8.20456  1.01638   1.000 52.64967 ? 3624 CYS A O   1 
ATOM   839 C  CB  . CYS A 1 109 ? -25.07891 -10.75946 2.59386   1.000 55.66969 ? 3624 CYS A CB  1 
ATOM   840 S  SG  . CYS A 1 109 ? -24.96067 -12.56580 2.85037   1.000 57.59765 ? 3624 CYS A SG  1 
ATOM   841 N  N   . PRO A 1 110 ? -27.24649 -8.13044  2.87093   1.000 52.54720 ? 3625 PRO A N   1 
ATOM   842 C  CA  . PRO A 1 110 ? -27.47946 -6.67920  2.85564   1.000 48.81336 ? 3625 PRO A CA  1 
ATOM   843 C  C   . PRO A 1 110 ? -26.18623 -5.86901  2.90356   1.000 44.19094 ? 3625 PRO A C   1 
ATOM   844 O  O   . PRO A 1 110 ? -25.22811 -6.32085  3.53162   1.000 43.87242 ? 3625 PRO A O   1 
ATOM   845 C  CB  . PRO A 1 110 ? -28.31530 -6.43625  4.12221   1.000 41.92242 ? 3625 PRO A CB  1 
ATOM   846 C  CG  . PRO A 1 110 ? -28.87106 -7.76287  4.49712   1.000 40.23613 ? 3625 PRO A CG  1 
ATOM   847 C  CD  . PRO A 1 110 ? -27.87528 -8.78006  4.03409   1.000 50.55692 ? 3625 PRO A CD  1 
HETATM 848 CA CA  . CA  B 2 .   ? 9.12770   0.48416   -2.79436  1.000 8.55081  ? 3701 CA  A CA  1 
HETATM 849 CL CL  . CL  C 3 .   ? 12.17283  -1.35528  12.32680  1.000 26.76609 ? 3702 CL  A CL  1 
HETATM 850 O  O   . HOH D 4 .   ? 2.07105   6.53098   10.70102  1.000 27.77892 ? 3801 HOH A O   1 
HETATM 851 O  O   . HOH D 4 .   ? 5.59127   10.99014  8.45632   1.000 33.64545 ? 3802 HOH A O   1 
HETATM 852 O  O   . HOH D 4 .   ? 7.76418   15.23224  -10.23556 1.000 30.96245 ? 3803 HOH A O   1 
HETATM 853 O  O   . HOH D 4 .   ? -12.74732 -5.66323  -6.73978  1.000 39.33778 ? 3804 HOH A O   1 
HETATM 854 O  O   . HOH D 4 .   ? 18.47276  12.76896  3.48127   1.000 37.41775 ? 3805 HOH A O   1 
HETATM 855 O  O   . HOH D 4 .   ? 17.15942  13.60738  -3.70808  1.000 25.66371 ? 3806 HOH A O   1 
HETATM 856 O  O   . HOH D 4 .   ? 4.87615   17.29375  -4.10287  1.000 13.66887 ? 3807 HOH A O   1 
HETATM 857 O  O   . HOH D 4 .   ? -5.21779  9.76312   2.64992   1.000 19.93567 ? 3808 HOH A O   1 
HETATM 858 O  O   . HOH D 4 .   ? 13.58476  8.71587   -10.39631 1.000 30.34657 ? 3809 HOH A O   1 
HETATM 859 O  O   . HOH D 4 .   ? 9.83945   -5.81203  5.19682   1.000 12.57172 ? 3810 HOH A O   1 
HETATM 860 O  O   . HOH D 4 .   ? -0.60219  10.49921  -3.68947  1.000 24.66641 ? 3811 HOH A O   1 
HETATM 861 O  O   . HOH D 4 .   ? 7.34931   -7.63836  -7.44885  1.000 27.61320 ? 3812 HOH A O   1 
HETATM 862 O  O   . HOH D 4 .   ? -7.29125  -11.95090 -2.19475  1.000 32.86803 ? 3813 HOH A O   1 
HETATM 863 O  O   . HOH D 4 .   ? 15.08763  10.48307  -9.72868  1.000 32.77577 ? 3814 HOH A O   1 
HETATM 864 O  O   . HOH D 4 .   ? 0.51164   -10.18386 4.40948   1.000 16.86474 ? 3815 HOH A O   1 
HETATM 865 O  O   . HOH D 4 .   ? 9.63422   15.99576  7.38998   1.000 27.47252 ? 3816 HOH A O   1 
HETATM 866 O  O   . HOH D 4 .   ? 2.68846   4.25062   -13.55881 1.000 25.59152 ? 3817 HOH A O   1 
HETATM 867 O  O   . HOH D 4 .   ? 10.90044  19.10032  -7.37324  1.000 34.85926 ? 3818 HOH A O   1 
HETATM 868 O  O   . HOH D 4 .   ? 0.33819   4.77581   -10.49111 1.000 18.65196 ? 3819 HOH A O   1 
HETATM 869 O  O   . HOH D 4 .   ? -5.94067  -8.18372  -8.42528  1.000 25.12699 ? 3820 HOH A O   1 
HETATM 870 O  O   . HOH D 4 .   ? -11.80644 -2.18710  -3.92840  1.000 33.27478 ? 3821 HOH A O   1 
HETATM 871 O  O   . HOH D 4 .   ? -11.24740 -12.72457 1.20455   1.000 23.70014 ? 3822 HOH A O   1 
HETATM 872 O  O   . HOH D 4 .   ? 14.95877  -0.42620  11.54311  1.000 22.54958 ? 3823 HOH A O   1 
HETATM 873 O  O   . HOH D 4 .   ? -1.54168  7.52849   -1.76927  1.000 21.04746 ? 3824 HOH A O   1 
HETATM 874 O  O   . HOH D 4 .   ? -22.72104 -12.22387 11.27363  1.000 19.77723 ? 3825 HOH A O   1 
HETATM 875 O  O   . HOH D 4 .   ? 6.14669   19.45171  -0.07483  1.000 10.16702 ? 3826 HOH A O   1 
HETATM 876 O  O   . HOH D 4 .   ? 11.86856  13.76741  5.03675   1.000 28.95064 ? 3827 HOH A O   1 
HETATM 877 O  O   . HOH D 4 .   ? -4.49763  -17.55891 -8.41938  1.000 38.00502 ? 3828 HOH A O   1 
HETATM 878 O  O   . HOH D 4 .   ? 4.39848   10.84561  6.58349   1.000 18.29532 ? 3829 HOH A O   1 
HETATM 879 O  O   . HOH D 4 .   ? 5.57671   12.48401  -0.37531  1.000 9.39175  ? 3830 HOH A O   1 
HETATM 880 O  O   . HOH D 4 .   ? 11.86238  5.14833   -8.59248  1.000 25.13536 ? 3831 HOH A O   1 
HETATM 881 O  O   . HOH D 4 .   ? -28.20784 -13.88264 9.70470   1.000 23.21205 ? 3832 HOH A O   1 
HETATM 882 O  O   . HOH D 4 .   ? 9.64248   14.29583  -5.97813  1.000 11.09814 ? 3833 HOH A O   1 
HETATM 883 O  O   . HOH D 4 .   ? 7.54929   -6.56098  -0.28338  1.000 15.14043 ? 3834 HOH A O   1 
HETATM 884 O  O   . HOH D 4 .   ? 1.81754   12.99420  2.42910   1.000 15.08425 ? 3835 HOH A O   1 
HETATM 885 O  O   . HOH D 4 .   ? 5.39101   -0.14267  10.91497  1.000 23.60295 ? 3836 HOH A O   1 
HETATM 886 O  O   . HOH D 4 .   ? 7.50449   -7.93563  3.37786   1.000 16.89637 ? 3837 HOH A O   1 
HETATM 887 O  O   . HOH D 4 .   ? 7.99251   1.35242   8.85999   1.000 11.15492 ? 3838 HOH A O   1 
HETATM 888 O  O   . HOH D 4 .   ? 16.25008  10.25238  3.35450   1.000 22.31601 ? 3839 HOH A O   1 
HETATM 889 O  O   . HOH D 4 .   ? 4.99698   -3.86337  10.49468  1.000 24.76902 ? 3840 HOH A O   1 
HETATM 890 O  O   . HOH D 4 .   ? -2.59254  1.75011   7.68964   1.000 14.44991 ? 3841 HOH A O   1 
HETATM 891 O  O   . HOH D 4 .   ? 2.05386   -0.50518  -18.46477 1.000 30.91505 ? 3842 HOH A O   1 
HETATM 892 O  O   . HOH D 4 .   ? -12.71015 -12.60600 7.45607   1.000 30.48707 ? 3843 HOH A O   1 
HETATM 893 O  O   . HOH D 4 .   ? 15.36655  13.37945  3.16934   1.000 22.95339 ? 3844 HOH A O   1 
HETATM 894 O  O   . HOH D 4 .   ? -24.77584 -20.69421 7.54406   1.000 16.44511 ? 3845 HOH A O   1 
HETATM 895 O  O   . HOH D 4 .   ? 12.69960  7.39267   -8.10554  1.000 17.27301 ? 3846 HOH A O   1 
HETATM 896 O  O   . HOH D 4 .   ? -28.41889 -14.50794 6.21854   1.000 25.18444 ? 3847 HOH A O   1 
HETATM 897 O  O   . HOH D 4 .   ? 9.44223   6.51377   -8.62351  1.000 24.60063 ? 3848 HOH A O   1 
HETATM 898 O  O   . HOH D 4 .   ? -21.81734 -17.44732 5.13486   1.000 30.86294 ? 3849 HOH A O   1 
HETATM 899 O  O   . HOH D 4 .   ? 13.12268  0.98590   4.00448   1.000 10.13998 ? 3850 HOH A O   1 
HETATM 900 O  O   . HOH D 4 .   ? -10.47220 -6.93081  -7.51311  1.000 33.02130 ? 3851 HOH A O   1 
HETATM 901 O  O   . HOH D 4 .   ? -2.22370  -13.53577 0.81879   1.000 25.65764 ? 3852 HOH A O   1 
HETATM 902 O  O   . HOH D 4 .   ? 7.58692   -1.62385  -11.19919 1.000 21.79886 ? 3853 HOH A O   1 
HETATM 903 O  O   . HOH D 4 .   ? 9.24900   -7.45969  -1.76255  1.000 18.42486 ? 3854 HOH A O   1 
HETATM 904 O  O   . HOH D 4 .   ? -7.31791  -5.97612  -6.70413  1.000 26.61985 ? 3855 HOH A O   1 
HETATM 905 O  O   . HOH D 4 .   ? -2.86853  -5.69987  10.95718  1.000 29.79169 ? 3856 HOH A O   1 
HETATM 906 O  O   . HOH D 4 .   ? 11.64062  -2.33721  -4.72797  1.000 16.40863 ? 3857 HOH A O   1 
HETATM 907 O  O   . HOH D 4 .   ? 15.04093  -4.43101  9.43491   1.000 23.86773 ? 3858 HOH A O   1 
HETATM 908 O  O   . HOH D 4 .   ? 6.62098   -6.96748  -4.74131  1.000 14.53206 ? 3859 HOH A O   1 
HETATM 909 O  O   . HOH D 4 .   ? 9.76286   17.43004  4.98054   1.000 24.53895 ? 3860 HOH A O   1 
HETATM 910 O  O   . HOH D 4 .   ? 17.17666  2.82062   4.94673   1.000 22.31942 ? 3861 HOH A O   1 
HETATM 911 O  O   . HOH D 4 .   ? 14.03393  12.21001  5.18858   1.000 21.80605 ? 3862 HOH A O   1 
HETATM 912 O  O   . HOH D 4 .   ? -1.15299  -11.98900 -1.95407  1.000 18.62968 ? 3863 HOH A O   1 
HETATM 913 O  O   . HOH D 4 .   ? -8.18917  6.92181   0.01639   1.000 20.64594 ? 3864 HOH A O   1 
HETATM 914 O  O   . HOH D 4 .   ? 18.67412  9.25243   -9.56450  1.000 29.54408 ? 3865 HOH A O   1 
HETATM 915 O  O   . HOH D 4 .   ? 10.55302  12.98984  13.15888  1.000 37.26580 ? 3866 HOH A O   1 
HETATM 916 O  O   . HOH D 4 .   ? 3.82967   4.41380   10.12444  1.000 26.90168 ? 3867 HOH A O   1 
HETATM 917 O  O   . HOH D 4 .   ? 7.16692   -10.94550 -6.45046  1.000 30.52020 ? 3868 HOH A O   1 
HETATM 918 O  O   . HOH D 4 .   ? 0.73018   11.25120  -6.74789  1.000 20.85937 ? 3869 HOH A O   1 
HETATM 919 O  O   . HOH D 4 .   ? 3.65994   11.17967  -7.26920  1.000 20.15482 ? 3870 HOH A O   1 
HETATM 920 O  O   . HOH D 4 .   ? 2.46526   -6.85300  -16.47525 1.000 30.10198 ? 3871 HOH A O   1 
HETATM 921 O  O   . HOH D 4 .   ? 14.35990  21.11849  3.50368   1.000 28.88524 ? 3872 HOH A O   1 
HETATM 922 O  O   . HOH D 4 .   ? 17.66561  -1.69183  8.85576   1.000 28.71766 ? 3873 HOH A O   1 
HETATM 923 O  O   . HOH D 4 .   ? 10.18406  11.17471  -12.44632 1.000 27.59618 ? 3874 HOH A O   1 
HETATM 924 O  O   . HOH D 4 .   ? 6.65831   8.49677   -10.89225 1.000 35.36991 ? 3875 HOH A O   1 
HETATM 925 O  O   . HOH D 4 .   ? -10.45132 -14.76524 6.90463   1.000 38.26130 ? 3876 HOH A O   1 
HETATM 926 O  O   . HOH D 4 .   ? 4.91397   5.78871   -11.11801 1.000 24.21274 ? 3877 HOH A O   1 
HETATM 927 O  O   . HOH D 4 .   ? -3.46168  3.20288   -8.27654  1.000 18.99484 ? 3878 HOH A O   1 
HETATM 928 O  O   . HOH D 4 .   ? -16.96766 -6.59654  -0.61849  1.000 36.01942 ? 3879 HOH A O   1 
HETATM 929 O  O   . HOH D 4 .   ? 1.20438   3.40996   -15.60650 1.000 31.40776 ? 3880 HOH A O   1 
HETATM 930 O  O   . HOH D 4 .   ? -30.36325 -11.66553 10.39508  1.000 23.99020 ? 3881 HOH A O   1 
HETATM 931 O  O   . HOH D 4 .   ? 2.96744   -9.31848  7.86966   1.000 29.84058 ? 3882 HOH A O   1 
HETATM 932 O  O   . HOH D 4 .   ? 18.59165  14.95277  4.49112   1.000 32.76131 ? 3883 HOH A O   1 
HETATM 933 O  O   . HOH D 4 .   ? 6.92785   13.20412  9.28532   1.000 29.33478 ? 3884 HOH A O   1 
HETATM 934 O  O   . HOH D 4 .   ? -33.95013 -12.63234 8.06241   1.000 19.84214 ? 3885 HOH A O   1 
HETATM 935 O  O   . HOH D 4 .   ? -5.24997  -12.73713 6.29423   1.000 17.11257 ? 3886 HOH A O   1 
HETATM 936 O  O   . HOH D 4 .   ? 5.95669   12.75130  -8.52820  1.000 32.84120 ? 3887 HOH A O   1 
HETATM 937 O  O   . HOH D 4 .   ? -0.44236  12.59117  -4.40811  1.000 31.75063 ? 3888 HOH A O   1 
HETATM 938 O  O   . HOH D 4 .   ? 15.26221  2.47729   2.57110   1.000 6.56295  ? 3889 HOH A O   1 
HETATM 939 O  O   . HOH D 4 .   ? -12.54833 -6.23653  -9.36365  1.000 35.81142 ? 3890 HOH A O   1 
HETATM 940 O  O   . HOH D 4 .   ? 2.66835   12.05384  -0.36378  1.000 13.23340 ? 3891 HOH A O   1 
HETATM 941 O  O   . HOH D 4 .   ? 7.47083   3.85030   16.44067  1.000 23.66388 ? 3892 HOH A O   1 
HETATM 942 O  O   . HOH D 4 .   ? 0.87788   11.99972  -1.82828  1.000 28.87814 ? 3893 HOH A O   1 
HETATM 943 O  O   . HOH D 4 .   ? -4.54572  -0.62500  9.76810   1.000 30.91363 ? 3894 HOH A O   1 
HETATM 944 O  O   . HOH D 4 .   ? 7.29393   14.62693  -7.52649  1.000 28.08662 ? 3895 HOH A O   1 
HETATM 945 O  O   . HOH D 4 .   ? 4.05120   18.27224  -8.30308  1.000 25.26551 ? 3896 HOH A O   1 
HETATM 946 O  O   . HOH D 4 .   ? 11.03061  19.89342  3.73347   1.000 26.83345 ? 3897 HOH A O   1 
HETATM 947 O  O   . HOH D 4 .   ? 5.43324   -9.22543  8.57456   1.000 27.46866 ? 3898 HOH A O   1 
HETATM 948 O  O   . HOH D 4 .   ? 3.95303   8.46347   -10.55633 1.000 34.53593 ? 3899 HOH A O   1 
HETATM 949 O  O   . HOH D 4 .   ? -5.53030  -15.37383 5.93237   1.000 32.69879 ? 3900 HOH A O   1 
HETATM 950 O  O   . HOH D 4 .   ? 10.94597  11.41262  15.65453  1.000 29.46578 ? 3901 HOH A O   1 
HETATM 951 O  O   . HOH D 4 .   ? 1.26294   0.97465   -21.38388 1.000 27.96487 ? 3902 HOH A O   1 
HETATM 952 O  O   . HOH D 4 .   ? 15.47824  5.67658   -12.26596 1.000 39.79728 ? 3903 HOH A O   1 
HETATM 953 O  O   . HOH D 4 .   ? 9.97245   4.01845   15.50362  1.000 29.26873 ? 3904 HOH A O   1 
HETATM 954 O  O   . HOH D 4 .   ? 1.18086   -0.31602  9.68815   1.000 27.59911 ? 3905 HOH A O   1 
HETATM 955 O  O   . HOH D 4 .   ? 8.35313   -7.63069  9.85985   1.000 27.71578 ? 3906 HOH A O   1 
HETATM 956 O  O   . HOH D 4 .   ? -7.11139  8.07391   1.84207   1.000 30.03154 ? 3907 HOH A O   1 
HETATM 957 O  O   . HOH D 4 .   ? 13.19478  13.11343  12.35650  1.000 30.33975 ? 3908 HOH A O   1 
HETATM 958 O  O   . HOH D 4 .   ? 3.59321   13.17243  7.46150   1.000 24.97231 ? 3909 HOH A O   1 
HETATM 959 O  O   . HOH D 4 .   ? 5.86711   4.85250   18.29515  1.000 34.22971 ? 3910 HOH A O   1 
HETATM 960 O  O   . HOH D 4 .   ? -0.78071  -12.56030 5.12749   1.000 29.82326 ? 3911 HOH A O   1 
HETATM 961 O  O   . HOH D 4 .   ? 12.21241  -5.63378  12.33525  1.000 32.83630 ? 3912 HOH A O   1 
HETATM 962 O  O   . HOH D 4 .   ? 16.46850  0.27433   1.00298   1.000 19.58310 ? 3913 HOH A O   1 
HETATM 963 O  O   . HOH D 4 .   ? -5.12619  -12.59050 -1.54502  1.000 33.66709 ? 3914 HOH A O   1 
HETATM 964 O  O   . HOH D 4 .   ? -2.67485  5.24012   -9.60616  1.000 26.80737 ? 3915 HOH A O   1 
HETATM 965 O  O   . HOH D 4 .   ? 11.62710  21.14454  -8.85673  1.000 27.59082 ? 3916 HOH A O   1 
HETATM 966 O  O   . HOH D 4 .   ? -7.40297  -5.98633  10.95751  1.000 34.67698 ? 3917 HOH A O   1 
HETATM 967 O  O   . HOH D 4 .   ? 5.30826   14.96741  8.61087   1.000 25.70427 ? 3918 HOH A O   1 
HETATM 968 O  O   . HOH D 4 .   ? 2.33705   4.78079   13.08203  1.000 38.83254 ? 3919 HOH A O   1 
HETATM 969 O  O   . HOH D 4 .   ? 8.79191   22.03762  -9.48945  1.000 32.57570 ? 3920 HOH A O   1 
HETATM 970 O  O   . HOH D 4 .   ? -9.44300  -7.97034  9.65968   1.000 39.61419 ? 3921 HOH A O   1 
# 
